data_5CJT
#
_entry.id   5CJT
#
_cell.length_a   316.840
_cell.length_b   316.840
_cell.length_c   342.650
_cell.angle_alpha   90.00
_cell.angle_beta   90.00
_cell.angle_gamma   120.00
#
_symmetry.space_group_name_H-M   'H 3 2'
#
loop_
_entity.id
_entity.type
_entity.pdbx_description
1 polymer 'Isobutyryl-CoA mutase fused'
2 non-polymer COBALAMIN
3 non-polymer "5'-DEOXYADENOSINE"
4 non-polymer 'ISOBUTYRYL-COENZYME A'
5 non-polymer "GUANOSINE-5'-DIPHOSPHATE"
6 non-polymer 'MAGNESIUM ION'
#
_entity_poly.entity_id   1
_entity_poly.type   'polypeptide(L)'
_entity_poly.pdbx_seq_one_letter_code
;MGSSHHHHHHSSGLVPRGSHMTDLSDVSRTAAAKPPAVPGRGPANKVRFVTAASLFDGHDASINIMRRILQSQGCEVIHL
GHNRSVQEVVTAALQEDVQGIAISSYQGGHVEYFKYMIDLLREHGGEHIQVFGGGGGVIVPDEIRELQAYGVARIYSPED
GQRMGLAGMITDMAQRCDIDLTRYAPTTLDTVVAGDRRALAQLITALENGKADPELVSALHAQAKAAAVPVLGITGTGGA
GKSSLTDELIRRFRLDQDDALSIAVISIDPSRRKSGGALLGDRIRMNAINHPNIFMRSLATREAGSEISQALPDVIAACK
AARFDLVIVETSGIGQGDAAIVPHVDLSLYVMTPEFGAASQLEKIDMLDFADFVAINKFDRKGAQDAWRDVAKQVQRNRE
QWHSRAEDMPVYGTQASRFNDDGVTMLYQGLVGALGARGMSLKPGTLPNLEGRISTGQNVIVPPARSRYLAELADTVRAY
HRRVVAQSKLARERQQLRAAHDMLQGAGHESAALETLASERDVSLGAVERKLLAMWPQMQQAYSGDEYVVKIRDKEIRTG
LISTTLSGTKIRKVVLPRFEDEGEILKWLMRENVPGSFPYTAGVFAFKREGEDPTRMFAGEGDAFRTNRRFKLVSEGMEA
KRLSTAFDSVTLYGEDPHERPDIYGKVGNSGVSIATLEDMKVLYDGFDLTNPSTSVSMTINGPAPTILAMFMNTAIDQQI
DRFRADNGRDPTADEEAKIRAWVLQNVRGTVQADILKEDQGQNTCIFSTEFSLKVMGDIQEYFVHHQVRNFYSVSISGYH
IAEAGANPISQLAFTLANGFTYVEAYLARGMHIDDFAPNLSFFFSNGMDPEYSVLGRVARRIWAVTMRDKYGANDRSQKL
KYHIQTSGRSLHAQEIDFNDIRTTLQALIAIYDNCNSLHTNAYDEAITTPTAESVRRALAIQLIINREWGVAKCENPNQG
SFLIEELTDLVEEAVLQEFERIAERGGVLGAMETGYQRGKIQEESLYYEQLKHDGTLPIIGVNTFRNPNGDPTPQTLELA
RSSEDEKQSQLHRLTEFHGAHQADAEAMLARLRQAVIDNRNVFAVLMDAVRVCSLGQITHALFEVGGQYRRNM
;
_entity_poly.pdbx_strand_id   A,B
#
loop_
_chem_comp.id
_chem_comp.type
_chem_comp.name
_chem_comp.formula
5AD non-polymer 5'-DEOXYADENOSINE 'C10 H13 N5 O3'
B12 non-polymer COBALAMIN 'C62 H89 Co N13 O14 P 2'
CO6 non-polymer 'ISOBUTYRYL-COENZYME A' 'C25 H42 N7 O17 P3 S'
GDP RNA linking GUANOSINE-5'-DIPHOSPHATE 'C10 H15 N5 O11 P2'
MG non-polymer 'MAGNESIUM ION' 'Mg 2'
#
# COMPACT_ATOMS: atom_id res chain seq x y z
N ARG A 41 -4.85 0.15 49.48
CA ARG A 41 -3.86 -0.72 50.11
C ARG A 41 -3.11 -1.55 49.06
N GLY A 42 -1.81 -1.71 49.26
CA GLY A 42 -0.99 -2.51 48.37
C GLY A 42 -1.04 -3.99 48.74
N PRO A 43 0.10 -4.68 48.62
CA PRO A 43 0.17 -6.10 49.00
C PRO A 43 0.09 -6.28 50.52
N ALA A 44 -0.16 -7.51 50.96
CA ALA A 44 -0.29 -7.80 52.38
C ALA A 44 1.06 -7.76 53.09
N ASN A 45 2.08 -8.32 52.45
CA ASN A 45 3.44 -8.33 52.99
C ASN A 45 4.33 -7.29 52.35
N LYS A 46 5.56 -7.18 52.85
CA LYS A 46 6.57 -6.36 52.20
C LYS A 46 7.10 -7.12 50.98
N VAL A 47 6.53 -6.85 49.82
CA VAL A 47 6.87 -7.59 48.61
C VAL A 47 8.02 -6.95 47.84
N ARG A 48 9.07 -7.72 47.62
CA ARG A 48 10.27 -7.24 46.94
C ARG A 48 10.54 -8.01 45.65
N PHE A 49 10.99 -7.28 44.63
CA PHE A 49 11.31 -7.86 43.33
C PHE A 49 12.71 -7.52 42.88
N VAL A 50 13.31 -8.40 42.09
CA VAL A 50 14.54 -8.08 41.38
C VAL A 50 14.27 -8.11 39.89
N THR A 51 14.42 -6.97 39.23
CA THR A 51 14.12 -6.87 37.81
C THR A 51 15.37 -6.56 36.99
N ALA A 52 15.50 -7.22 35.85
CA ALA A 52 16.66 -7.04 34.98
C ALA A 52 16.38 -7.58 33.59
N ALA A 53 17.27 -7.24 32.64
CA ALA A 53 17.23 -7.83 31.31
C ALA A 53 18.29 -8.91 31.20
N SER A 54 18.04 -9.91 30.38
CA SER A 54 18.93 -11.07 30.26
C SER A 54 20.36 -10.69 29.83
N LEU A 55 21.26 -11.67 29.89
CA LEU A 55 22.65 -11.43 29.54
C LEU A 55 22.80 -10.98 28.09
N PHE A 56 23.61 -9.94 27.88
CA PHE A 56 23.86 -9.38 26.55
C PHE A 56 22.57 -8.88 25.90
N ASP A 57 21.59 -8.51 26.72
CA ASP A 57 20.32 -8.00 26.21
C ASP A 57 20.17 -6.52 26.53
N GLY A 58 19.89 -5.73 25.51
CA GLY A 58 19.72 -4.29 25.68
C GLY A 58 18.27 -3.88 25.79
N HIS A 59 17.37 -4.83 25.55
CA HIS A 59 15.94 -4.54 25.60
C HIS A 59 15.48 -4.27 27.01
N ASP A 60 15.36 -2.99 27.36
CA ASP A 60 14.87 -2.62 28.69
C ASP A 60 13.51 -1.94 28.63
N ALA A 61 13.06 -1.61 27.42
CA ALA A 61 11.80 -0.91 27.24
C ALA A 61 10.65 -1.69 27.85
N SER A 62 10.72 -3.00 27.72
CA SER A 62 9.70 -3.88 28.28
C SER A 62 9.78 -3.92 29.81
N ILE A 63 10.96 -4.26 30.33
CA ILE A 63 11.15 -4.45 31.76
C ILE A 63 11.01 -3.15 32.54
N ASN A 64 11.25 -2.02 31.89
CA ASN A 64 11.15 -0.72 32.56
C ASN A 64 9.72 -0.34 32.90
N ILE A 65 8.79 -0.66 32.01
CA ILE A 65 7.39 -0.32 32.25
C ILE A 65 6.73 -1.34 33.18
N MET A 66 7.46 -2.41 33.48
CA MET A 66 6.96 -3.42 34.42
C MET A 66 7.33 -3.05 35.86
N ARG A 67 8.55 -2.57 36.04
CA ARG A 67 9.01 -2.16 37.37
C ARG A 67 8.32 -0.87 37.80
N ARG A 68 7.71 -0.17 36.84
CA ARG A 68 6.93 1.03 37.12
C ARG A 68 5.57 0.66 37.69
N ILE A 69 4.94 -0.35 37.08
CA ILE A 69 3.64 -0.83 37.57
C ILE A 69 3.83 -1.58 38.89
N LEU A 70 4.94 -2.32 39.00
CA LEU A 70 5.28 -3.01 40.24
C LEU A 70 5.40 -2.02 41.39
N GLN A 71 6.15 -0.95 41.14
CA GLN A 71 6.39 0.09 42.15
C GLN A 71 5.09 0.80 42.53
N SER A 72 4.25 1.07 41.55
CA SER A 72 3.00 1.80 41.79
C SER A 72 2.00 0.96 42.56
N GLN A 73 2.09 -0.36 42.43
CA GLN A 73 1.18 -1.25 43.13
C GLN A 73 1.65 -1.50 44.57
N GLY A 74 2.82 -1.00 44.90
CA GLY A 74 3.32 -1.05 46.27
C GLY A 74 4.41 -2.07 46.52
N CYS A 75 5.26 -2.28 45.51
CA CYS A 75 6.36 -3.22 45.65
C CYS A 75 7.71 -2.51 45.67
N GLU A 76 8.60 -2.98 46.53
CA GLU A 76 9.99 -2.52 46.49
C GLU A 76 10.69 -3.24 45.35
N VAL A 77 11.23 -2.47 44.41
CA VAL A 77 11.85 -3.05 43.23
C VAL A 77 13.34 -2.77 43.16
N ILE A 78 14.15 -3.82 43.29
CA ILE A 78 15.59 -3.68 43.12
C ILE A 78 15.93 -3.89 41.65
N HIS A 79 15.95 -2.78 40.90
CA HIS A 79 16.19 -2.82 39.47
C HIS A 79 17.68 -2.95 39.16
N LEU A 80 18.04 -3.97 38.38
CA LEU A 80 19.44 -4.22 38.05
C LEU A 80 19.83 -3.67 36.69
N GLY A 81 18.83 -3.25 35.91
CA GLY A 81 19.09 -2.73 34.58
C GLY A 81 19.29 -3.81 33.55
N HIS A 82 19.83 -3.43 32.40
CA HIS A 82 20.02 -4.36 31.29
C HIS A 82 21.31 -5.16 31.43
N ASN A 83 21.46 -6.16 30.56
CA ASN A 83 22.68 -6.98 30.49
C ASN A 83 23.09 -7.56 31.83
N ARG A 84 22.36 -8.57 32.28
CA ARG A 84 22.68 -9.22 33.54
C ARG A 84 22.72 -10.73 33.38
N SER A 85 23.85 -11.33 33.75
CA SER A 85 23.99 -12.78 33.71
C SER A 85 23.10 -13.41 34.77
N VAL A 86 22.90 -14.73 34.68
CA VAL A 86 22.13 -15.45 35.68
C VAL A 86 22.80 -15.34 37.04
N GLN A 87 24.12 -15.51 37.06
CA GLN A 87 24.90 -15.42 38.29
C GLN A 87 24.73 -14.07 38.98
N GLU A 88 24.50 -13.02 38.19
CA GLU A 88 24.27 -11.69 38.74
C GLU A 88 22.88 -11.58 39.36
N VAL A 89 21.87 -11.94 38.60
CA VAL A 89 20.47 -11.80 39.04
C VAL A 89 20.19 -12.64 40.28
N VAL A 90 20.65 -13.89 40.25
CA VAL A 90 20.42 -14.81 41.37
C VAL A 90 21.08 -14.30 42.65
N THR A 91 22.33 -13.88 42.54
CA THR A 91 23.08 -13.35 43.69
C THR A 91 22.33 -12.17 44.31
N ALA A 92 21.83 -11.28 43.46
CA ALA A 92 21.07 -10.12 43.91
C ALA A 92 19.82 -10.57 44.65
N ALA A 93 19.01 -11.39 44.00
CA ALA A 93 17.76 -11.87 44.59
C ALA A 93 17.98 -12.57 45.91
N LEU A 94 19.11 -13.27 46.04
CA LEU A 94 19.43 -14.01 47.25
C LEU A 94 19.84 -13.08 48.38
N GLN A 95 20.57 -12.02 48.05
CA GLN A 95 21.04 -11.08 49.07
C GLN A 95 19.92 -10.13 49.48
N GLU A 96 19.07 -9.76 48.52
CA GLU A 96 17.94 -8.89 48.80
C GLU A 96 16.80 -9.66 49.48
N ASP A 97 16.86 -10.99 49.36
CA ASP A 97 15.82 -11.88 49.87
C ASP A 97 14.45 -11.44 49.36
N VAL A 98 14.27 -11.55 48.04
CA VAL A 98 13.02 -11.14 47.41
C VAL A 98 12.08 -12.31 47.24
N GLN A 99 10.82 -12.01 46.94
CA GLN A 99 9.83 -13.05 46.68
C GLN A 99 9.76 -13.38 45.20
N GLY A 100 10.16 -12.44 44.35
CA GLY A 100 10.04 -12.61 42.92
C GLY A 100 11.16 -12.03 42.07
N ILE A 101 11.36 -12.65 40.91
CA ILE A 101 12.33 -12.18 39.93
C ILE A 101 11.65 -11.96 38.58
N ALA A 102 11.85 -10.78 38.00
CA ALA A 102 11.29 -10.48 36.69
C ALA A 102 12.41 -10.24 35.67
N ILE A 103 12.45 -11.07 34.63
CA ILE A 103 13.50 -10.99 33.62
C ILE A 103 12.92 -10.83 32.22
N SER A 104 13.49 -9.93 31.43
CA SER A 104 13.10 -9.81 30.03
C SER A 104 14.21 -10.35 29.14
N SER A 105 13.87 -11.29 28.27
CA SER A 105 14.85 -11.86 27.34
C SER A 105 14.38 -11.79 25.88
N TYR A 106 14.93 -10.82 25.15
CA TYR A 106 14.54 -10.63 23.75
C TYR A 106 15.60 -11.07 22.77
N GLN A 107 16.74 -11.53 23.28
CA GLN A 107 17.85 -11.94 22.42
C GLN A 107 17.77 -13.40 22.05
N GLY A 108 16.84 -14.12 22.66
CA GLY A 108 16.78 -15.56 22.51
C GLY A 108 17.74 -16.20 23.48
N GLY A 109 17.89 -17.53 23.38
CA GLY A 109 18.69 -18.26 24.35
C GLY A 109 18.04 -18.20 25.72
N HIS A 110 16.74 -17.95 25.71
CA HIS A 110 15.98 -17.75 26.94
C HIS A 110 15.65 -19.07 27.62
N VAL A 111 15.54 -20.13 26.82
CA VAL A 111 15.28 -21.46 27.38
C VAL A 111 16.43 -21.88 28.26
N GLU A 112 17.64 -21.79 27.74
CA GLU A 112 18.84 -22.12 28.49
C GLU A 112 19.04 -21.16 29.67
N TYR A 113 18.72 -19.89 29.44
CA TYR A 113 18.90 -18.85 30.46
C TYR A 113 18.03 -19.10 31.68
N PHE A 114 16.73 -19.24 31.48
CA PHE A 114 15.80 -19.42 32.58
C PHE A 114 16.02 -20.75 33.29
N LYS A 115 16.32 -21.80 32.52
CA LYS A 115 16.61 -23.11 33.11
C LYS A 115 17.80 -23.01 34.05
N TYR A 116 18.83 -22.30 33.62
CA TYR A 116 20.01 -22.05 34.45
C TYR A 116 19.61 -21.34 35.73
N MET A 117 18.78 -20.31 35.60
CA MET A 117 18.38 -19.51 36.75
C MET A 117 17.57 -20.34 37.76
N ILE A 118 16.61 -21.11 37.25
CA ILE A 118 15.82 -21.99 38.10
C ILE A 118 16.70 -22.98 38.84
N ASP A 119 17.66 -23.56 38.13
CA ASP A 119 18.61 -24.49 38.72
C ASP A 119 19.47 -23.82 39.79
N LEU A 120 19.98 -22.64 39.47
CA LEU A 120 20.90 -21.96 40.36
C LEU A 120 20.20 -21.50 41.63
N LEU A 121 18.92 -21.15 41.51
CA LEU A 121 18.14 -20.71 42.66
C LEU A 121 17.92 -21.84 43.65
N ARG A 122 17.54 -23.00 43.14
CA ARG A 122 17.26 -24.15 43.99
C ARG A 122 18.53 -24.64 44.68
N GLU A 123 19.66 -24.54 43.97
CA GLU A 123 20.93 -25.02 44.48
C GLU A 123 21.41 -24.17 45.66
N HIS A 124 21.07 -22.89 45.66
CA HIS A 124 21.57 -21.96 46.66
C HIS A 124 20.48 -21.35 47.53
N GLY A 125 19.50 -22.17 47.90
CA GLY A 125 18.46 -21.75 48.83
C GLY A 125 17.60 -20.61 48.35
N GLY A 126 16.94 -20.82 47.22
CA GLY A 126 16.05 -19.81 46.67
C GLY A 126 14.92 -20.45 45.88
N GLU A 127 14.56 -21.66 46.27
CA GLU A 127 13.51 -22.41 45.58
C GLU A 127 12.15 -21.73 45.71
N HIS A 128 11.95 -21.02 46.81
CA HIS A 128 10.67 -20.36 47.08
C HIS A 128 10.54 -19.05 46.31
N ILE A 129 11.65 -18.57 45.75
CA ILE A 129 11.64 -17.37 44.93
C ILE A 129 11.03 -17.66 43.56
N GLN A 130 10.00 -16.91 43.20
CA GLN A 130 9.31 -17.13 41.93
C GLN A 130 9.94 -16.32 40.80
N VAL A 131 10.05 -16.93 39.62
CA VAL A 131 10.67 -16.29 38.47
C VAL A 131 9.64 -15.99 37.38
N PHE A 132 9.60 -14.75 36.94
CA PHE A 132 8.70 -14.33 35.87
C PHE A 132 9.49 -13.82 34.68
N GLY A 133 9.00 -14.09 33.47
CA GLY A 133 9.71 -13.69 32.27
C GLY A 133 8.82 -13.15 31.18
N GLY A 134 9.45 -12.57 30.16
CA GLY A 134 8.75 -12.07 29.00
C GLY A 134 9.72 -11.70 27.91
N GLY A 135 9.35 -11.97 26.67
CA GLY A 135 10.20 -11.65 25.54
C GLY A 135 9.38 -11.36 24.29
N GLY A 136 8.11 -11.06 24.49
CA GLY A 136 7.22 -10.80 23.38
C GLY A 136 7.06 -12.05 22.53
N GLY A 137 7.27 -11.91 21.23
CA GLY A 137 7.09 -13.01 20.30
C GLY A 137 8.28 -13.94 20.20
N VAL A 138 9.40 -13.53 20.79
CA VAL A 138 10.62 -14.32 20.73
C VAL A 138 10.44 -15.67 21.45
N ILE A 139 9.82 -15.62 22.62
CA ILE A 139 9.52 -16.83 23.38
C ILE A 139 8.22 -17.45 22.88
N VAL A 140 8.33 -18.40 21.97
CA VAL A 140 7.16 -19.07 21.40
C VAL A 140 6.41 -19.88 22.46
N PRO A 141 5.10 -20.10 22.25
CA PRO A 141 4.24 -20.85 23.17
C PRO A 141 4.83 -22.17 23.70
N ASP A 142 5.44 -22.97 22.82
CA ASP A 142 6.01 -24.24 23.22
C ASP A 142 7.12 -24.05 24.26
N GLU A 143 7.90 -22.99 24.09
CA GLU A 143 9.00 -22.70 25.01
C GLU A 143 8.47 -22.18 26.34
N ILE A 144 7.31 -21.53 26.30
CA ILE A 144 6.68 -21.03 27.52
C ILE A 144 6.20 -22.19 28.38
N ARG A 145 5.48 -23.12 27.77
CA ARG A 145 4.97 -24.29 28.47
C ARG A 145 6.13 -25.11 29.02
N GLU A 146 7.23 -25.15 28.27
CA GLU A 146 8.41 -25.89 28.70
C GLU A 146 9.05 -25.25 29.93
N LEU A 147 9.26 -23.93 29.86
CA LEU A 147 9.90 -23.21 30.95
C LEU A 147 9.02 -23.15 32.20
N GLN A 148 7.72 -23.00 32.00
CA GLN A 148 6.78 -22.97 33.12
C GLN A 148 6.69 -24.35 33.76
N ALA A 149 6.89 -25.39 32.96
CA ALA A 149 6.92 -26.76 33.47
C ALA A 149 8.23 -27.02 34.20
N TYR A 150 9.28 -26.33 33.78
CA TYR A 150 10.60 -26.50 34.38
C TYR A 150 10.66 -25.94 35.79
N GLY A 151 10.00 -24.80 36.00
CA GLY A 151 9.98 -24.18 37.31
C GLY A 151 9.59 -22.71 37.29
N VAL A 152 9.70 -22.09 36.12
CA VAL A 152 9.33 -20.69 35.95
C VAL A 152 7.87 -20.47 36.29
N ALA A 153 7.59 -19.46 37.11
CA ALA A 153 6.23 -19.15 37.53
C ALA A 153 5.34 -18.85 36.32
N ARG A 154 5.62 -17.75 35.65
CA ARG A 154 4.87 -17.35 34.45
C ARG A 154 5.77 -16.67 33.44
N ILE A 155 5.52 -16.93 32.16
CA ILE A 155 6.12 -16.15 31.09
C ILE A 155 5.03 -15.59 30.21
N TYR A 156 4.98 -14.26 30.11
CA TYR A 156 3.86 -13.58 29.48
C TYR A 156 4.10 -13.30 28.01
N SER A 157 3.18 -13.80 27.18
CA SER A 157 3.21 -13.57 25.74
C SER A 157 2.50 -12.26 25.42
N PRO A 158 2.70 -11.72 24.21
CA PRO A 158 1.96 -10.52 23.81
C PRO A 158 0.45 -10.72 23.86
N GLU A 159 0.00 -11.96 23.64
CA GLU A 159 -1.41 -12.28 23.75
C GLU A 159 -1.88 -12.23 25.19
N ASP A 160 -0.98 -12.58 26.11
CA ASP A 160 -1.29 -12.49 27.54
C ASP A 160 -1.45 -11.03 27.93
N GLY A 161 -0.61 -10.18 27.35
CA GLY A 161 -0.64 -8.75 27.64
C GLY A 161 -1.94 -8.11 27.16
N GLN A 162 -2.44 -8.58 26.03
CA GLN A 162 -3.68 -8.03 25.48
C GLN A 162 -4.88 -8.43 26.33
N ARG A 163 -4.91 -9.69 26.76
CA ARG A 163 -6.04 -10.20 27.53
C ARG A 163 -6.04 -9.64 28.94
N MET A 164 -4.88 -9.70 29.60
CA MET A 164 -4.78 -9.32 31.01
C MET A 164 -4.63 -7.81 31.20
N GLY A 165 -4.03 -7.15 30.21
CA GLY A 165 -3.71 -5.75 30.34
C GLY A 165 -2.39 -5.58 31.06
N LEU A 166 -1.80 -4.40 30.94
CA LEU A 166 -0.51 -4.12 31.56
C LEU A 166 -0.57 -4.30 33.08
N ALA A 167 -1.56 -3.68 33.70
CA ALA A 167 -1.74 -3.77 35.14
C ALA A 167 -2.16 -5.18 35.56
N GLY A 168 -2.84 -5.87 34.66
CA GLY A 168 -3.32 -7.22 34.94
C GLY A 168 -2.19 -8.21 35.16
N MET A 169 -1.17 -8.14 34.31
CA MET A 169 0.00 -9.00 34.44
C MET A 169 0.69 -8.78 35.78
N ILE A 170 0.94 -7.51 36.09
CA ILE A 170 1.68 -7.16 37.30
C ILE A 170 0.87 -7.48 38.55
N THR A 171 -0.45 -7.30 38.48
CA THR A 171 -1.31 -7.68 39.59
C THR A 171 -1.19 -9.18 39.83
N ASP A 172 -1.32 -9.97 38.77
CA ASP A 172 -1.15 -11.42 38.84
C ASP A 172 0.23 -11.78 39.38
N MET A 173 1.24 -11.06 38.91
CA MET A 173 2.61 -11.31 39.30
C MET A 173 2.85 -10.98 40.76
N ALA A 174 2.24 -9.89 41.22
CA ALA A 174 2.43 -9.43 42.59
C ALA A 174 1.66 -10.28 43.59
N GLN A 175 0.45 -10.67 43.21
CA GLN A 175 -0.40 -11.47 44.10
C GLN A 175 0.21 -12.85 44.36
N ARG A 176 1.00 -13.34 43.41
CA ARG A 176 1.70 -14.62 43.59
C ARG A 176 2.82 -14.48 44.61
N CYS A 177 3.53 -13.36 44.56
CA CYS A 177 4.68 -13.15 45.42
C CYS A 177 4.32 -12.53 46.76
N ASP A 178 3.01 -12.39 47.01
CA ASP A 178 2.54 -11.80 48.25
C ASP A 178 2.64 -12.82 49.39
N ILE A 179 3.88 -13.14 49.79
CA ILE A 179 4.11 -14.12 50.85
C ILE A 179 5.07 -13.58 51.90
N ASP A 180 4.96 -14.12 53.12
CA ASP A 180 5.80 -13.67 54.23
C ASP A 180 7.09 -14.48 54.32
N LEU A 181 8.22 -13.82 54.07
CA LEU A 181 9.50 -14.51 54.02
C LEU A 181 10.18 -14.63 55.39
N THR A 182 9.52 -14.16 56.43
CA THR A 182 10.11 -14.18 57.76
C THR A 182 10.16 -15.59 58.34
N ARG A 183 9.40 -16.51 57.74
CA ARG A 183 9.39 -17.89 58.20
C ARG A 183 10.70 -18.61 57.85
N TYR A 184 11.41 -18.08 56.85
CA TYR A 184 12.67 -18.66 56.42
C TYR A 184 13.84 -18.10 57.22
N ALA A 185 13.55 -17.10 58.05
CA ALA A 185 14.57 -16.43 58.84
C ALA A 185 15.11 -17.33 59.96
N PRO A 186 16.42 -17.27 60.20
CA PRO A 186 17.04 -18.06 61.27
C PRO A 186 16.59 -17.62 62.66
N THR A 187 16.54 -18.57 63.58
CA THR A 187 16.10 -18.28 64.95
C THR A 187 17.31 -18.12 65.88
N THR A 188 18.45 -18.66 65.46
CA THR A 188 19.70 -18.49 66.19
C THR A 188 20.76 -17.85 65.31
N LEU A 189 21.75 -17.22 65.93
CA LEU A 189 22.78 -16.51 65.18
C LEU A 189 23.88 -17.44 64.68
N ASP A 190 23.76 -18.72 65.00
CA ASP A 190 24.77 -19.72 64.65
C ASP A 190 25.10 -19.73 63.16
N THR A 191 24.07 -19.74 62.33
CA THR A 191 24.27 -19.76 60.88
C THR A 191 24.94 -18.47 60.40
N VAL A 192 24.40 -17.33 60.81
CA VAL A 192 24.87 -16.02 60.34
C VAL A 192 26.32 -15.75 60.72
N VAL A 193 26.66 -16.00 61.98
CA VAL A 193 28.01 -15.76 62.49
C VAL A 193 29.02 -16.67 61.79
N ALA A 194 28.58 -17.89 61.46
CA ALA A 194 29.44 -18.86 60.79
C ALA A 194 29.92 -18.36 59.44
N GLY A 195 29.14 -17.47 58.82
CA GLY A 195 29.51 -16.91 57.53
C GLY A 195 28.44 -17.09 56.48
N ASP A 196 27.33 -17.70 56.87
CA ASP A 196 26.21 -17.90 55.97
C ASP A 196 25.66 -16.56 55.52
N ARG A 197 25.83 -16.26 54.24
CA ARG A 197 25.40 -14.98 53.70
C ARG A 197 23.92 -14.99 53.34
N ARG A 198 23.38 -16.19 53.07
CA ARG A 198 21.97 -16.34 52.77
C ARG A 198 21.14 -16.21 54.04
N ALA A 199 21.63 -16.79 55.12
CA ALA A 199 20.98 -16.68 56.42
C ALA A 199 20.99 -15.23 56.89
N LEU A 200 22.09 -14.54 56.61
CA LEU A 200 22.22 -13.12 56.93
C LEU A 200 21.16 -12.32 56.19
N ALA A 201 21.00 -12.61 54.90
CA ALA A 201 20.04 -11.91 54.07
C ALA A 201 18.62 -12.10 54.58
N GLN A 202 18.34 -13.29 55.12
CA GLN A 202 17.00 -13.61 55.62
C GLN A 202 16.79 -13.04 57.02
N LEU A 203 17.85 -13.02 57.82
CA LEU A 203 17.79 -12.45 59.15
C LEU A 203 17.47 -10.97 59.09
N ILE A 204 17.98 -10.31 58.05
CA ILE A 204 17.72 -8.90 57.82
C ILE A 204 16.25 -8.65 57.49
N THR A 205 15.67 -9.55 56.70
CA THR A 205 14.26 -9.46 56.33
C THR A 205 13.38 -9.62 57.57
N ALA A 206 13.87 -10.39 58.54
CA ALA A 206 13.17 -10.56 59.81
C ALA A 206 13.32 -9.32 60.68
N LEU A 207 14.54 -8.79 60.73
CA LEU A 207 14.82 -7.60 61.53
C LEU A 207 14.11 -6.37 60.99
N GLU A 208 14.09 -6.24 59.67
CA GLU A 208 13.47 -5.08 59.03
C GLU A 208 11.97 -5.07 59.25
N ASN A 209 11.36 -6.25 59.25
CA ASN A 209 9.92 -6.38 59.43
C ASN A 209 9.52 -6.49 60.90
N GLY A 210 10.52 -6.44 61.78
CA GLY A 210 10.27 -6.47 63.20
C GLY A 210 9.70 -7.78 63.71
N LYS A 211 9.87 -8.84 62.92
CA LYS A 211 9.37 -10.16 63.30
C LYS A 211 10.47 -10.99 63.96
N ALA A 212 11.56 -10.35 64.35
CA ALA A 212 12.65 -11.02 65.04
C ALA A 212 12.44 -10.99 66.54
N ASP A 213 12.78 -12.09 67.21
CA ASP A 213 12.58 -12.21 68.65
C ASP A 213 13.45 -11.20 69.40
N PRO A 214 12.86 -10.53 70.41
CA PRO A 214 13.54 -9.53 71.25
C PRO A 214 14.82 -10.04 71.91
N GLU A 215 14.81 -11.29 72.36
CA GLU A 215 15.99 -11.87 72.98
C GLU A 215 17.08 -12.14 71.93
N LEU A 216 16.66 -12.36 70.69
CA LEU A 216 17.59 -12.55 69.59
C LEU A 216 18.24 -11.23 69.18
N VAL A 217 17.43 -10.18 69.17
CA VAL A 217 17.89 -8.84 68.79
C VAL A 217 18.97 -8.34 69.74
N SER A 218 18.70 -8.40 71.04
CA SER A 218 19.66 -7.95 72.04
C SER A 218 20.92 -8.82 72.04
N ALA A 219 20.75 -10.10 71.70
CA ALA A 219 21.88 -11.01 71.60
C ALA A 219 22.71 -10.69 70.37
N LEU A 220 22.07 -10.15 69.35
CA LEU A 220 22.74 -9.75 68.13
C LEU A 220 23.59 -8.49 68.35
N HIS A 221 22.99 -7.50 69.01
CA HIS A 221 23.70 -6.26 69.34
C HIS A 221 24.84 -6.51 70.32
N ALA A 222 24.65 -7.50 71.20
CA ALA A 222 25.67 -7.85 72.18
C ALA A 222 26.93 -8.39 71.50
N GLN A 223 26.73 -9.16 70.45
CA GLN A 223 27.85 -9.72 69.70
C GLN A 223 28.37 -8.70 68.69
N ALA A 224 27.50 -7.80 68.25
CA ALA A 224 27.89 -6.74 67.33
C ALA A 224 28.84 -5.76 68.01
N LYS A 225 28.64 -5.55 69.32
CA LYS A 225 29.51 -4.67 70.09
C LYS A 225 30.89 -5.28 70.24
N ALA A 226 30.92 -6.58 70.51
CA ALA A 226 32.18 -7.30 70.69
C ALA A 226 32.86 -7.56 69.35
N ALA A 227 32.10 -7.40 68.27
CA ALA A 227 32.63 -7.62 66.92
C ALA A 227 33.67 -6.57 66.56
N ALA A 228 33.40 -5.32 66.94
CA ALA A 228 34.33 -4.22 66.70
C ALA A 228 34.75 -4.09 65.23
N VAL A 229 33.77 -3.98 64.35
CA VAL A 229 34.04 -3.73 62.94
C VAL A 229 33.65 -2.29 62.59
N PRO A 230 34.44 -1.64 61.73
CA PRO A 230 34.20 -0.25 61.35
C PRO A 230 32.96 -0.09 60.48
N VAL A 231 32.18 0.96 60.73
CA VAL A 231 31.01 1.24 59.92
C VAL A 231 31.15 2.60 59.24
N LEU A 232 31.36 2.58 57.93
CA LEU A 232 31.51 3.81 57.15
C LEU A 232 30.16 4.31 56.64
N GLY A 233 29.82 5.54 56.98
CA GLY A 233 28.60 6.16 56.50
C GLY A 233 28.86 7.08 55.34
N ILE A 234 28.09 6.91 54.26
CA ILE A 234 28.20 7.77 53.10
C ILE A 234 26.86 8.45 52.83
N THR A 235 26.82 9.75 53.09
CA THR A 235 25.60 10.53 52.89
C THR A 235 25.89 11.72 51.98
N GLY A 236 24.84 12.44 51.61
CA GLY A 236 25.01 13.61 50.75
C GLY A 236 23.75 13.96 49.99
N THR A 237 23.82 15.03 49.20
CA THR A 237 22.69 15.48 48.42
C THR A 237 22.28 14.46 47.37
N GLY A 238 21.07 14.59 46.85
CA GLY A 238 20.55 13.65 45.88
C GLY A 238 21.28 13.69 44.55
N GLY A 239 21.62 12.50 44.04
CA GLY A 239 22.27 12.39 42.74
C GLY A 239 23.68 12.94 42.69
N ALA A 240 24.26 13.19 43.86
CA ALA A 240 25.61 13.74 43.94
C ALA A 240 26.66 12.72 43.49
N GLY A 241 26.32 11.44 43.60
CA GLY A 241 27.22 10.39 43.18
C GLY A 241 27.60 9.46 44.31
N LYS A 242 26.75 9.40 45.33
CA LYS A 242 27.00 8.58 46.51
C LYS A 242 27.21 7.10 46.14
N SER A 243 26.30 6.56 45.34
CA SER A 243 26.40 5.17 44.91
C SER A 243 27.63 4.95 44.04
N SER A 244 27.82 5.83 43.06
CA SER A 244 28.95 5.71 42.13
C SER A 244 30.28 5.79 42.86
N LEU A 245 30.39 6.71 43.81
CA LEU A 245 31.62 6.88 44.58
C LEU A 245 31.83 5.67 45.48
N THR A 246 30.74 5.12 46.01
CA THR A 246 30.81 3.95 46.87
C THR A 246 31.39 2.75 46.10
N ASP A 247 30.85 2.51 44.91
CA ASP A 247 31.31 1.42 44.07
C ASP A 247 32.80 1.55 43.75
N GLU A 248 33.21 2.76 43.41
CA GLU A 248 34.62 3.03 43.09
C GLU A 248 35.51 2.78 44.31
N LEU A 249 35.06 3.22 45.47
CA LEU A 249 35.81 3.02 46.70
C LEU A 249 35.97 1.54 47.01
N ILE A 250 34.93 0.77 46.77
CA ILE A 250 34.97 -0.67 46.96
C ILE A 250 35.97 -1.30 45.98
N ARG A 251 35.94 -0.81 44.74
CA ARG A 251 36.88 -1.27 43.74
C ARG A 251 38.32 -1.04 44.20
N ARG A 252 38.55 0.14 44.78
CA ARG A 252 39.86 0.46 45.34
C ARG A 252 40.25 -0.54 46.42
N PHE A 253 39.30 -0.86 47.29
CA PHE A 253 39.53 -1.82 48.37
C PHE A 253 39.94 -3.18 47.84
N ARG A 254 39.33 -3.59 46.72
CA ARG A 254 39.59 -4.89 46.15
C ARG A 254 40.97 -4.93 45.48
N LEU A 255 41.28 -3.91 44.69
CA LEU A 255 42.57 -3.84 44.01
C LEU A 255 43.72 -3.69 45.00
N ASP A 256 43.47 -2.97 46.08
CA ASP A 256 44.52 -2.66 47.05
C ASP A 256 44.82 -3.85 47.94
N GLN A 257 43.79 -4.62 48.27
CA GLN A 257 43.93 -5.69 49.25
C GLN A 257 43.78 -7.08 48.64
N ASP A 258 43.80 -7.14 47.31
CA ASP A 258 43.70 -8.40 46.58
C ASP A 258 42.43 -9.17 46.99
N ASP A 259 41.32 -8.45 47.10
CA ASP A 259 40.02 -9.02 47.44
C ASP A 259 40.05 -9.84 48.73
N ALA A 260 40.79 -9.36 49.73
CA ALA A 260 40.90 -10.07 51.00
C ALA A 260 39.89 -9.56 52.02
N LEU A 261 39.23 -8.46 51.69
CA LEU A 261 38.29 -7.84 52.62
C LEU A 261 36.85 -8.26 52.40
N SER A 262 36.14 -8.51 53.50
CA SER A 262 34.72 -8.84 53.45
C SER A 262 33.88 -7.61 53.73
N ILE A 263 33.29 -7.04 52.68
CA ILE A 263 32.58 -5.76 52.79
C ILE A 263 31.07 -5.93 52.67
N ALA A 264 30.35 -5.32 53.61
CA ALA A 264 28.89 -5.30 53.59
C ALA A 264 28.39 -3.91 53.22
N VAL A 265 27.48 -3.85 52.26
CA VAL A 265 26.96 -2.57 51.78
C VAL A 265 25.46 -2.43 52.01
N ILE A 266 25.07 -1.42 52.77
CA ILE A 266 23.66 -1.15 53.04
C ILE A 266 23.24 0.16 52.42
N SER A 267 22.61 0.10 51.25
CA SER A 267 22.19 1.30 50.54
C SER A 267 20.72 1.60 50.76
N ILE A 268 20.43 2.85 51.13
CA ILE A 268 19.07 3.28 51.43
C ILE A 268 18.57 4.32 50.42
N ASP A 269 17.39 4.06 49.86
CA ASP A 269 16.79 4.99 48.91
C ASP A 269 15.40 5.38 49.39
N PRO A 270 14.95 6.61 49.05
CA PRO A 270 13.70 7.12 49.61
C PRO A 270 12.49 6.39 49.05
N SER A 271 11.47 6.20 49.88
CA SER A 271 10.28 5.45 49.49
C SER A 271 9.05 6.35 49.33
N ARG A 272 8.40 6.23 48.18
CA ARG A 272 7.14 6.94 47.93
C ARG A 272 6.03 6.32 48.77
N ARG A 273 5.49 7.11 49.70
CA ARG A 273 4.48 6.62 50.64
C ARG A 273 3.12 6.43 49.97
N LYS A 274 2.92 7.09 48.85
CA LYS A 274 1.67 6.99 48.11
C LYS A 274 1.39 5.56 47.66
N SER A 275 2.33 4.99 46.91
CA SER A 275 2.20 3.61 46.43
C SER A 275 2.34 2.61 47.56
N GLY A 276 3.42 2.74 48.33
CA GLY A 276 3.73 1.81 49.41
C GLY A 276 5.11 1.22 49.23
N GLY A 277 5.50 1.03 47.98
CA GLY A 277 6.82 0.51 47.65
C GLY A 277 7.76 1.60 47.20
N ALA A 278 8.94 1.21 46.74
CA ALA A 278 9.96 2.18 46.33
C ALA A 278 10.82 1.67 45.18
N LEU A 279 11.59 2.57 44.58
CA LEU A 279 12.55 2.20 43.56
C LEU A 279 13.96 2.28 44.12
N LEU A 280 14.40 1.20 44.73
CA LEU A 280 15.74 1.09 45.30
C LEU A 280 16.80 1.09 44.21
N GLY A 281 17.19 2.29 43.77
CA GLY A 281 18.10 2.42 42.64
C GLY A 281 19.52 2.78 43.02
N ASP A 282 20.16 1.89 43.77
CA ASP A 282 21.57 2.08 44.13
C ASP A 282 22.38 0.91 43.59
N ARG A 283 21.81 -0.29 43.66
CA ARG A 283 22.50 -1.51 43.26
C ARG A 283 22.85 -1.50 41.78
N ILE A 284 22.03 -0.80 40.99
CA ILE A 284 22.23 -0.75 39.55
C ILE A 284 23.54 -0.04 39.18
N ARG A 285 24.00 0.83 40.06
CA ARG A 285 25.24 1.57 39.83
C ARG A 285 26.47 0.77 40.26
N MET A 286 26.25 -0.25 41.08
CA MET A 286 27.35 -1.05 41.63
C MET A 286 27.89 -2.07 40.63
N ASN A 287 29.13 -1.89 40.22
CA ASN A 287 29.78 -2.82 39.30
C ASN A 287 30.89 -3.64 39.95
N ALA A 288 31.31 -3.22 41.14
CA ALA A 288 32.45 -3.84 41.81
C ALA A 288 32.02 -4.76 42.95
N ILE A 289 30.71 -4.97 43.10
CA ILE A 289 30.21 -5.76 44.21
C ILE A 289 29.98 -7.22 43.83
N ASN A 290 30.30 -7.57 42.59
CA ASN A 290 30.13 -8.94 42.13
C ASN A 290 31.30 -9.82 42.56
N HIS A 291 31.25 -10.27 43.80
CA HIS A 291 32.31 -11.08 44.40
C HIS A 291 31.80 -11.67 45.71
N PRO A 292 32.16 -12.93 46.00
CA PRO A 292 31.70 -13.63 47.21
C PRO A 292 31.96 -12.88 48.52
N ASN A 293 33.02 -12.09 48.57
CA ASN A 293 33.35 -11.35 49.79
C ASN A 293 32.57 -10.05 49.92
N ILE A 294 31.73 -9.76 48.92
CA ILE A 294 30.91 -8.55 48.96
C ILE A 294 29.43 -8.89 49.10
N PHE A 295 28.77 -8.23 50.05
CA PHE A 295 27.35 -8.41 50.28
C PHE A 295 26.65 -7.06 50.26
N MET A 296 25.51 -6.98 49.59
CA MET A 296 24.76 -5.73 49.51
C MET A 296 23.25 -5.94 49.66
N ARG A 297 22.64 -5.10 50.50
CA ARG A 297 21.20 -5.14 50.72
C ARG A 297 20.61 -3.75 50.50
N SER A 298 19.52 -3.68 49.74
CA SER A 298 18.87 -2.41 49.47
C SER A 298 17.66 -2.19 50.38
N LEU A 299 17.65 -1.08 51.10
CA LEU A 299 16.56 -0.77 52.03
C LEU A 299 15.77 0.46 51.58
N ALA A 300 14.47 0.41 51.75
CA ALA A 300 13.62 1.58 51.56
C ALA A 300 13.48 2.31 52.88
N THR A 301 13.46 3.64 52.83
CA THR A 301 13.33 4.45 54.03
C THR A 301 12.07 4.08 54.80
N ARG A 302 11.00 3.82 54.04
CA ARG A 302 9.68 3.48 54.57
C ARG A 302 9.13 4.57 55.49
N GLU A 303 9.69 5.76 55.34
CA GLU A 303 9.25 6.97 56.04
C GLU A 303 9.45 8.18 55.13
N ALA A 304 8.43 8.50 54.33
CA ALA A 304 8.54 9.58 53.37
C ALA A 304 8.80 10.92 54.04
N SER A 306 12.21 10.56 56.80
CA SER A 306 13.56 10.31 57.29
C SER A 306 14.46 9.77 56.18
N GLU A 307 15.77 9.87 56.39
CA GLU A 307 16.75 9.44 55.38
C GLU A 307 17.40 8.13 55.77
N ILE A 308 16.85 7.47 56.78
CA ILE A 308 17.36 6.18 57.24
C ILE A 308 16.22 5.22 57.54
N SER A 309 16.42 3.95 57.25
CA SER A 309 15.45 2.91 57.57
C SER A 309 15.27 2.81 59.08
N GLN A 310 14.04 2.62 59.53
CA GLN A 310 13.72 2.62 60.95
C GLN A 310 14.41 1.46 61.70
N ALA A 311 14.93 0.50 60.95
CA ALA A 311 15.59 -0.67 61.54
C ALA A 311 17.06 -0.73 61.16
N LEU A 312 17.62 0.39 60.70
CA LEU A 312 19.02 0.46 60.28
C LEU A 312 20.04 0.02 61.36
N PRO A 313 19.87 0.46 62.62
CA PRO A 313 20.83 -0.02 63.63
C PRO A 313 20.81 -1.53 63.79
N ASP A 314 19.66 -2.15 63.60
CA ASP A 314 19.55 -3.60 63.66
C ASP A 314 20.25 -4.26 62.47
N VAL A 315 20.02 -3.71 61.29
CA VAL A 315 20.61 -4.24 60.06
C VAL A 315 22.14 -4.14 60.10
N ILE A 316 22.64 -2.99 60.55
CA ILE A 316 24.08 -2.79 60.69
C ILE A 316 24.67 -3.81 61.65
N ALA A 317 24.03 -3.96 62.81
CA ALA A 317 24.48 -4.89 63.84
C ALA A 317 24.51 -6.32 63.31
N ALA A 318 23.56 -6.65 62.44
CA ALA A 318 23.49 -7.98 61.85
C ALA A 318 24.73 -8.25 60.99
N CYS A 319 25.16 -7.24 60.24
CA CYS A 319 26.34 -7.35 59.40
C CYS A 319 27.61 -7.43 60.24
N LYS A 320 27.64 -6.67 61.34
CA LYS A 320 28.79 -6.66 62.23
C LYS A 320 29.01 -8.06 62.82
N ALA A 321 27.91 -8.72 63.16
CA ALA A 321 27.98 -10.05 63.77
C ALA A 321 28.29 -11.12 62.73
N ALA A 322 28.11 -10.77 61.46
CA ALA A 322 28.37 -11.72 60.37
C ALA A 322 29.84 -11.74 59.99
N ARG A 323 30.67 -11.13 60.84
CA ARG A 323 32.12 -11.11 60.68
C ARG A 323 32.56 -10.48 59.36
N PHE A 324 31.97 -9.33 59.02
CA PHE A 324 32.43 -8.55 57.88
C PHE A 324 33.58 -7.63 58.31
N ASP A 325 34.53 -7.39 57.42
CA ASP A 325 35.68 -6.56 57.74
C ASP A 325 35.32 -5.07 57.75
N LEU A 326 34.27 -4.71 57.03
CA LEU A 326 33.83 -3.33 56.93
C LEU A 326 32.37 -3.23 56.49
N VAL A 327 31.61 -2.36 57.16
CA VAL A 327 30.24 -2.11 56.77
C VAL A 327 30.07 -0.70 56.22
N ILE A 328 29.57 -0.60 55.00
CA ILE A 328 29.37 0.69 54.35
C ILE A 328 27.87 0.98 54.17
N VAL A 329 27.45 2.17 54.61
CA VAL A 329 26.04 2.55 54.55
C VAL A 329 25.82 3.78 53.68
N GLU A 330 24.98 3.66 52.67
CA GLU A 330 24.59 4.80 51.85
C GLU A 330 23.18 5.26 52.19
N THR A 331 23.03 6.55 52.46
CA THR A 331 21.71 7.11 52.76
C THR A 331 21.04 7.60 51.50
N SER A 332 19.83 8.15 51.64
CA SER A 332 19.13 8.73 50.51
C SER A 332 19.51 10.21 50.37
N GLY A 333 18.83 10.89 49.47
CA GLY A 333 19.03 12.32 49.27
C GLY A 333 18.70 13.11 50.52
N ILE A 334 19.74 13.72 51.10
CA ILE A 334 19.57 14.50 52.33
C ILE A 334 19.51 16.00 52.02
N GLY A 335 18.75 16.73 52.83
CA GLY A 335 18.68 18.17 52.69
C GLY A 335 19.94 18.85 53.22
N GLN A 336 19.89 20.17 53.34
CA GLN A 336 21.02 20.93 53.87
C GLN A 336 21.21 20.66 55.36
N GLY A 337 20.10 20.67 56.09
CA GLY A 337 20.12 20.43 57.52
C GLY A 337 19.71 19.02 57.91
N ASP A 338 20.33 18.03 57.28
CA ASP A 338 20.03 16.64 57.57
C ASP A 338 21.32 15.85 57.79
N ALA A 339 21.35 15.06 58.86
CA ALA A 339 22.57 14.36 59.25
C ALA A 339 22.27 13.20 60.20
N ALA A 340 21.36 12.32 59.80
CA ALA A 340 20.90 11.24 60.66
C ALA A 340 21.82 10.02 60.61
N ILE A 341 22.80 10.06 59.72
CA ILE A 341 23.70 8.92 59.54
C ILE A 341 24.82 8.93 60.58
N VAL A 342 25.08 10.11 61.13
CA VAL A 342 26.22 10.31 62.04
C VAL A 342 26.24 9.41 63.29
N PRO A 343 25.10 9.27 64.01
CA PRO A 343 25.22 8.50 65.24
C PRO A 343 25.26 6.98 65.04
N HIS A 344 25.06 6.52 63.80
CA HIS A 344 24.98 5.08 63.54
C HIS A 344 26.28 4.52 62.94
N VAL A 345 27.20 5.40 62.57
CA VAL A 345 28.42 4.97 61.92
C VAL A 345 29.66 5.39 62.70
N ASP A 346 30.80 4.79 62.36
CA ASP A 346 32.06 5.10 63.00
C ASP A 346 32.81 6.19 62.23
N LEU A 347 32.53 6.27 60.93
CA LEU A 347 33.08 7.31 60.07
C LEU A 347 32.02 7.77 59.07
N SER A 348 31.94 9.08 58.84
CA SER A 348 30.93 9.62 57.94
C SER A 348 31.56 10.38 56.78
N LEU A 349 31.02 10.16 55.59
CA LEU A 349 31.51 10.82 54.38
C LEU A 349 30.40 11.60 53.69
N TYR A 350 30.55 12.92 53.63
CA TYR A 350 29.57 13.77 52.98
C TYR A 350 29.93 13.98 51.50
N VAL A 351 29.01 13.62 50.61
CA VAL A 351 29.25 13.76 49.18
C VAL A 351 28.45 14.93 48.62
N MET A 352 29.09 15.77 47.83
CA MET A 352 28.42 16.92 47.23
C MET A 352 28.94 17.21 45.83
N THR A 353 28.26 18.09 45.12
CA THR A 353 28.70 18.54 43.80
C THR A 353 29.16 19.99 43.91
N PRO A 354 29.97 20.46 42.95
CA PRO A 354 30.40 21.87 42.95
C PRO A 354 29.25 22.86 42.92
N GLU A 355 28.08 22.42 42.45
CA GLU A 355 26.90 23.28 42.43
C GLU A 355 26.17 23.25 43.78
N PHE A 356 26.41 24.28 44.58
CA PHE A 356 25.75 24.42 45.88
C PHE A 356 25.27 25.87 46.08
N GLY A 357 25.33 26.65 45.01
CA GLY A 357 24.89 28.04 45.05
C GLY A 357 25.98 28.95 45.60
N ALA A 358 25.58 29.87 46.48
CA ALA A 358 26.52 30.80 47.08
C ALA A 358 27.44 30.08 48.07
N ALA A 359 28.54 30.75 48.42
CA ALA A 359 29.51 30.19 49.35
C ALA A 359 29.01 30.25 50.79
N SER A 360 28.01 31.08 51.02
CA SER A 360 27.44 31.26 52.36
C SER A 360 26.51 30.11 52.72
N GLN A 361 26.16 29.30 51.73
CA GLN A 361 25.27 28.16 51.95
C GLN A 361 25.91 27.10 52.81
N LEU A 362 27.24 27.02 52.74
CA LEU A 362 28.00 26.00 53.46
C LEU A 362 27.92 26.17 54.97
N GLU A 363 27.50 27.34 55.42
CA GLU A 363 27.34 27.62 56.84
C GLU A 363 26.02 27.07 57.36
N LYS A 364 25.18 26.59 56.44
CA LYS A 364 23.87 26.08 56.79
C LYS A 364 23.85 24.54 56.76
N ILE A 365 24.85 23.96 56.13
CA ILE A 365 24.93 22.51 55.99
C ILE A 365 25.40 21.84 57.28
N ASP A 366 24.48 21.17 57.97
CA ASP A 366 24.79 20.51 59.24
C ASP A 366 25.82 19.41 59.08
N MET A 367 25.85 18.77 57.92
CA MET A 367 26.70 17.61 57.73
C MET A 367 28.18 17.98 57.65
N LEU A 368 28.46 19.23 57.28
CA LEU A 368 29.84 19.72 57.22
C LEU A 368 30.43 19.87 58.62
N ASP A 369 29.58 19.78 59.63
CA ASP A 369 30.00 19.95 61.02
C ASP A 369 30.34 18.60 61.65
N PHE A 370 29.91 17.51 61.02
CA PHE A 370 30.09 16.19 61.59
C PHE A 370 30.93 15.26 60.72
N ALA A 371 30.94 15.50 59.41
CA ALA A 371 31.62 14.62 58.47
C ALA A 371 33.11 14.53 58.74
N ASP A 372 33.61 13.29 58.80
CA ASP A 372 35.04 13.05 58.97
C ASP A 372 35.76 13.25 57.63
N PHE A 373 35.01 13.04 56.55
CA PHE A 373 35.53 13.24 55.21
C PHE A 373 34.46 13.90 54.33
N VAL A 374 34.89 14.83 53.50
CA VAL A 374 33.99 15.48 52.55
C VAL A 374 34.50 15.25 51.15
N ALA A 375 33.64 14.68 50.29
CA ALA A 375 34.01 14.42 48.91
C ALA A 375 33.19 15.28 47.97
N ILE A 376 33.87 16.17 47.26
CA ILE A 376 33.19 16.99 46.25
C ILE A 376 33.27 16.26 44.92
N ASN A 377 32.27 15.41 44.68
CA ASN A 377 32.21 14.61 43.47
C ASN A 377 31.83 15.46 42.26
N LYS A 378 31.84 14.83 41.08
CA LYS A 378 31.55 15.52 39.82
C LYS A 378 32.47 16.72 39.66
N PHE A 379 33.77 16.47 39.79
CA PHE A 379 34.76 17.54 39.77
C PHE A 379 35.03 18.05 38.36
N ASP A 380 34.34 17.48 37.37
CA ASP A 380 34.47 17.96 36.00
C ASP A 380 33.54 19.14 35.75
N ARG A 381 32.56 19.31 36.64
CA ARG A 381 31.59 20.39 36.51
C ARG A 381 32.27 21.76 36.69
N LYS A 382 31.67 22.79 36.12
CA LYS A 382 32.21 24.14 36.19
C LYS A 382 32.28 24.64 37.63
N GLY A 383 33.41 25.24 38.00
CA GLY A 383 33.58 25.84 39.31
C GLY A 383 33.90 24.82 40.39
N ALA A 384 34.49 23.70 39.99
CA ALA A 384 34.84 22.65 40.94
C ALA A 384 35.97 23.08 41.87
N GLN A 385 36.98 23.75 41.32
CA GLN A 385 38.10 24.19 42.13
C GLN A 385 37.68 25.22 43.18
N ASP A 386 36.92 26.23 42.75
CA ASP A 386 36.44 27.25 43.67
C ASP A 386 35.52 26.65 44.72
N ALA A 387 34.77 25.63 44.33
CA ALA A 387 33.90 24.92 45.26
C ALA A 387 34.72 24.24 46.34
N TRP A 388 35.85 23.69 45.94
CA TRP A 388 36.72 23.00 46.89
C TRP A 388 37.34 23.97 47.89
N ARG A 389 37.70 25.16 47.44
CA ARG A 389 38.32 26.13 48.32
C ARG A 389 37.32 26.70 49.31
N ASP A 390 36.04 26.77 48.92
CA ASP A 390 35.00 27.22 49.85
C ASP A 390 34.72 26.14 50.89
N VAL A 391 34.55 24.91 50.44
CA VAL A 391 34.26 23.79 51.35
C VAL A 391 35.44 23.54 52.29
N ALA A 392 36.66 23.60 51.76
CA ALA A 392 37.85 23.38 52.57
C ALA A 392 37.93 24.39 53.70
N LYS A 393 37.70 25.66 53.38
CA LYS A 393 37.76 26.72 54.38
C LYS A 393 36.63 26.58 55.39
N GLN A 394 35.48 26.10 54.94
CA GLN A 394 34.33 25.93 55.83
C GLN A 394 34.57 24.83 56.84
N VAL A 395 35.18 23.74 56.38
CA VAL A 395 35.49 22.61 57.26
C VAL A 395 36.56 23.02 58.26
N GLN A 396 37.51 23.83 57.80
CA GLN A 396 38.55 24.37 58.67
C GLN A 396 37.95 25.24 59.76
N ARG A 397 36.92 26.02 59.40
CA ARG A 397 36.25 26.88 60.36
C ARG A 397 35.44 26.06 61.37
N ASN A 398 34.75 25.03 60.88
CA ASN A 398 33.92 24.19 61.73
C ASN A 398 34.74 23.41 62.77
N ARG A 399 35.99 23.12 62.43
CA ARG A 399 36.86 22.37 63.34
C ARG A 399 37.77 23.29 64.13
N GLU A 400 37.72 24.59 63.81
CA GLU A 400 38.54 25.59 64.48
C GLU A 400 40.03 25.28 64.39
N GLN A 401 40.45 24.68 63.28
CA GLN A 401 41.85 24.37 63.06
C GLN A 401 42.55 25.46 62.26
N TRP A 402 42.74 26.61 62.91
CA TRP A 402 43.35 27.78 62.28
C TRP A 402 44.85 27.60 62.12
N HIS A 403 45.41 26.71 62.92
CA HIS A 403 46.84 26.44 62.89
C HIS A 403 47.18 25.40 61.81
N SER A 404 46.16 24.99 61.06
CA SER A 404 46.36 24.05 59.97
C SER A 404 46.09 24.72 58.63
N ARG A 405 46.59 24.11 57.56
CA ARG A 405 46.36 24.64 56.22
C ARG A 405 45.00 24.18 55.71
N ALA A 406 44.34 25.01 54.91
CA ALA A 406 43.03 24.68 54.38
C ALA A 406 43.10 23.48 53.43
N GLU A 407 44.26 23.31 52.81
CA GLU A 407 44.47 22.21 51.87
C GLU A 407 44.71 20.88 52.59
N ASP A 408 44.87 20.94 53.91
CA ASP A 408 45.13 19.74 54.69
C ASP A 408 43.86 19.12 55.24
N MET A 409 42.74 19.81 55.07
CA MET A 409 41.45 19.31 55.56
C MET A 409 41.02 18.09 54.76
N PRO A 410 40.29 17.16 55.40
CA PRO A 410 39.82 15.94 54.73
C PRO A 410 38.76 16.21 53.66
N VAL A 411 38.93 17.28 52.90
CA VAL A 411 38.03 17.59 51.80
C VAL A 411 38.66 17.15 50.48
N TYR A 412 37.97 16.26 49.77
CA TYR A 412 38.53 15.69 48.56
C TYR A 412 37.72 16.04 47.32
N GLY A 413 38.42 16.28 46.21
CA GLY A 413 37.77 16.51 44.93
C GLY A 413 37.82 15.25 44.10
N THR A 414 36.68 14.59 43.97
CA THR A 414 36.63 13.28 43.30
C THR A 414 35.82 13.32 42.01
N GLN A 415 36.05 12.32 41.16
CA GLN A 415 35.26 12.13 39.96
C GLN A 415 34.97 10.64 39.76
N ALA A 416 33.88 10.18 40.34
CA ALA A 416 33.54 8.76 40.35
C ALA A 416 33.24 8.22 38.96
N SER A 417 32.79 9.10 38.07
CA SER A 417 32.42 8.69 36.72
C SER A 417 33.64 8.29 35.90
N ARG A 418 34.80 8.82 36.31
CA ARG A 418 36.06 8.60 35.63
C ARG A 418 36.79 7.36 36.14
N PHE A 419 37.19 6.49 35.21
CA PHE A 419 37.86 5.25 35.57
C PHE A 419 39.25 5.50 36.15
N ASN A 420 39.54 4.87 37.28
CA ASN A 420 40.82 5.02 37.98
C ASN A 420 41.17 6.48 38.29
N ASP A 421 40.16 7.27 38.61
CA ASP A 421 40.34 8.66 38.98
C ASP A 421 41.30 8.80 40.15
N ASP A 422 42.33 9.62 39.99
CA ASP A 422 43.31 9.81 41.05
C ASP A 422 42.67 10.48 42.27
N GLY A 423 41.63 11.28 42.03
CA GLY A 423 40.91 11.92 43.11
C GLY A 423 40.28 10.92 44.05
N VAL A 424 39.54 9.97 43.50
CA VAL A 424 38.91 8.92 44.28
C VAL A 424 39.96 8.11 45.04
N THR A 425 41.08 7.82 44.40
CA THR A 425 42.16 7.09 45.03
C THR A 425 42.71 7.87 46.23
N MET A 426 42.83 9.19 46.07
CA MET A 426 43.29 10.04 47.16
C MET A 426 42.34 9.94 48.35
N LEU A 427 41.05 10.00 48.08
CA LEU A 427 40.03 9.85 49.12
C LEU A 427 40.13 8.47 49.75
N TYR A 428 40.37 7.46 48.92
CA TYR A 428 40.52 6.09 49.42
C TYR A 428 41.70 5.98 50.38
N GLN A 429 42.84 6.53 49.98
CA GLN A 429 44.04 6.50 50.82
C GLN A 429 43.77 7.15 52.16
N GLY A 430 42.96 8.21 52.16
CA GLY A 430 42.59 8.90 53.37
C GLY A 430 41.72 8.06 54.27
N LEU A 431 40.72 7.41 53.67
CA LEU A 431 39.81 6.56 54.41
C LEU A 431 40.54 5.37 55.03
N VAL A 432 41.52 4.84 54.31
CA VAL A 432 42.31 3.72 54.79
C VAL A 432 43.07 4.09 56.06
N GLY A 433 43.72 5.25 56.03
CA GLY A 433 44.46 5.72 57.19
C GLY A 433 43.58 5.92 58.40
N ALA A 434 42.34 6.35 58.17
CA ALA A 434 41.40 6.58 59.25
C ALA A 434 40.82 5.27 59.76
N LEU A 435 40.52 4.36 58.84
CA LEU A 435 40.00 3.05 59.20
C LEU A 435 41.07 2.19 59.87
N GLY A 436 42.33 2.42 59.47
CA GLY A 436 43.45 1.69 60.05
C GLY A 436 43.61 1.99 61.53
N ALA A 437 43.58 3.27 61.87
CA ALA A 437 43.72 3.70 63.25
C ALA A 437 42.54 3.25 64.10
N ARG A 438 41.40 3.03 63.45
CA ARG A 438 40.18 2.63 64.13
C ARG A 438 40.04 1.10 64.17
N GLY A 439 41.19 0.42 64.25
CA GLY A 439 41.20 -1.03 64.36
C GLY A 439 40.67 -1.76 63.15
N MET A 440 41.47 -1.79 62.08
CA MET A 440 41.12 -2.55 60.89
C MET A 440 42.40 -3.01 60.18
N SER A 441 42.74 -4.28 60.38
CA SER A 441 43.97 -4.84 59.81
C SER A 441 43.92 -4.83 58.29
N LEU A 442 44.91 -4.22 57.68
CA LEU A 442 45.01 -4.23 56.22
C LEU A 442 46.47 -4.27 55.78
N LYS A 443 46.73 -5.03 54.73
CA LYS A 443 48.07 -5.19 54.18
C LYS A 443 48.54 -3.88 53.55
N PRO A 444 49.86 -3.68 53.45
CA PRO A 444 50.39 -2.51 52.73
C PRO A 444 49.88 -2.48 51.30
N GLY A 445 49.21 -1.40 50.95
CA GLY A 445 48.50 -1.29 49.69
C GLY A 445 49.33 -1.47 48.43
N THR A 446 48.68 -1.88 47.36
CA THR A 446 49.33 -2.04 46.06
C THR A 446 48.98 -0.88 45.13
N LEU A 447 48.13 0.01 45.62
CA LEU A 447 47.71 1.18 44.86
C LEU A 447 48.69 2.32 44.99
N PRO A 448 48.70 3.24 44.00
CA PRO A 448 49.54 4.43 44.06
C PRO A 448 49.20 5.30 45.26
N ASN A 449 50.01 5.17 46.31
CA ASN A 449 49.85 6.00 47.50
C ASN A 449 50.22 7.44 47.20
N LEU A 450 49.35 8.12 46.46
CA LEU A 450 49.63 9.48 46.00
C LEU A 450 49.24 10.53 47.03
N GLU A 451 49.60 11.77 46.74
CA GLU A 451 49.36 12.88 47.64
C GLU A 451 48.53 13.96 46.94
N GLY A 452 47.80 14.74 47.74
CA GLY A 452 46.91 15.75 47.20
C GLY A 452 45.48 15.50 47.64
N ARG A 453 44.59 16.44 47.35
CA ARG A 453 43.19 16.32 47.75
C ARG A 453 42.25 16.45 46.55
N ILE A 454 42.80 16.83 45.41
CA ILE A 454 42.00 17.18 44.25
C ILE A 454 42.34 16.30 43.04
N SER A 455 41.30 15.85 42.35
CA SER A 455 41.47 15.09 41.11
C SER A 455 42.10 15.94 40.01
N THR A 456 42.90 15.30 39.17
CA THR A 456 43.60 16.00 38.09
C THR A 456 43.05 15.63 36.71
N GLY A 457 41.80 15.17 36.67
CA GLY A 457 41.16 14.81 35.42
C GLY A 457 40.84 16.04 34.58
N GLN A 458 41.73 16.34 33.63
CA GLN A 458 41.58 17.55 32.82
C GLN A 458 40.92 17.28 31.47
N ASN A 459 40.26 16.13 31.35
CA ASN A 459 39.56 15.78 30.13
C ASN A 459 38.20 16.46 30.03
N VAL A 460 37.86 16.93 28.84
CA VAL A 460 36.56 17.52 28.56
C VAL A 460 36.06 17.11 27.19
N ILE A 461 34.78 16.74 27.10
CA ILE A 461 34.18 16.40 25.82
C ILE A 461 33.63 17.66 25.16
N VAL A 462 32.85 18.43 25.91
CA VAL A 462 32.33 19.71 25.45
C VAL A 462 32.64 20.78 26.49
N PRO A 463 33.43 21.80 26.11
CA PRO A 463 33.83 22.87 27.02
C PRO A 463 32.62 23.65 27.53
N PRO A 464 32.65 24.03 28.83
CA PRO A 464 31.56 24.76 29.48
C PRO A 464 31.20 26.07 28.75
N ALA A 465 32.15 26.60 27.99
CA ALA A 465 31.91 27.79 27.18
C ALA A 465 30.88 27.51 26.10
N ARG A 466 30.95 26.31 25.52
CA ARG A 466 30.05 25.92 24.45
C ARG A 466 28.83 25.17 24.97
N SER A 467 28.59 25.25 26.27
CA SER A 467 27.55 24.47 26.93
C SER A 467 26.17 24.62 26.29
N ARG A 468 25.88 25.83 25.83
CA ARG A 468 24.59 26.15 25.24
C ARG A 468 24.60 26.05 23.72
N TYR A 469 25.34 25.06 23.19
CA TYR A 469 25.51 24.94 21.75
C TYR A 469 24.20 24.62 21.04
N LEU A 470 23.39 23.76 21.64
CA LEU A 470 22.10 23.38 21.04
C LEU A 470 21.18 24.58 20.92
N ALA A 471 21.21 25.45 21.93
CA ALA A 471 20.37 26.64 21.93
C ALA A 471 20.78 27.60 20.82
N GLU A 472 22.09 27.70 20.60
CA GLU A 472 22.62 28.57 19.54
C GLU A 472 22.18 28.06 18.18
N LEU A 473 22.19 26.74 18.03
CA LEU A 473 21.76 26.10 16.79
C LEU A 473 20.28 26.39 16.52
N ALA A 474 19.49 26.38 17.57
CA ALA A 474 18.07 26.71 17.46
C ALA A 474 17.90 28.14 16.96
N ASP A 475 18.67 29.06 17.55
CA ASP A 475 18.66 30.46 17.13
C ASP A 475 19.04 30.59 15.67
N THR A 476 20.06 29.84 15.26
CA THR A 476 20.55 29.89 13.89
C THR A 476 19.46 29.54 12.88
N VAL A 477 18.73 28.47 13.16
CA VAL A 477 17.66 28.03 12.27
C VAL A 477 16.52 29.03 12.23
N ARG A 478 16.07 29.47 13.41
CA ARG A 478 15.01 30.46 13.50
C ARG A 478 15.40 31.77 12.83
N ALA A 479 16.68 32.11 12.93
CA ALA A 479 17.20 33.31 12.31
C ALA A 479 17.16 33.21 10.78
N TYR A 480 17.44 32.01 10.28
CA TYR A 480 17.41 31.76 8.85
C TYR A 480 16.00 31.97 8.29
N HIS A 481 15.01 31.42 8.98
CA HIS A 481 13.61 31.55 8.56
C HIS A 481 13.13 32.99 8.60
N ARG A 482 13.58 33.74 9.60
CA ARG A 482 13.23 35.16 9.71
C ARG A 482 13.72 35.91 8.47
N ARG A 483 14.88 35.50 7.96
CA ARG A 483 15.43 36.12 6.77
C ARG A 483 14.60 35.77 5.54
N VAL A 484 14.17 34.51 5.45
CA VAL A 484 13.34 34.06 4.36
C VAL A 484 12.07 34.90 4.25
N VAL A 485 11.44 35.17 5.39
CA VAL A 485 10.23 35.98 5.43
C VAL A 485 10.50 37.39 4.93
N ALA A 486 11.57 37.99 5.43
CA ALA A 486 11.91 39.38 5.11
C ALA A 486 12.32 39.54 3.66
N GLN A 487 13.18 38.64 3.17
CA GLN A 487 13.65 38.70 1.79
C GLN A 487 12.53 38.43 0.80
N SER A 488 11.58 37.59 1.20
CA SER A 488 10.42 37.30 0.37
C SER A 488 9.57 38.55 0.20
N LYS A 489 9.29 39.22 1.31
CA LYS A 489 8.50 40.45 1.29
C LYS A 489 9.14 41.49 0.37
N LEU A 490 10.47 41.57 0.44
CA LEU A 490 11.21 42.49 -0.42
C LEU A 490 11.11 42.10 -1.88
N ALA A 491 11.35 40.82 -2.17
CA ALA A 491 11.27 40.32 -3.53
C ALA A 491 9.86 40.48 -4.09
N ARG A 492 8.86 40.30 -3.22
CA ARG A 492 7.46 40.45 -3.62
C ARG A 492 7.15 41.90 -3.95
N GLU A 493 7.49 42.80 -3.03
CA GLU A 493 7.25 44.22 -3.22
C GLU A 493 7.96 44.74 -4.47
N ARG A 494 9.20 44.28 -4.67
CA ARG A 494 9.98 44.69 -5.83
C ARG A 494 9.27 44.34 -7.13
N GLN A 495 8.72 43.14 -7.19
CA GLN A 495 7.99 42.69 -8.37
C GLN A 495 6.71 43.49 -8.56
N GLN A 496 5.99 43.70 -7.47
CA GLN A 496 4.72 44.43 -7.50
C GLN A 496 4.90 45.84 -8.03
N LEU A 497 6.01 46.47 -7.64
CA LEU A 497 6.30 47.84 -8.09
C LEU A 497 6.57 47.88 -9.58
N ARG A 498 7.54 47.08 -10.02
CA ARG A 498 7.93 47.04 -11.43
C ARG A 498 6.80 46.56 -12.32
N ALA A 499 5.90 45.75 -11.75
CA ALA A 499 4.71 45.31 -12.48
C ALA A 499 3.78 46.49 -12.70
N ALA A 500 3.56 47.27 -11.64
CA ALA A 500 2.71 48.44 -11.73
C ALA A 500 3.32 49.52 -12.63
N HIS A 501 4.64 49.58 -12.65
CA HIS A 501 5.37 50.52 -13.48
C HIS A 501 5.15 50.22 -14.96
N ASP A 502 5.16 48.94 -15.31
CA ASP A 502 4.96 48.51 -16.68
C ASP A 502 3.50 48.69 -17.11
N MET A 503 2.59 48.62 -16.15
CA MET A 503 1.17 48.76 -16.43
C MET A 503 0.78 50.22 -16.58
N LEU A 504 1.51 51.10 -15.90
CA LEU A 504 1.28 52.53 -16.03
C LEU A 504 1.78 53.04 -17.38
N GLN A 505 2.93 52.55 -17.80
CA GLN A 505 3.51 52.96 -19.08
C GLN A 505 2.70 52.41 -20.25
N GLY A 506 1.98 51.32 -20.01
CA GLY A 506 1.11 50.74 -21.01
C GLY A 506 -0.19 51.51 -21.16
N ALA A 507 -0.45 52.39 -20.20
CA ALA A 507 -1.65 53.23 -20.23
C ALA A 507 -1.30 54.67 -20.60
N GLY A 508 -0.03 55.02 -20.42
CA GLY A 508 0.44 56.36 -20.72
C GLY A 508 1.15 57.04 -19.57
N HIS A 509 0.43 57.17 -18.45
CA HIS A 509 0.95 57.88 -17.28
C HIS A 509 2.21 57.22 -16.72
N GLU A 510 3.38 57.75 -17.08
CA GLU A 510 4.64 57.22 -16.60
C GLU A 510 5.03 57.85 -15.26
N SER A 511 5.30 57.01 -14.27
CA SER A 511 5.71 57.48 -12.96
C SER A 511 7.02 56.83 -12.53
N ALA A 512 8.11 57.61 -12.59
CA ALA A 512 9.43 57.13 -12.20
C ALA A 512 9.53 57.03 -10.68
N ALA A 513 8.50 57.50 -9.99
CA ALA A 513 8.44 57.43 -8.54
C ALA A 513 8.37 55.97 -8.07
N LEU A 514 7.73 55.14 -8.88
CA LEU A 514 7.64 53.71 -8.59
C LEU A 514 9.01 53.05 -8.71
N GLU A 515 9.73 53.39 -9.77
CA GLU A 515 11.03 52.78 -10.05
C GLU A 515 12.04 53.06 -8.94
N THR A 516 11.91 54.23 -8.32
CA THR A 516 12.79 54.61 -7.22
C THR A 516 12.62 53.66 -6.04
N LEU A 517 11.37 53.30 -5.77
CA LEU A 517 11.06 52.38 -4.68
C LEU A 517 11.49 50.95 -5.03
N ALA A 518 11.50 50.65 -6.32
CA ALA A 518 11.90 49.33 -6.81
C ALA A 518 13.41 49.15 -6.67
N SER A 519 14.16 50.10 -7.24
CA SER A 519 15.62 50.08 -7.18
C SER A 519 16.10 50.12 -5.73
N GLU A 520 15.27 50.68 -4.86
CA GLU A 520 15.55 50.73 -3.43
C GLU A 520 15.54 49.33 -2.83
N ARG A 521 14.74 48.44 -3.41
CA ARG A 521 14.62 47.09 -2.89
C ARG A 521 15.55 46.10 -3.60
N ASP A 522 16.24 46.57 -4.63
CA ASP A 522 17.28 45.77 -5.27
C ASP A 522 18.46 45.65 -4.31
N VAL A 523 18.74 46.73 -3.59
CA VAL A 523 19.82 46.76 -2.63
C VAL A 523 19.40 46.11 -1.31
N SER A 524 18.12 46.26 -0.97
CA SER A 524 17.55 45.65 0.22
C SER A 524 17.68 44.12 0.18
N LEU A 525 17.47 43.56 -1.01
CA LEU A 525 17.67 42.14 -1.22
C LEU A 525 19.15 41.78 -1.06
N GLY A 526 19.40 40.64 -0.44
CA GLY A 526 20.78 40.18 -0.27
C GLY A 526 21.40 39.79 -1.59
N ALA A 527 22.71 39.55 -1.58
CA ALA A 527 23.43 39.14 -2.78
C ALA A 527 23.01 37.75 -3.21
N VAL A 528 22.92 36.83 -2.24
CA VAL A 528 22.58 35.44 -2.50
C VAL A 528 21.13 35.31 -2.98
N GLU A 529 20.23 36.04 -2.33
CA GLU A 529 18.81 36.01 -2.66
C GLU A 529 18.57 36.55 -4.06
N ARG A 530 19.30 37.59 -4.43
CA ARG A 530 19.15 38.22 -5.74
C ARG A 530 19.54 37.25 -6.85
N LYS A 531 20.58 36.46 -6.60
CA LYS A 531 21.08 35.53 -7.61
C LYS A 531 20.14 34.32 -7.73
N LEU A 532 19.49 33.97 -6.63
CA LEU A 532 18.53 32.86 -6.63
C LEU A 532 17.38 33.10 -7.60
N LEU A 533 16.76 34.26 -7.48
CA LEU A 533 15.65 34.64 -8.36
C LEU A 533 16.13 34.82 -9.80
N ALA A 534 17.36 35.28 -9.95
CA ALA A 534 17.93 35.51 -11.28
C ALA A 534 18.15 34.21 -12.03
N MET A 535 18.51 33.16 -11.31
CA MET A 535 18.78 31.86 -11.92
C MET A 535 17.51 31.04 -12.08
N TRP A 536 16.40 31.54 -11.54
CA TRP A 536 15.13 30.81 -11.59
C TRP A 536 14.62 30.51 -13.01
N PRO A 537 14.66 31.49 -13.92
CA PRO A 537 14.19 31.12 -15.27
C PRO A 537 15.15 30.13 -15.95
N GLN A 538 16.43 30.27 -15.69
CA GLN A 538 17.42 29.35 -16.22
C GLN A 538 17.27 27.97 -15.58
N MET A 539 16.85 27.97 -14.32
CA MET A 539 16.61 26.73 -13.58
C MET A 539 15.42 25.97 -14.18
N GLN A 540 14.39 26.72 -14.57
CA GLN A 540 13.20 26.12 -15.15
C GLN A 540 13.47 25.46 -16.49
N GLN A 541 14.28 26.12 -17.31
CA GLN A 541 14.61 25.59 -18.63
C GLN A 541 15.41 24.30 -18.52
N ALA A 542 16.14 24.15 -17.42
CA ALA A 542 16.94 22.95 -17.18
C ALA A 542 16.05 21.74 -16.96
N TYR A 543 15.09 21.87 -16.04
CA TYR A 543 14.22 20.76 -15.68
C TYR A 543 13.01 20.62 -16.60
N SER A 544 13.03 21.34 -17.72
CA SER A 544 11.91 21.32 -18.66
C SER A 544 12.08 20.24 -19.72
N GLY A 545 13.27 20.14 -20.27
CA GLY A 545 13.53 19.22 -21.37
C GLY A 545 13.48 17.75 -20.99
N ASP A 546 13.95 16.90 -21.90
CA ASP A 546 13.98 15.46 -21.68
C ASP A 546 15.31 15.03 -21.07
N GLU A 547 16.29 15.92 -21.09
CA GLU A 547 17.60 15.64 -20.51
C GLU A 547 18.13 16.79 -19.66
N TYR A 548 19.13 16.48 -18.84
CA TYR A 548 19.73 17.47 -17.94
C TYR A 548 21.21 17.60 -18.24
N VAL A 549 21.56 18.60 -19.03
CA VAL A 549 22.95 18.81 -19.45
C VAL A 549 23.73 19.61 -18.42
N ARG A 558 25.16 13.98 -18.84
CA ARG A 558 23.74 14.04 -19.20
C ARG A 558 22.90 13.09 -18.35
N THR A 559 21.73 13.57 -17.93
CA THR A 559 20.82 12.76 -17.14
C THR A 559 19.39 12.92 -17.65
N GLY A 560 18.68 11.80 -17.79
CA GLY A 560 17.31 11.83 -18.25
C GLY A 560 16.37 12.37 -17.19
N LEU A 561 15.40 13.17 -17.61
CA LEU A 561 14.43 13.76 -16.69
C LEU A 561 13.06 13.11 -16.80
N ILE A 562 12.85 12.40 -17.91
CA ILE A 562 11.53 11.89 -18.23
C ILE A 562 11.44 10.38 -18.16
N SER A 563 10.42 9.88 -17.48
CA SER A 563 10.04 8.47 -17.57
C SER A 563 8.60 8.40 -18.08
N THR A 564 8.40 7.69 -19.17
CA THR A 564 7.10 7.66 -19.83
C THR A 564 6.27 6.46 -19.39
N THR A 565 5.01 6.70 -19.06
CA THR A 565 4.12 5.64 -18.60
C THR A 565 3.53 4.85 -19.78
N LEU A 566 2.81 3.79 -19.46
CA LEU A 566 2.15 2.97 -20.48
C LEU A 566 1.12 3.78 -21.25
N SER A 567 0.57 4.79 -20.58
CA SER A 567 -0.44 5.65 -21.19
C SER A 567 0.21 6.65 -22.13
N GLY A 568 1.51 6.89 -21.92
CA GLY A 568 2.25 7.83 -22.74
C GLY A 568 2.46 9.16 -22.04
N THR A 569 2.33 9.15 -20.71
CA THR A 569 2.48 10.38 -19.93
C THR A 569 3.93 10.60 -19.51
N LYS A 570 4.41 11.82 -19.67
CA LYS A 570 5.77 12.17 -19.27
C LYS A 570 5.83 12.54 -17.79
N ILE A 571 6.43 11.65 -16.99
CA ILE A 571 6.60 11.90 -15.57
C ILE A 571 7.98 12.49 -15.27
N ARG A 572 8.03 13.78 -14.99
CA ARG A 572 9.30 14.45 -14.71
C ARG A 572 9.88 13.99 -13.38
N LYS A 573 11.18 13.70 -13.36
CA LYS A 573 11.86 13.26 -12.15
C LYS A 573 11.76 14.32 -11.06
N VAL A 574 11.96 15.57 -11.44
CA VAL A 574 11.84 16.67 -10.50
C VAL A 574 10.83 17.69 -11.02
N VAL A 575 9.74 17.86 -10.29
CA VAL A 575 8.67 18.77 -10.69
C VAL A 575 8.86 20.14 -10.05
N LEU A 576 8.98 21.17 -10.88
CA LEU A 576 9.14 22.53 -10.40
C LEU A 576 7.80 23.23 -10.21
N PRO A 577 7.73 24.14 -9.23
CA PRO A 577 6.52 24.94 -8.99
C PRO A 577 6.21 25.89 -10.14
N ARG A 578 4.95 26.29 -10.27
CA ARG A 578 4.55 27.23 -11.31
C ARG A 578 4.05 28.54 -10.71
N PHE A 579 4.77 29.04 -9.72
CA PHE A 579 4.41 30.30 -9.07
C PHE A 579 4.71 31.48 -9.98
N GLU A 580 3.90 32.52 -9.87
CA GLU A 580 4.14 33.76 -10.59
C GLU A 580 4.77 34.77 -9.64
N ASP A 581 4.31 34.74 -8.39
CA ASP A 581 4.83 35.61 -7.34
C ASP A 581 6.29 35.28 -7.06
N GLU A 582 7.17 36.25 -7.26
CA GLU A 582 8.59 36.06 -6.98
C GLU A 582 8.84 35.94 -5.48
N GLY A 583 7.86 36.36 -4.69
CA GLY A 583 7.91 36.17 -3.26
C GLY A 583 7.83 34.68 -2.93
N GLU A 584 6.90 33.99 -3.58
CA GLU A 584 6.73 32.55 -3.39
C GLU A 584 7.90 31.77 -3.97
N ILE A 585 8.43 32.24 -5.10
CA ILE A 585 9.58 31.61 -5.73
C ILE A 585 10.78 31.62 -4.79
N LEU A 586 11.12 32.81 -4.28
CA LEU A 586 12.25 32.95 -3.38
C LEU A 586 12.02 32.20 -2.08
N LYS A 587 10.80 32.31 -1.55
CA LYS A 587 10.42 31.60 -0.33
C LYS A 587 10.63 30.10 -0.49
N TRP A 588 10.24 29.58 -1.65
CA TRP A 588 10.40 28.16 -1.92
C TRP A 588 11.86 27.80 -2.13
N LEU A 589 12.58 28.64 -2.88
CA LEU A 589 13.99 28.37 -3.18
C LEU A 589 14.86 28.37 -1.93
N MET A 590 14.44 29.10 -0.91
CA MET A 590 15.22 29.22 0.32
C MET A 590 14.83 28.14 1.35
N ARG A 591 13.56 27.77 1.37
CA ARG A 591 13.09 26.81 2.36
C ARG A 591 13.18 25.37 1.83
N GLU A 592 12.82 25.18 0.56
CA GLU A 592 12.87 23.86 -0.06
C GLU A 592 13.32 23.93 -1.51
N ASN A 593 14.61 24.10 -1.75
CA ASN A 593 15.10 24.11 -3.12
C ASN A 593 14.99 22.71 -3.72
N VAL A 594 15.19 22.59 -5.02
CA VAL A 594 15.19 21.29 -5.70
C VAL A 594 16.23 20.35 -5.07
N PRO A 595 16.02 19.03 -5.22
CA PRO A 595 17.02 18.07 -4.74
C PRO A 595 18.40 18.36 -5.30
N GLY A 596 19.39 18.48 -4.41
CA GLY A 596 20.76 18.75 -4.82
C GLY A 596 21.13 20.22 -4.75
N SER A 597 20.35 20.98 -4.00
CA SER A 597 20.61 22.41 -3.83
C SER A 597 20.24 22.84 -2.41
N PHE A 598 21.02 23.76 -1.85
CA PHE A 598 20.79 24.24 -0.49
C PHE A 598 19.37 24.77 -0.32
N PRO A 599 18.71 24.43 0.81
CA PRO A 599 19.24 23.68 1.95
C PRO A 599 19.06 22.16 1.85
N TYR A 600 18.99 21.64 0.62
CA TYR A 600 18.91 20.20 0.38
C TYR A 600 17.73 19.53 1.10
N THR A 601 16.60 20.24 1.17
CA THR A 601 15.44 19.72 1.87
C THR A 601 14.88 18.48 1.18
N ALA A 602 14.83 18.52 -0.15
CA ALA A 602 14.26 17.42 -0.92
C ALA A 602 15.31 16.39 -1.32
N GLY A 603 16.46 16.43 -0.63
CA GLY A 603 17.53 15.50 -0.92
C GLY A 603 18.86 16.21 -1.16
N VAL A 604 19.95 15.54 -0.80
CA VAL A 604 21.27 16.14 -0.90
C VAL A 604 21.86 15.97 -2.30
N PHE A 605 21.28 15.06 -3.08
CA PHE A 605 21.75 14.81 -4.43
C PHE A 605 20.73 15.26 -5.46
N ALA A 606 21.20 15.61 -6.65
CA ALA A 606 20.33 16.10 -7.72
C ALA A 606 19.30 15.05 -8.12
N PHE A 607 19.78 13.89 -8.52
CA PHE A 607 18.90 12.80 -8.93
C PHE A 607 19.34 11.49 -8.29
N LYS A 608 18.37 10.60 -8.07
CA LYS A 608 18.64 9.32 -7.41
C LYS A 608 19.57 8.46 -8.25
N ARG A 609 20.36 7.61 -7.58
CA ARG A 609 21.34 6.76 -8.24
C ARG A 609 20.70 5.90 -9.33
N GLU A 610 21.42 5.75 -10.44
CA GLU A 610 20.88 5.04 -11.60
C GLU A 610 20.79 3.53 -11.38
N GLY A 611 21.87 2.94 -10.89
CA GLY A 611 21.90 1.49 -10.71
C GLY A 611 21.77 1.06 -9.26
N GLU A 612 22.42 1.80 -8.38
CA GLU A 612 22.46 1.45 -6.96
C GLU A 612 21.24 1.97 -6.21
N ASP A 613 20.23 1.11 -6.05
CA ASP A 613 19.05 1.44 -5.26
C ASP A 613 19.44 1.63 -3.79
N PRO A 614 18.65 2.38 -3.02
CA PRO A 614 18.99 2.62 -1.61
C PRO A 614 18.84 1.39 -0.72
N THR A 615 18.33 0.30 -1.28
CA THR A 615 18.09 -0.93 -0.52
C THR A 615 19.34 -1.44 0.18
N ARG A 616 19.21 -1.74 1.47
CA ARG A 616 20.30 -2.33 2.25
C ARG A 616 19.75 -3.18 3.39
N MET A 617 19.59 -4.47 3.15
CA MET A 617 18.90 -5.36 4.08
C MET A 617 19.78 -5.84 5.23
N PHE A 618 19.34 -5.52 6.44
CA PHE A 618 19.92 -6.04 7.69
C PHE A 618 19.95 -7.57 7.65
N ALA A 619 21.07 -8.16 8.03
CA ALA A 619 21.17 -9.63 8.00
C ALA A 619 22.17 -10.13 9.03
N GLY A 620 21.96 -11.37 9.48
CA GLY A 620 22.85 -11.98 10.44
C GLY A 620 22.21 -13.14 11.17
N GLU A 621 22.79 -14.33 11.01
CA GLU A 621 22.30 -15.52 11.69
C GLU A 621 23.36 -16.61 11.66
N GLY A 622 23.52 -17.30 12.79
CA GLY A 622 24.48 -18.39 12.88
C GLY A 622 25.92 -17.94 12.83
N ASP A 623 26.78 -18.76 12.24
CA ASP A 623 28.19 -18.42 12.12
C ASP A 623 28.43 -17.57 10.87
N ALA A 624 29.68 -17.19 10.64
CA ALA A 624 30.04 -16.33 9.52
C ALA A 624 29.74 -17.01 8.18
N PHE A 625 29.76 -18.34 8.17
CA PHE A 625 29.51 -19.09 6.95
C PHE A 625 28.06 -18.97 6.49
N ARG A 626 27.13 -19.11 7.43
CA ARG A 626 25.71 -19.03 7.10
C ARG A 626 25.29 -17.64 6.68
N THR A 627 25.81 -16.63 7.39
CA THR A 627 25.47 -15.24 7.09
C THR A 627 26.02 -14.85 5.72
N ASN A 628 27.20 -15.36 5.39
CA ASN A 628 27.80 -15.11 4.10
C ASN A 628 26.90 -15.62 2.97
N ARG A 629 26.10 -16.65 3.26
CA ARG A 629 25.08 -17.12 2.33
C ARG A 629 23.93 -16.13 2.23
N ARG A 630 23.48 -15.63 3.37
CA ARG A 630 22.36 -14.70 3.43
C ARG A 630 22.69 -13.38 2.72
N PHE A 631 23.96 -12.97 2.82
CA PHE A 631 24.42 -11.80 2.09
C PHE A 631 24.27 -12.01 0.59
N LYS A 632 24.68 -13.20 0.13
CA LYS A 632 24.60 -13.53 -1.29
C LYS A 632 23.14 -13.71 -1.74
N LEU A 633 22.26 -14.02 -0.78
CA LEU A 633 20.84 -14.17 -1.08
C LEU A 633 20.18 -12.82 -1.33
N VAL A 634 20.43 -11.89 -0.41
CA VAL A 634 19.89 -10.55 -0.50
C VAL A 634 20.44 -9.81 -1.72
N SER A 635 21.77 -9.86 -1.88
CA SER A 635 22.44 -9.15 -2.94
C SER A 635 22.47 -9.92 -4.25
N GLU A 636 21.62 -10.94 -4.37
CA GLU A 636 21.55 -11.72 -5.60
C GLU A 636 20.79 -10.93 -6.65
N GLY A 637 21.37 -10.86 -7.85
CA GLY A 637 20.73 -10.18 -8.96
C GLY A 637 20.86 -8.66 -8.91
N MET A 638 21.72 -8.19 -8.00
CA MET A 638 21.96 -6.76 -7.89
C MET A 638 23.44 -6.44 -8.14
N GLU A 639 23.68 -5.57 -9.12
CA GLU A 639 25.04 -5.19 -9.48
C GLU A 639 25.72 -4.46 -8.32
N ALA A 640 24.92 -3.75 -7.54
CA ALA A 640 25.43 -3.01 -6.38
C ALA A 640 25.22 -3.78 -5.10
N LYS A 641 26.30 -4.29 -4.53
CA LYS A 641 26.23 -5.08 -3.30
C LYS A 641 26.20 -4.18 -2.07
N ARG A 642 25.01 -4.05 -1.49
CA ARG A 642 24.84 -3.25 -0.28
C ARG A 642 24.45 -4.13 0.90
N LEU A 643 25.44 -4.46 1.72
CA LEU A 643 25.26 -5.39 2.84
C LEU A 643 25.01 -4.68 4.17
N SER A 644 24.21 -5.31 5.02
CA SER A 644 23.96 -4.79 6.36
C SER A 644 24.03 -5.93 7.38
N THR A 645 25.03 -5.86 8.26
CA THR A 645 25.36 -6.98 9.14
C THR A 645 24.80 -6.85 10.56
N ALA A 646 24.13 -7.91 11.02
CA ALA A 646 23.63 -7.96 12.39
C ALA A 646 24.42 -8.98 13.19
N PHE A 647 24.96 -8.56 14.32
CA PHE A 647 25.76 -9.44 15.16
C PHE A 647 24.95 -10.02 16.32
N ASP A 648 25.33 -11.21 16.79
CA ASP A 648 24.61 -11.83 17.90
C ASP A 648 24.90 -11.08 19.19
N SER A 649 24.05 -11.29 20.19
CA SER A 649 24.13 -10.56 21.45
C SER A 649 25.50 -10.71 22.12
N VAL A 650 26.15 -11.84 21.88
CA VAL A 650 27.46 -12.09 22.45
C VAL A 650 28.50 -11.15 21.84
N THR A 651 28.48 -11.03 20.52
CA THR A 651 29.43 -10.16 19.82
C THR A 651 29.13 -8.70 20.10
N LEU A 652 27.85 -8.35 20.19
CA LEU A 652 27.44 -6.98 20.45
C LEU A 652 27.98 -6.46 21.77
N TYR A 653 28.31 -7.37 22.68
CA TYR A 653 28.84 -7.00 23.98
C TYR A 653 30.33 -7.33 24.10
N GLY A 654 30.97 -7.55 22.96
CA GLY A 654 32.41 -7.73 22.90
C GLY A 654 32.92 -9.02 23.52
N GLU A 655 32.06 -10.01 23.64
CA GLU A 655 32.43 -11.25 24.31
C GLU A 655 32.69 -12.37 23.31
N ASP A 656 33.59 -13.28 23.66
CA ASP A 656 33.83 -14.48 22.88
C ASP A 656 32.78 -15.53 23.24
N PRO A 657 32.44 -16.41 22.28
CA PRO A 657 31.51 -17.50 22.58
C PRO A 657 32.11 -18.46 23.60
N HIS A 658 31.29 -18.92 24.54
CA HIS A 658 31.79 -19.79 25.60
C HIS A 658 30.79 -20.90 25.93
N GLU A 659 31.26 -21.91 26.66
CA GLU A 659 30.43 -23.06 26.99
C GLU A 659 29.33 -22.76 28.01
N ARG A 660 29.51 -21.75 28.86
CA ARG A 660 28.54 -21.46 29.90
C ARG A 660 27.16 -21.14 29.31
N PRO A 661 26.09 -21.77 29.84
CA PRO A 661 24.72 -21.63 29.34
C PRO A 661 24.23 -20.18 29.26
N ASP A 662 24.76 -19.33 30.14
CA ASP A 662 24.52 -17.89 30.07
C ASP A 662 24.81 -17.35 28.67
N ILE A 663 25.97 -17.73 28.17
CA ILE A 663 26.48 -17.21 26.90
C ILE A 663 26.18 -18.14 25.73
N TYR A 664 26.44 -19.43 25.92
CA TYR A 664 26.34 -20.42 24.85
C TYR A 664 25.02 -20.39 24.09
N GLY A 665 23.92 -20.29 24.82
CA GLY A 665 22.60 -20.29 24.22
C GLY A 665 22.31 -19.07 23.37
N LYS A 666 23.16 -18.05 23.48
CA LYS A 666 22.96 -16.80 22.76
C LYS A 666 23.87 -16.69 21.55
N VAL A 667 24.81 -17.63 21.43
CA VAL A 667 25.79 -17.59 20.35
C VAL A 667 25.15 -17.92 19.00
N GLY A 668 25.31 -17.03 18.04
CA GLY A 668 24.79 -17.25 16.71
C GLY A 668 23.31 -16.93 16.59
N ASN A 669 22.69 -16.58 17.71
CA ASN A 669 21.29 -16.16 17.70
C ASN A 669 21.16 -14.65 17.69
N SER A 670 20.13 -14.17 16.99
CA SER A 670 19.84 -12.74 16.84
C SER A 670 20.86 -12.02 15.96
N GLY A 671 21.83 -12.77 15.44
CA GLY A 671 22.86 -12.19 14.60
C GLY A 671 24.05 -13.10 14.39
N VAL A 672 24.93 -12.72 13.48
CA VAL A 672 26.11 -13.52 13.18
C VAL A 672 27.10 -13.48 14.33
N SER A 673 27.70 -14.63 14.65
CA SER A 673 28.71 -14.70 15.69
C SER A 673 30.10 -14.43 15.11
N ILE A 674 30.65 -13.27 15.42
CA ILE A 674 31.99 -12.89 14.96
C ILE A 674 32.90 -12.64 16.15
N ALA A 675 33.95 -13.46 16.27
CA ALA A 675 34.83 -13.39 17.44
C ALA A 675 36.28 -13.10 17.07
N THR A 676 36.70 -13.54 15.89
CA THR A 676 38.07 -13.32 15.45
C THR A 676 38.11 -12.66 14.08
N LEU A 677 39.30 -12.21 13.69
CA LEU A 677 39.48 -11.64 12.36
C LEU A 677 39.19 -12.68 11.28
N GLU A 678 39.44 -13.94 11.61
CA GLU A 678 39.22 -15.03 10.67
C GLU A 678 37.72 -15.23 10.40
N ASP A 679 36.90 -14.99 11.41
CA ASP A 679 35.45 -15.04 11.23
C ASP A 679 34.99 -13.89 10.35
N MET A 680 35.55 -12.71 10.60
CA MET A 680 35.22 -11.51 9.83
C MET A 680 35.58 -11.69 8.35
N LYS A 681 36.73 -12.33 8.10
CA LYS A 681 37.17 -12.60 6.73
C LYS A 681 36.18 -13.53 6.03
N VAL A 682 35.80 -14.60 6.72
CA VAL A 682 34.83 -15.56 6.20
C VAL A 682 33.49 -14.89 5.90
N LEU A 683 33.10 -13.98 6.78
CA LEU A 683 31.82 -13.28 6.67
C LEU A 683 31.65 -12.56 5.32
N TYR A 684 32.72 -11.93 4.84
CA TYR A 684 32.64 -11.14 3.62
C TYR A 684 33.43 -11.75 2.46
N ASP A 685 33.67 -13.06 2.53
CA ASP A 685 34.35 -13.76 1.45
C ASP A 685 33.49 -13.74 0.19
N GLY A 686 34.12 -13.44 -0.94
CA GLY A 686 33.38 -13.36 -2.19
C GLY A 686 32.90 -11.94 -2.47
N PHE A 687 33.05 -11.07 -1.48
CA PHE A 687 32.68 -9.67 -1.64
C PHE A 687 33.91 -8.77 -1.69
N ASP A 688 34.11 -8.09 -2.81
CA ASP A 688 35.21 -7.15 -2.93
C ASP A 688 34.87 -5.86 -2.19
N LEU A 689 35.42 -5.70 -0.99
CA LEU A 689 35.10 -4.56 -0.14
C LEU A 689 35.65 -3.26 -0.70
N THR A 690 36.72 -3.37 -1.49
CA THR A 690 37.35 -2.20 -2.09
C THR A 690 36.74 -1.85 -3.44
N ASN A 691 35.78 -2.65 -3.88
CA ASN A 691 35.03 -2.36 -5.09
C ASN A 691 34.15 -1.13 -4.88
N PRO A 692 34.10 -0.23 -5.87
CA PRO A 692 33.33 1.02 -5.76
C PRO A 692 31.82 0.81 -5.59
N SER A 693 31.31 -0.32 -6.07
CA SER A 693 29.87 -0.59 -6.01
C SER A 693 29.53 -1.56 -4.89
N THR A 694 30.39 -1.66 -3.89
CA THR A 694 30.15 -2.53 -2.75
C THR A 694 30.33 -1.79 -1.43
N SER A 695 29.25 -1.75 -0.63
CA SER A 695 29.30 -1.09 0.67
C SER A 695 28.75 -2.00 1.77
N VAL A 696 29.46 -2.04 2.89
CA VAL A 696 29.05 -2.89 4.01
C VAL A 696 28.67 -2.08 5.24
N SER A 697 27.48 -2.33 5.78
CA SER A 697 27.00 -1.61 6.96
C SER A 697 26.93 -2.51 8.19
N MET A 698 27.89 -2.34 9.09
CA MET A 698 27.94 -3.12 10.31
C MET A 698 27.26 -2.39 11.47
N THR A 699 26.30 -3.06 12.10
CA THR A 699 25.61 -2.48 13.24
C THR A 699 26.23 -2.96 14.54
N ILE A 700 27.15 -2.18 15.08
CA ILE A 700 27.86 -2.52 16.30
C ILE A 700 28.19 -1.24 17.07
N ASN A 701 28.09 -1.28 18.40
CA ASN A 701 28.24 -0.07 19.19
C ASN A 701 29.39 -0.12 20.19
N GLY A 702 29.21 -0.88 21.26
CA GLY A 702 30.24 -1.02 22.29
C GLY A 702 31.61 -1.41 21.76
N PRO A 703 31.70 -2.58 21.11
CA PRO A 703 32.96 -3.07 20.55
C PRO A 703 33.20 -2.58 19.13
N ALA A 704 32.50 -1.53 18.72
CA ALA A 704 32.60 -1.00 17.37
C ALA A 704 34.04 -0.73 16.90
N PRO A 705 34.89 -0.11 17.75
CA PRO A 705 36.25 0.08 17.24
C PRO A 705 36.99 -1.23 16.98
N THR A 706 36.77 -2.23 17.83
CA THR A 706 37.41 -3.53 17.67
C THR A 706 36.90 -4.23 16.40
N ILE A 707 35.59 -4.17 16.18
CA ILE A 707 34.98 -4.77 15.00
C ILE A 707 35.41 -4.04 13.73
N LEU A 708 35.49 -2.71 13.81
CA LEU A 708 35.91 -1.90 12.67
C LEU A 708 37.33 -2.26 12.24
N ALA A 709 38.20 -2.47 13.23
CA ALA A 709 39.58 -2.86 12.96
C ALA A 709 39.65 -4.20 12.25
N MET A 710 38.73 -5.10 12.60
CA MET A 710 38.63 -6.39 11.93
C MET A 710 38.21 -6.21 10.48
N PHE A 711 37.22 -5.37 10.26
CA PHE A 711 36.72 -5.11 8.91
C PHE A 711 37.80 -4.49 8.02
N MET A 712 38.47 -3.47 8.55
CA MET A 712 39.53 -2.79 7.81
C MET A 712 40.64 -3.77 7.44
N ASN A 713 41.05 -4.58 8.41
CA ASN A 713 42.06 -5.61 8.14
C ASN A 713 41.60 -6.60 7.09
N THR A 714 40.30 -6.90 7.11
CA THR A 714 39.73 -7.83 6.14
C THR A 714 39.81 -7.25 4.73
N ALA A 715 39.38 -5.99 4.58
CA ALA A 715 39.42 -5.31 3.30
C ALA A 715 40.84 -5.18 2.77
N ILE A 716 41.79 -4.98 3.68
CA ILE A 716 43.19 -4.89 3.32
C ILE A 716 43.72 -6.24 2.86
N ASP A 717 43.44 -7.29 3.64
CA ASP A 717 43.93 -8.63 3.33
C ASP A 717 43.37 -9.16 2.02
N GLN A 718 42.18 -8.70 1.65
CA GLN A 718 41.57 -9.10 0.40
C GLN A 718 42.41 -8.62 -0.79
N GLN A 719 42.87 -7.39 -0.72
CA GLN A 719 43.67 -6.82 -1.80
C GLN A 719 45.08 -7.38 -1.80
N ILE A 720 45.55 -7.83 -0.65
CA ILE A 720 46.84 -8.48 -0.55
C ILE A 720 46.77 -9.84 -1.24
N ASP A 721 45.64 -10.52 -1.06
CA ASP A 721 45.40 -11.80 -1.71
C ASP A 721 45.18 -11.62 -3.21
N ARG A 722 44.50 -10.54 -3.57
CA ARG A 722 44.23 -10.24 -4.98
C ARG A 722 45.53 -9.93 -5.72
N PHE A 723 46.45 -9.24 -5.04
CA PHE A 723 47.76 -8.94 -5.64
C PHE A 723 48.58 -10.21 -5.76
N ARG A 724 48.55 -11.04 -4.72
CA ARG A 724 49.34 -12.27 -4.69
C ARG A 724 48.88 -13.26 -5.76
N ALA A 725 47.65 -13.07 -6.23
CA ALA A 725 47.09 -13.93 -7.27
C ALA A 725 47.37 -13.36 -8.66
N ASP A 726 47.32 -12.04 -8.78
CA ASP A 726 47.52 -11.38 -10.06
C ASP A 726 48.99 -11.23 -10.41
N ASN A 727 49.86 -11.60 -9.48
CA ASN A 727 51.30 -11.50 -9.70
C ASN A 727 52.04 -12.77 -9.31
N GLY A 728 51.36 -13.66 -8.60
CA GLY A 728 51.93 -14.93 -8.20
C GLY A 728 53.08 -14.77 -7.21
N ARG A 729 53.02 -13.71 -6.42
CA ARG A 729 54.05 -13.43 -5.43
C ARG A 729 53.54 -12.45 -4.38
N ASP A 730 54.14 -12.50 -3.20
CA ASP A 730 53.81 -11.55 -2.13
C ASP A 730 54.32 -10.16 -2.49
N PRO A 731 53.52 -9.13 -2.21
CA PRO A 731 53.95 -7.75 -2.45
C PRO A 731 55.11 -7.37 -1.53
N THR A 732 56.03 -6.56 -2.03
CA THR A 732 57.15 -6.09 -1.21
C THR A 732 56.64 -5.18 -0.10
N ALA A 733 57.52 -4.85 0.84
CA ALA A 733 57.16 -3.99 1.97
C ALA A 733 56.63 -2.64 1.47
N ASP A 734 57.15 -2.20 0.33
CA ASP A 734 56.72 -0.95 -0.27
C ASP A 734 55.43 -1.13 -1.05
N GLU A 735 55.34 -2.22 -1.79
CA GLU A 735 54.14 -2.54 -2.57
C GLU A 735 52.94 -2.74 -1.64
N GLU A 736 53.15 -3.46 -0.55
CA GLU A 736 52.09 -3.71 0.42
C GLU A 736 51.65 -2.40 1.08
N ALA A 737 52.62 -1.55 1.40
CA ALA A 737 52.32 -0.26 2.02
C ALA A 737 51.45 0.61 1.12
N LYS A 738 51.68 0.52 -0.19
CA LYS A 738 50.88 1.26 -1.16
C LYS A 738 49.47 0.67 -1.23
N ILE A 739 49.39 -0.66 -1.24
CA ILE A 739 48.11 -1.36 -1.28
C ILE A 739 47.30 -1.09 -0.03
N ARG A 740 47.95 -1.23 1.12
CA ARG A 740 47.30 -1.07 2.42
C ARG A 740 46.71 0.34 2.57
N ALA A 741 47.47 1.34 2.13
CA ALA A 741 47.03 2.73 2.23
C ALA A 741 45.87 3.01 1.28
N TRP A 742 45.92 2.41 0.09
CA TRP A 742 44.89 2.61 -0.91
C TRP A 742 43.54 2.04 -0.46
N VAL A 743 43.60 0.87 0.18
CA VAL A 743 42.39 0.22 0.67
C VAL A 743 41.64 1.13 1.64
N LEU A 744 42.38 1.70 2.59
CA LEU A 744 41.79 2.57 3.61
C LEU A 744 41.09 3.78 3.00
N GLN A 745 41.60 4.26 1.88
CA GLN A 745 41.06 5.46 1.26
C GLN A 745 39.76 5.19 0.51
N ASN A 746 39.68 4.04 -0.15
CA ASN A 746 38.56 3.75 -1.05
C ASN A 746 37.52 2.80 -0.48
N VAL A 747 37.82 2.18 0.66
CA VAL A 747 36.88 1.23 1.27
C VAL A 747 35.56 1.92 1.62
N ARG A 748 34.47 1.35 1.15
CA ARG A 748 33.16 1.98 1.31
C ARG A 748 32.26 1.20 2.27
N GLY A 749 31.74 1.88 3.28
CA GLY A 749 30.88 1.25 4.26
C GLY A 749 30.52 2.16 5.42
N THR A 750 29.92 1.60 6.45
CA THR A 750 29.47 2.37 7.60
C THR A 750 29.49 1.57 8.90
N VAL A 751 30.05 2.14 9.96
CA VAL A 751 30.00 1.55 11.29
C VAL A 751 29.17 2.44 12.21
N GLN A 752 28.24 1.83 12.95
CA GLN A 752 27.30 2.59 13.76
C GLN A 752 27.98 3.36 14.89
N ALA A 753 28.36 2.65 15.96
CA ALA A 753 29.25 3.16 17.00
C ALA A 753 28.74 4.36 17.81
N ASP A 754 27.55 4.86 17.49
CA ASP A 754 27.00 6.02 18.21
C ASP A 754 26.79 5.66 19.69
N ILE A 755 27.73 6.10 20.52
CA ILE A 755 27.70 5.76 21.95
C ILE A 755 26.69 6.62 22.70
N LEU A 756 26.52 7.86 22.26
CA LEU A 756 25.55 8.76 22.89
C LEU A 756 24.15 8.14 22.91
N LYS A 757 23.83 7.36 21.88
CA LYS A 757 22.53 6.70 21.79
C LYS A 757 22.51 5.42 22.62
N GLU A 758 23.69 4.94 23.01
CA GLU A 758 23.76 3.74 23.82
C GLU A 758 23.28 4.03 25.22
N ASP A 759 23.75 5.14 25.78
CA ASP A 759 23.31 5.58 27.09
C ASP A 759 21.83 5.86 27.06
N GLN A 760 21.38 6.46 25.96
CA GLN A 760 19.99 6.91 25.84
C GLN A 760 19.02 5.83 25.37
N GLY A 761 19.46 4.98 24.44
CA GLY A 761 18.53 4.11 23.74
C GLY A 761 18.80 2.62 23.67
N GLN A 762 19.92 2.22 23.08
CA GLN A 762 20.12 0.81 22.75
C GLN A 762 20.79 0.00 23.86
N ASN A 763 21.58 0.66 24.71
CA ASN A 763 22.23 0.02 25.86
C ASN A 763 23.25 -1.05 25.46
N THR A 764 24.05 -0.75 24.43
CA THR A 764 25.10 -1.66 24.01
C THR A 764 26.46 -1.07 24.35
N CYS A 765 26.49 -0.13 25.29
CA CYS A 765 27.74 0.45 25.74
C CYS A 765 28.37 -0.44 26.80
N ILE A 766 29.56 -0.97 26.51
CA ILE A 766 30.23 -1.89 27.42
C ILE A 766 31.28 -1.18 28.28
N PHE A 767 32.12 -0.37 27.64
CA PHE A 767 33.08 0.45 28.36
C PHE A 767 32.35 1.67 28.92
N SER A 768 33.05 2.48 29.70
CA SER A 768 32.45 3.71 30.22
C SER A 768 32.16 4.69 29.08
N THR A 769 31.10 5.49 29.23
CA THR A 769 30.67 6.41 28.19
C THR A 769 31.81 7.31 27.71
N GLU A 770 32.56 7.85 28.66
CA GLU A 770 33.64 8.78 28.34
C GLU A 770 34.75 8.09 27.55
N PHE A 771 35.05 6.85 27.92
CA PHE A 771 36.10 6.10 27.22
C PHE A 771 35.67 5.76 25.80
N SER A 772 34.41 5.40 25.64
CA SER A 772 33.87 5.06 24.34
C SER A 772 33.96 6.24 23.39
N LEU A 773 33.64 7.43 23.91
CA LEU A 773 33.70 8.65 23.12
C LEU A 773 35.15 9.01 22.80
N LYS A 774 36.05 8.71 23.73
CA LYS A 774 37.48 8.93 23.51
C LYS A 774 37.96 8.09 22.34
N VAL A 775 37.63 6.81 22.34
CA VAL A 775 38.06 5.90 21.30
C VAL A 775 37.35 6.22 19.98
N MET A 776 36.10 6.66 20.07
CA MET A 776 35.34 7.02 18.88
C MET A 776 36.02 8.18 18.15
N GLY A 777 36.57 9.10 18.93
CA GLY A 777 37.32 10.21 18.36
C GLY A 777 38.61 9.73 17.73
N ASP A 778 39.26 8.77 18.39
CA ASP A 778 40.49 8.17 17.88
C ASP A 778 40.27 7.60 16.48
N ILE A 779 39.09 7.02 16.27
CA ILE A 779 38.73 6.46 14.97
C ILE A 779 38.66 7.54 13.91
N GLN A 780 38.00 8.65 14.24
CA GLN A 780 37.84 9.75 13.29
C GLN A 780 39.19 10.42 13.01
N GLU A 781 40.04 10.49 14.02
CA GLU A 781 41.38 11.04 13.82
C GLU A 781 42.19 10.12 12.90
N TYR A 782 42.06 8.81 13.11
CA TYR A 782 42.73 7.82 12.26
C TYR A 782 42.26 7.95 10.82
N PHE A 783 40.96 8.16 10.65
CA PHE A 783 40.37 8.30 9.32
C PHE A 783 40.95 9.50 8.57
N VAL A 784 41.08 10.62 9.28
CA VAL A 784 41.60 11.85 8.69
C VAL A 784 43.04 11.68 8.24
N HIS A 785 43.86 11.09 9.10
CA HIS A 785 45.27 10.90 8.81
C HIS A 785 45.49 10.01 7.59
N HIS A 786 44.64 9.01 7.43
CA HIS A 786 44.80 8.06 6.33
C HIS A 786 43.82 8.33 5.19
N GLN A 787 43.17 9.48 5.24
CA GLN A 787 42.27 9.93 4.18
C GLN A 787 41.16 8.93 3.87
N VAL A 788 40.58 8.34 4.92
CA VAL A 788 39.45 7.44 4.76
C VAL A 788 38.20 8.26 4.48
N ARG A 789 38.01 8.65 3.22
CA ARG A 789 36.95 9.58 2.86
C ARG A 789 35.69 8.89 2.33
N ASN A 790 35.67 7.56 2.37
CA ASN A 790 34.51 6.82 1.87
C ASN A 790 33.76 6.08 2.97
N PHE A 791 34.40 5.92 4.11
CA PHE A 791 33.79 5.19 5.22
C PHE A 791 33.17 6.16 6.20
N TYR A 792 32.03 5.78 6.76
CA TYR A 792 31.34 6.61 7.75
C TYR A 792 31.68 6.13 9.16
N SER A 793 32.39 6.99 9.90
CA SER A 793 32.92 6.61 11.20
C SER A 793 31.84 6.40 12.24
N VAL A 794 30.67 6.97 12.01
CA VAL A 794 29.56 6.85 12.95
C VAL A 794 28.22 7.06 12.27
N SER A 795 27.30 6.13 12.48
CA SER A 795 25.93 6.30 12.02
C SER A 795 25.08 6.85 13.17
N ILE A 796 25.04 8.17 13.27
CA ILE A 796 24.31 8.86 14.34
C ILE A 796 22.84 8.49 14.29
N SER A 797 22.42 7.63 15.23
CA SER A 797 21.12 6.99 15.11
C SER A 797 20.11 7.46 16.16
N GLY A 798 18.85 7.15 15.88
CA GLY A 798 17.75 7.43 16.78
C GLY A 798 16.65 6.41 16.61
N TYR A 799 16.82 5.55 15.62
CA TYR A 799 15.95 4.40 15.42
C TYR A 799 15.76 3.66 16.74
N HIS A 800 16.88 3.42 17.41
CA HIS A 800 16.91 2.67 18.66
C HIS A 800 16.16 3.43 19.74
N ILE A 801 16.41 4.72 19.80
CA ILE A 801 15.71 5.65 20.68
C ILE A 801 14.21 5.61 20.42
N ALA A 802 13.83 5.53 19.15
CA ALA A 802 12.42 5.46 18.78
C ALA A 802 11.80 4.12 19.17
N GLU A 803 12.49 3.04 18.87
CA GLU A 803 11.97 1.71 19.16
C GLU A 803 11.83 1.49 20.66
N ALA A 804 12.63 2.20 21.45
CA ALA A 804 12.50 2.18 22.89
C ALA A 804 11.16 2.79 23.31
N GLY A 805 10.62 3.67 22.48
CA GLY A 805 9.32 4.24 22.72
C GLY A 805 9.16 5.70 22.32
N ALA A 806 10.26 6.35 21.99
CA ALA A 806 10.24 7.78 21.67
C ALA A 806 9.45 8.08 20.41
N ASN A 807 8.57 9.08 20.49
CA ASN A 807 7.81 9.53 19.32
C ASN A 807 8.75 10.18 18.30
N PRO A 808 8.29 10.36 17.04
CA PRO A 808 9.17 10.91 15.99
C PRO A 808 9.84 12.23 16.35
N ILE A 809 9.17 13.09 17.11
CA ILE A 809 9.77 14.36 17.50
C ILE A 809 10.95 14.14 18.43
N SER A 810 10.73 13.33 19.46
CA SER A 810 11.80 13.01 20.41
C SER A 810 12.97 12.32 19.72
N GLN A 811 12.66 11.35 18.86
CA GLN A 811 13.69 10.61 18.13
C GLN A 811 14.56 11.55 17.31
N LEU A 812 13.91 12.33 16.45
CA LEU A 812 14.63 13.24 15.57
C LEU A 812 15.44 14.27 16.33
N ALA A 813 14.83 14.85 17.36
CA ALA A 813 15.48 15.88 18.17
C ALA A 813 16.70 15.33 18.90
N PHE A 814 16.52 14.21 19.60
CA PHE A 814 17.61 13.60 20.34
C PHE A 814 18.76 13.21 19.43
N THR A 815 18.42 12.68 18.25
CA THR A 815 19.43 12.20 17.30
C THR A 815 20.25 13.35 16.74
N LEU A 816 19.57 14.41 16.30
CA LEU A 816 20.27 15.59 15.80
C LEU A 816 21.09 16.21 16.90
N ALA A 817 20.55 16.21 18.12
CA ALA A 817 21.26 16.73 19.28
C ALA A 817 22.54 15.94 19.52
N ASN A 818 22.44 14.61 19.47
CA ASN A 818 23.60 13.75 19.61
C ASN A 818 24.61 14.01 18.51
N GLY A 819 24.11 14.20 17.29
CA GLY A 819 24.97 14.48 16.16
C GLY A 819 25.73 15.78 16.34
N PHE A 820 25.02 16.81 16.77
CA PHE A 820 25.63 18.12 17.02
C PHE A 820 26.61 18.06 18.17
N THR A 821 26.37 17.15 19.11
CA THR A 821 27.26 16.95 20.24
C THR A 821 28.61 16.44 19.77
N TYR A 822 28.58 15.48 18.84
CA TYR A 822 29.80 14.95 18.26
C TYR A 822 30.56 16.05 17.53
N VAL A 823 29.82 16.91 16.82
CA VAL A 823 30.42 18.03 16.11
C VAL A 823 31.15 18.94 17.08
N GLU A 824 30.46 19.37 18.13
CA GLU A 824 31.08 20.21 19.16
C GLU A 824 32.25 19.51 19.82
N ALA A 825 32.13 18.19 19.99
CA ALA A 825 33.17 17.41 20.64
C ALA A 825 34.44 17.39 19.80
N TYR A 826 34.29 17.20 18.50
CA TYR A 826 35.43 17.18 17.59
C TYR A 826 36.02 18.58 17.38
N LEU A 827 35.15 19.58 17.37
CA LEU A 827 35.60 20.96 17.20
C LEU A 827 36.45 21.42 18.37
N ALA A 828 36.06 20.99 19.58
CA ALA A 828 36.80 21.34 20.79
C ALA A 828 38.06 20.49 20.91
N ARG A 829 38.16 19.54 19.98
CA ARG A 829 39.22 18.53 19.97
C ARG A 829 40.25 18.82 18.88
N GLY A 830 39.95 19.80 18.03
CA GLY A 830 40.93 20.32 17.10
C GLY A 830 40.87 19.76 15.69
N MET A 831 39.67 19.48 15.20
CA MET A 831 39.50 19.02 13.84
C MET A 831 38.64 20.01 13.06
N HIS A 832 39.07 20.35 11.85
CA HIS A 832 38.33 21.27 11.00
C HIS A 832 36.94 20.71 10.72
N ILE A 833 35.92 21.58 10.71
CA ILE A 833 34.56 21.12 10.52
C ILE A 833 34.40 20.35 9.20
N ASP A 834 35.16 20.74 8.19
CA ASP A 834 35.09 20.09 6.88
C ASP A 834 35.88 18.79 6.82
N ASP A 835 36.42 18.37 7.96
CA ASP A 835 37.25 17.17 8.01
C ASP A 835 36.51 15.96 8.56
N PHE A 836 35.47 16.19 9.35
CA PHE A 836 34.74 15.08 9.95
C PHE A 836 33.25 15.09 9.63
N ALA A 837 32.73 16.26 9.27
CA ALA A 837 31.30 16.39 8.96
C ALA A 837 30.84 15.55 7.77
N PRO A 838 31.65 15.47 6.69
CA PRO A 838 31.20 14.60 5.60
C PRO A 838 31.19 13.12 5.97
N ASN A 839 31.91 12.75 7.02
CA ASN A 839 31.95 11.37 7.49
C ASN A 839 30.85 11.02 8.48
N LEU A 840 29.94 11.95 8.72
CA LEU A 840 28.85 11.73 9.67
C LEU A 840 27.62 11.17 8.96
N SER A 841 27.23 9.96 9.36
CA SER A 841 26.07 9.28 8.81
C SER A 841 24.95 9.27 9.83
N PHE A 842 23.71 9.21 9.35
CA PHE A 842 22.56 9.18 10.25
C PHE A 842 21.70 7.94 10.04
N PHE A 843 20.83 7.68 11.02
CA PHE A 843 19.96 6.52 10.99
C PHE A 843 18.68 6.88 11.70
N PHE A 844 17.56 6.68 11.02
CA PHE A 844 16.26 6.99 11.60
C PHE A 844 15.27 5.85 11.48
N SER A 845 14.17 5.97 12.24
CA SER A 845 13.08 5.02 12.20
C SER A 845 11.89 5.63 11.48
N ASN A 846 11.19 4.83 10.68
CA ASN A 846 9.95 5.29 10.07
C ASN A 846 8.75 4.48 10.55
N GLY A 847 7.91 5.11 11.36
CA GLY A 847 6.73 4.45 11.88
C GLY A 847 5.47 4.90 11.17
N MET A 848 4.34 4.78 11.86
CA MET A 848 3.05 5.12 11.26
C MET A 848 2.67 6.57 11.52
N ASP A 849 3.30 7.18 12.53
CA ASP A 849 2.99 8.55 12.92
C ASP A 849 3.15 9.51 11.74
N PRO A 850 2.30 10.55 11.68
CA PRO A 850 2.32 11.53 10.59
C PRO A 850 3.68 12.19 10.41
N GLU A 851 4.34 12.49 11.52
CA GLU A 851 5.62 13.21 11.49
C GLU A 851 6.69 12.46 10.73
N TYR A 852 6.57 11.13 10.65
CA TYR A 852 7.58 10.32 9.99
C TYR A 852 7.64 10.61 8.48
N SER A 853 6.56 11.15 7.94
CA SER A 853 6.49 11.47 6.52
C SER A 853 7.48 12.56 6.14
N VAL A 854 7.77 13.44 7.09
CA VAL A 854 8.64 14.58 6.83
C VAL A 854 9.87 14.60 7.75
N LEU A 855 10.17 13.46 8.36
CA LEU A 855 11.28 13.38 9.30
C LEU A 855 12.61 13.62 8.60
N GLY A 856 12.79 12.97 7.46
CA GLY A 856 14.04 13.07 6.72
C GLY A 856 14.32 14.46 6.20
N ARG A 857 13.31 15.08 5.59
CA ARG A 857 13.47 16.41 5.00
C ARG A 857 13.76 17.46 6.08
N VAL A 858 13.19 17.27 7.27
CA VAL A 858 13.44 18.19 8.37
C VAL A 858 14.89 18.06 8.84
N ALA A 859 15.35 16.82 8.98
CA ALA A 859 16.72 16.57 9.41
C ALA A 859 17.72 17.18 8.45
N ARG A 860 17.41 17.11 7.15
CA ARG A 860 18.30 17.65 6.14
C ARG A 860 18.40 19.17 6.22
N ARG A 861 17.27 19.84 6.42
CA ARG A 861 17.25 21.30 6.44
C ARG A 861 17.92 21.85 7.69
N ILE A 862 17.60 21.27 8.85
CA ILE A 862 18.20 21.69 10.11
C ILE A 862 19.71 21.55 10.06
N TRP A 863 20.16 20.45 9.47
CA TRP A 863 21.61 20.20 9.35
C TRP A 863 22.24 21.21 8.40
N ALA A 864 21.69 21.31 7.19
CA ALA A 864 22.25 22.16 6.14
C ALA A 864 22.36 23.62 6.58
N VAL A 865 21.28 24.14 7.17
CA VAL A 865 21.25 25.53 7.61
C VAL A 865 22.28 25.79 8.70
N THR A 866 22.31 24.92 9.72
CA THR A 866 23.23 25.09 10.82
C THR A 866 24.68 24.91 10.38
N MET A 867 24.95 23.91 9.55
CA MET A 867 26.32 23.67 9.10
C MET A 867 26.84 24.85 8.28
N ARG A 868 25.95 25.50 7.54
CA ARG A 868 26.34 26.64 6.72
C ARG A 868 26.48 27.90 7.56
N ASP A 869 25.40 28.29 8.24
CA ASP A 869 25.37 29.54 8.98
C ASP A 869 26.18 29.48 10.28
N LYS A 870 25.93 28.47 11.09
CA LYS A 870 26.57 28.38 12.40
C LYS A 870 28.04 27.94 12.32
N TYR A 871 28.29 26.82 11.66
CA TYR A 871 29.63 26.23 11.64
C TYR A 871 30.45 26.61 10.42
N GLY A 872 29.81 27.23 9.44
CA GLY A 872 30.49 27.72 8.25
C GLY A 872 31.22 26.64 7.47
N ALA A 873 30.61 25.47 7.39
CA ALA A 873 31.21 24.34 6.68
C ALA A 873 30.87 24.36 5.20
N ASN A 874 31.53 23.50 4.44
CA ASN A 874 31.34 23.48 2.99
C ASN A 874 30.10 22.70 2.58
N ASP A 875 29.91 22.56 1.27
CA ASP A 875 28.72 21.91 0.72
C ASP A 875 28.59 20.45 1.13
N ARG A 876 29.68 19.69 1.02
CA ARG A 876 29.68 18.28 1.38
C ARG A 876 29.27 18.06 2.84
N SER A 877 29.54 19.06 3.67
CA SER A 877 29.22 18.96 5.09
C SER A 877 27.77 19.31 5.39
N GLN A 878 27.19 20.18 4.56
CA GLN A 878 25.80 20.60 4.75
C GLN A 878 24.82 19.50 4.33
N LYS A 879 25.33 18.49 3.65
CA LYS A 879 24.50 17.41 3.14
C LYS A 879 24.39 16.27 4.15
N LEU A 880 23.22 16.14 4.77
CA LEU A 880 22.98 15.07 5.74
C LEU A 880 22.49 13.82 5.03
N LYS A 881 23.28 12.75 5.08
CA LYS A 881 22.87 11.47 4.52
C LYS A 881 22.41 10.55 5.63
N TYR A 882 21.33 9.82 5.40
CA TYR A 882 20.77 8.98 6.45
C TYR A 882 20.17 7.67 5.92
N HIS A 883 20.14 6.67 6.81
CA HIS A 883 19.49 5.40 6.53
C HIS A 883 18.17 5.34 7.29
N ILE A 884 17.13 4.87 6.62
CA ILE A 884 15.84 4.69 7.26
C ILE A 884 15.47 3.21 7.33
N GLN A 885 15.16 2.75 8.52
CA GLN A 885 14.66 1.39 8.70
C GLN A 885 13.23 1.44 9.23
N THR A 886 12.35 0.64 8.63
CA THR A 886 10.95 0.64 9.02
C THR A 886 10.82 0.22 10.47
N SER A 887 9.85 0.80 11.17
CA SER A 887 9.66 0.55 12.60
C SER A 887 9.36 -0.92 12.88
N GLY A 888 10.14 -1.51 13.77
CA GLY A 888 9.94 -2.90 14.14
C GLY A 888 8.88 -3.06 15.20
N ARG A 889 8.74 -2.06 16.06
CA ARG A 889 7.78 -2.13 17.15
C ARG A 889 6.35 -1.94 16.63
N SER A 890 6.25 -1.36 15.43
CA SER A 890 4.94 -1.16 14.78
C SER A 890 4.39 -2.46 14.23
N LEU A 891 5.25 -3.48 14.16
CA LEU A 891 4.82 -4.80 13.71
C LEU A 891 4.53 -5.70 14.92
N HIS A 892 3.54 -6.58 14.79
CA HIS A 892 3.07 -7.36 15.94
C HIS A 892 3.08 -8.86 15.69
N ALA A 893 2.91 -9.62 16.78
CA ALA A 893 2.90 -11.07 16.73
C ALA A 893 1.54 -11.59 16.29
N GLN A 894 0.50 -10.82 16.58
CA GLN A 894 -0.87 -11.20 16.19
C GLN A 894 -1.14 -10.81 14.74
N GLU A 895 -1.65 -11.76 13.95
CA GLU A 895 -1.93 -11.56 12.53
C GLU A 895 -0.71 -11.03 11.80
N ILE A 896 0.31 -11.88 11.65
CA ILE A 896 1.60 -11.46 11.13
C ILE A 896 1.54 -11.03 9.66
N ASP A 897 0.46 -11.41 8.97
CA ASP A 897 0.32 -11.03 7.57
C ASP A 897 0.01 -9.55 7.41
N PHE A 898 -0.45 -8.91 8.47
CA PHE A 898 -0.79 -7.49 8.42
C PHE A 898 0.45 -6.61 8.40
N ASN A 899 1.55 -7.15 8.91
CA ASN A 899 2.78 -6.38 9.05
C ASN A 899 3.36 -5.92 7.71
N ASP A 900 3.13 -6.71 6.66
CA ASP A 900 3.59 -6.35 5.33
C ASP A 900 2.89 -5.10 4.82
N ILE A 901 1.65 -4.88 5.29
CA ILE A 901 0.90 -3.68 4.95
C ILE A 901 1.56 -2.46 5.57
N ARG A 902 1.88 -2.55 6.86
CA ARG A 902 2.49 -1.45 7.59
C ARG A 902 3.89 -1.16 7.07
N THR A 903 4.65 -2.22 6.78
CA THR A 903 6.03 -2.07 6.34
C THR A 903 6.07 -1.43 4.95
N THR A 904 5.00 -1.63 4.18
CA THR A 904 4.89 -1.03 2.86
C THR A 904 4.72 0.48 2.95
N LEU A 905 3.75 0.90 3.75
CA LEU A 905 3.46 2.32 3.94
C LEU A 905 4.67 3.07 4.49
N GLN A 906 5.39 2.44 5.41
CA GLN A 906 6.57 3.06 6.01
C GLN A 906 7.69 3.15 5.00
N ALA A 907 7.83 2.12 4.17
CA ALA A 907 8.84 2.12 3.12
C ALA A 907 8.54 3.18 2.07
N LEU A 908 7.25 3.45 1.87
CA LEU A 908 6.82 4.40 0.85
C LEU A 908 7.25 5.82 1.19
N ILE A 909 6.89 6.31 2.37
CA ILE A 909 7.21 7.67 2.76
C ILE A 909 8.71 7.86 2.89
N ALA A 910 9.42 6.77 3.12
CA ALA A 910 10.88 6.81 3.17
C ALA A 910 11.44 7.16 1.79
N ILE A 911 10.94 6.46 0.78
CA ILE A 911 11.39 6.66 -0.60
C ILE A 911 10.87 7.99 -1.16
N TYR A 912 9.63 8.33 -0.82
CA TYR A 912 9.06 9.61 -1.22
C TYR A 912 9.94 10.76 -0.76
N ASP A 913 10.39 10.67 0.49
CA ASP A 913 11.19 11.75 1.08
C ASP A 913 12.67 11.57 0.75
N ASN A 914 12.95 10.82 -0.30
CA ASN A 914 14.28 10.69 -0.88
C ASN A 914 15.36 10.30 0.13
N CYS A 915 15.16 9.14 0.77
CA CYS A 915 16.14 8.61 1.71
C CYS A 915 17.36 8.08 0.97
N ASN A 916 18.46 7.88 1.69
CA ASN A 916 19.71 7.43 1.09
C ASN A 916 19.89 5.93 1.17
N SER A 917 19.24 5.32 2.16
CA SER A 917 19.33 3.88 2.37
C SER A 917 18.12 3.38 3.15
N LEU A 918 17.56 2.25 2.72
CA LEU A 918 16.31 1.77 3.31
C LEU A 918 16.35 0.27 3.66
N HIS A 919 15.99 -0.06 4.90
CA HIS A 919 15.79 -1.45 5.28
C HIS A 919 14.31 -1.74 5.49
N THR A 920 13.88 -2.90 5.04
CA THR A 920 12.49 -3.31 5.15
C THR A 920 12.34 -4.49 6.10
N ASN A 921 11.38 -4.39 7.03
CA ASN A 921 11.16 -5.45 8.00
C ASN A 921 10.26 -6.56 7.46
N ALA A 922 10.58 -7.79 7.86
CA ALA A 922 9.82 -8.96 7.43
C ALA A 922 8.51 -9.07 8.18
N TYR A 923 7.58 -9.87 7.67
CA TYR A 923 6.27 -10.02 8.29
C TYR A 923 6.35 -10.74 9.64
N ASP A 924 7.33 -11.62 9.81
CA ASP A 924 7.49 -12.33 11.09
C ASP A 924 8.40 -11.56 12.05
N GLU A 925 8.30 -10.24 11.99
CA GLU A 925 9.16 -9.33 12.75
C GLU A 925 9.11 -9.54 14.25
N ALA A 926 7.93 -9.84 14.78
CA ALA A 926 7.75 -9.95 16.22
C ALA A 926 8.26 -11.28 16.76
N ILE A 927 8.41 -12.26 15.88
CA ILE A 927 8.71 -13.63 16.30
C ILE A 927 10.16 -14.05 16.03
N THR A 928 10.69 -13.73 14.86
CA THR A 928 12.02 -14.20 14.51
C THR A 928 12.79 -13.31 13.55
N THR A 929 14.11 -13.52 13.51
CA THR A 929 14.95 -13.01 12.43
C THR A 929 14.41 -13.52 11.11
N PRO A 930 14.33 -12.64 10.09
CA PRO A 930 13.76 -12.94 8.77
C PRO A 930 14.18 -14.29 8.20
N THR A 931 13.20 -15.07 7.75
CA THR A 931 13.49 -16.36 7.13
C THR A 931 13.79 -16.14 5.66
N ALA A 932 14.15 -17.21 4.96
CA ALA A 932 14.48 -17.12 3.54
C ALA A 932 13.28 -16.62 2.74
N GLU A 933 12.09 -17.09 3.11
CA GLU A 933 10.85 -16.68 2.46
C GLU A 933 10.41 -15.31 2.97
N SER A 934 10.72 -15.05 4.23
CA SER A 934 10.27 -13.83 4.90
C SER A 934 11.07 -12.60 4.45
N VAL A 935 12.34 -12.80 4.16
CA VAL A 935 13.21 -11.71 3.75
C VAL A 935 12.94 -11.34 2.29
N ARG A 936 12.34 -12.26 1.54
CA ARG A 936 12.03 -11.99 0.14
C ARG A 936 10.79 -11.11 0.03
N ARG A 937 9.84 -11.31 0.94
CA ARG A 937 8.66 -10.46 0.99
C ARG A 937 9.07 -9.05 1.40
N ALA A 938 10.00 -8.96 2.33
CA ALA A 938 10.52 -7.67 2.77
C ALA A 938 11.27 -6.98 1.63
N LEU A 939 12.05 -7.75 0.89
CA LEU A 939 12.86 -7.21 -0.19
C LEU A 939 11.98 -6.83 -1.38
N ALA A 940 10.82 -7.47 -1.48
CA ALA A 940 9.90 -7.21 -2.58
C ALA A 940 9.20 -5.87 -2.43
N ILE A 941 8.96 -5.47 -1.18
CA ILE A 941 8.31 -4.20 -0.89
C ILE A 941 9.07 -3.05 -1.54
N GLN A 942 10.39 -3.08 -1.45
CA GLN A 942 11.21 -2.03 -2.05
C GLN A 942 11.22 -2.15 -3.57
N LEU A 943 11.32 -3.38 -4.06
CA LEU A 943 11.37 -3.62 -5.49
C LEU A 943 10.09 -3.19 -6.18
N ILE A 944 8.95 -3.45 -5.54
CA ILE A 944 7.66 -3.09 -6.12
C ILE A 944 7.48 -1.58 -6.16
N ILE A 945 7.83 -0.90 -5.07
CA ILE A 945 7.71 0.55 -5.04
C ILE A 945 8.65 1.21 -6.04
N ASN A 946 9.90 0.78 -6.05
CA ASN A 946 10.90 1.40 -6.91
C ASN A 946 10.69 1.14 -8.40
N ARG A 947 10.19 -0.05 -8.74
CA ARG A 947 10.06 -0.42 -10.14
C ARG A 947 8.63 -0.27 -10.66
N GLU A 948 7.66 -0.79 -9.91
CA GLU A 948 6.30 -0.84 -10.39
C GLU A 948 5.50 0.42 -10.07
N TRP A 949 5.67 0.94 -8.86
CA TRP A 949 4.83 2.03 -8.37
C TRP A 949 5.00 3.30 -9.19
N GLY A 950 3.87 3.87 -9.59
CA GLY A 950 3.87 4.98 -10.53
C GLY A 950 4.29 6.31 -9.98
N VAL A 951 3.76 6.67 -8.82
CA VAL A 951 4.09 7.94 -8.18
C VAL A 951 5.59 8.02 -7.91
N ALA A 952 6.19 6.87 -7.66
CA ALA A 952 7.61 6.79 -7.32
C ALA A 952 8.52 7.19 -8.49
N LYS A 953 7.97 7.21 -9.70
CA LYS A 953 8.72 7.61 -10.88
C LYS A 953 9.11 9.08 -10.80
N CYS A 954 8.41 9.81 -9.94
CA CYS A 954 8.77 11.19 -9.62
C CYS A 954 9.61 11.20 -8.35
N GLU A 955 10.64 12.04 -8.30
CA GLU A 955 11.60 11.99 -7.21
C GLU A 955 11.33 13.02 -6.12
N ASN A 956 10.42 13.96 -6.38
CA ASN A 956 10.01 14.91 -5.35
C ASN A 956 8.49 15.05 -5.23
N PRO A 957 7.78 13.92 -5.03
CA PRO A 957 6.32 14.01 -5.01
C PRO A 957 5.80 14.70 -3.73
N ASN A 958 6.64 14.75 -2.71
CA ASN A 958 6.26 15.41 -1.47
C ASN A 958 6.21 16.92 -1.63
N GLN A 959 7.09 17.46 -2.46
CA GLN A 959 7.23 18.90 -2.61
C GLN A 959 6.00 19.56 -3.19
N GLY A 960 5.59 20.67 -2.57
CA GLY A 960 4.40 21.39 -2.97
C GLY A 960 3.21 21.12 -2.08
N SER A 961 3.10 19.88 -1.61
CA SER A 961 1.98 19.47 -0.76
C SER A 961 1.81 20.38 0.45
N PHE A 962 0.61 20.92 0.60
CA PHE A 962 0.32 21.83 1.71
C PHE A 962 0.54 21.13 3.05
N LEU A 963 0.12 19.88 3.13
CA LEU A 963 0.31 19.09 4.34
C LEU A 963 1.78 18.87 4.65
N ILE A 964 2.55 18.48 3.64
CA ILE A 964 3.98 18.21 3.81
C ILE A 964 4.73 19.45 4.27
N GLU A 965 4.45 20.58 3.65
CA GLU A 965 5.15 21.82 3.99
C GLU A 965 4.77 22.31 5.38
N GLU A 966 3.51 22.15 5.75
CA GLU A 966 3.07 22.56 7.08
C GLU A 966 3.65 21.63 8.13
N LEU A 967 3.60 20.32 7.86
CA LEU A 967 4.17 19.33 8.77
C LEU A 967 5.66 19.52 8.94
N THR A 968 6.33 19.83 7.84
CA THR A 968 7.77 20.07 7.86
C THR A 968 8.11 21.22 8.80
N ASP A 969 7.36 22.31 8.70
CA ASP A 969 7.59 23.48 9.54
C ASP A 969 7.31 23.18 11.01
N LEU A 970 6.23 22.45 11.27
CA LEU A 970 5.83 22.13 12.64
C LEU A 970 6.85 21.23 13.33
N VAL A 971 7.20 20.13 12.67
CA VAL A 971 8.17 19.18 13.20
C VAL A 971 9.51 19.87 13.47
N GLU A 972 9.93 20.70 12.52
CA GLU A 972 11.19 21.43 12.63
C GLU A 972 11.24 22.28 13.90
N GLU A 973 10.22 23.11 14.09
CA GLU A 973 10.14 23.98 15.25
C GLU A 973 10.04 23.18 16.55
N ALA A 974 9.29 22.08 16.50
CA ALA A 974 9.15 21.20 17.66
C ALA A 974 10.51 20.63 18.05
N VAL A 975 11.33 20.30 17.06
CA VAL A 975 12.68 19.81 17.28
C VAL A 975 13.54 20.92 17.91
N LEU A 976 13.41 22.13 17.39
CA LEU A 976 14.17 23.27 17.90
C LEU A 976 13.85 23.56 19.36
N GLN A 977 12.58 23.42 19.72
CA GLN A 977 12.15 23.65 21.09
C GLN A 977 12.76 22.58 22.01
N GLU A 978 12.86 21.36 21.51
CA GLU A 978 13.45 20.28 22.28
C GLU A 978 14.95 20.51 22.46
N PHE A 979 15.58 21.11 21.46
CA PHE A 979 16.99 21.49 21.57
C PHE A 979 17.19 22.40 22.77
N GLU A 980 16.27 23.35 22.91
CA GLU A 980 16.33 24.35 23.96
C GLU A 980 16.12 23.72 25.34
N ARG A 981 15.29 22.68 25.39
CA ARG A 981 15.06 21.97 26.65
C ARG A 981 16.32 21.22 27.08
N ILE A 982 17.03 20.66 26.11
CA ILE A 982 18.28 19.95 26.40
C ILE A 982 19.37 20.94 26.77
N ALA A 983 19.35 22.11 26.12
CA ALA A 983 20.35 23.14 26.34
C ALA A 983 20.28 23.70 27.76
N GLU A 984 19.07 23.80 28.30
CA GLU A 984 18.89 24.32 29.65
C GLU A 984 19.09 23.22 30.69
N ARG A 985 19.52 22.05 30.22
CA ARG A 985 19.85 20.94 31.11
C ARG A 985 21.34 20.60 31.02
N GLY A 986 22.08 21.47 30.35
CA GLY A 986 23.53 21.35 30.28
C GLY A 986 24.04 20.67 29.02
N GLY A 987 23.23 20.70 27.97
CA GLY A 987 23.57 20.02 26.73
C GLY A 987 23.19 18.56 26.80
N VAL A 988 23.52 17.80 25.75
CA VAL A 988 23.17 16.39 25.70
C VAL A 988 23.84 15.62 26.84
N LEU A 989 25.12 15.91 27.08
CA LEU A 989 25.85 15.26 28.16
C LEU A 989 25.26 15.62 29.51
N GLY A 990 24.88 16.88 29.68
CA GLY A 990 24.28 17.33 30.92
C GLY A 990 22.92 16.72 31.16
N ALA A 991 22.15 16.56 30.08
CA ALA A 991 20.84 15.94 30.17
C ALA A 991 20.97 14.46 30.52
N MET A 992 21.97 13.81 29.93
CA MET A 992 22.23 12.40 30.20
C MET A 992 22.61 12.19 31.66
N GLU A 993 23.26 13.18 32.24
CA GLU A 993 23.68 13.13 33.64
C GLU A 993 22.47 13.00 34.55
N THR A 994 21.36 13.62 34.14
CA THR A 994 20.12 13.58 34.91
C THR A 994 19.22 12.45 34.43
N GLY A 995 19.59 11.82 33.33
CA GLY A 995 18.78 10.78 32.73
C GLY A 995 17.52 11.37 32.10
N TYR A 996 17.67 12.57 31.52
CA TYR A 996 16.54 13.26 30.91
C TYR A 996 16.00 12.50 29.70
N GLN A 997 16.90 12.11 28.80
CA GLN A 997 16.50 11.39 27.60
C GLN A 997 15.82 10.07 27.95
N ARG A 998 16.49 9.25 28.76
CA ARG A 998 15.95 7.97 29.15
C ARG A 998 14.61 8.14 29.85
N GLY A 999 14.50 9.16 30.69
CA GLY A 999 13.25 9.45 31.37
C GLY A 999 12.14 9.79 30.40
N LYS A 1000 12.45 10.64 29.42
CA LYS A 1000 11.46 11.07 28.46
C LYS A 1000 11.08 9.96 27.50
N ILE A 1001 12.05 9.15 27.10
CA ILE A 1001 11.79 8.00 26.24
C ILE A 1001 10.87 7.00 26.93
N GLN A 1002 11.23 6.61 28.15
CA GLN A 1002 10.45 5.62 28.89
C GLN A 1002 9.05 6.13 29.21
N GLU A 1003 8.92 7.44 29.41
CA GLU A 1003 7.62 8.05 29.64
C GLU A 1003 6.73 7.91 28.41
N GLU A 1004 7.30 8.23 27.24
CA GLU A 1004 6.55 8.14 25.98
C GLU A 1004 6.25 6.69 25.63
N SER A 1005 7.16 5.79 25.99
CA SER A 1005 6.97 4.36 25.79
C SER A 1005 5.76 3.87 26.60
N LEU A 1006 5.63 4.38 27.82
CA LEU A 1006 4.53 4.00 28.68
C LEU A 1006 3.23 4.57 28.15
N TYR A 1007 3.27 5.83 27.72
CA TYR A 1007 2.09 6.51 27.18
C TYR A 1007 1.55 5.77 25.96
N TYR A 1008 2.45 5.36 25.07
CA TYR A 1008 2.05 4.59 23.89
C TYR A 1008 1.44 3.26 24.32
N GLU A 1009 2.15 2.54 25.18
CA GLU A 1009 1.74 1.22 25.60
C GLU A 1009 0.44 1.24 26.38
N GLN A 1010 0.25 2.29 27.17
CA GLN A 1010 -0.99 2.44 27.93
C GLN A 1010 -2.17 2.51 26.98
N LEU A 1011 -1.92 3.07 25.78
CA LEU A 1011 -2.98 3.26 24.79
C LEU A 1011 -3.16 2.05 23.89
N LYS A 1012 -2.08 1.31 23.65
CA LYS A 1012 -2.13 0.15 22.76
C LYS A 1012 -3.05 -0.92 23.34
N HIS A 1013 -2.88 -1.17 24.65
CA HIS A 1013 -3.71 -2.12 25.36
C HIS A 1013 -5.10 -1.54 25.60
N ASP A 1014 -5.13 -0.24 25.90
CA ASP A 1014 -6.36 0.50 26.14
C ASP A 1014 -7.34 0.33 24.98
N GLY A 1015 -6.94 0.82 23.81
CA GLY A 1015 -7.81 0.78 22.66
C GLY A 1015 -7.95 2.15 22.04
N THR A 1016 -7.57 3.19 22.80
CA THR A 1016 -7.63 4.56 22.30
C THR A 1016 -6.82 4.68 21.02
N LEU A 1017 -5.68 4.00 21.00
CA LEU A 1017 -4.84 3.94 19.81
C LEU A 1017 -5.09 2.62 19.09
N PRO A 1018 -5.88 2.65 18.01
CA PRO A 1018 -6.27 1.44 17.28
C PRO A 1018 -5.09 0.75 16.61
N ILE A 1019 -4.94 -0.55 16.90
CA ILE A 1019 -3.94 -1.37 16.23
C ILE A 1019 -4.65 -2.57 15.62
N ILE A 1020 -4.76 -2.60 14.30
CA ILE A 1020 -5.54 -3.62 13.62
C ILE A 1020 -4.98 -5.02 13.83
N GLY A 1021 -5.81 -5.90 14.38
CA GLY A 1021 -5.41 -7.27 14.66
C GLY A 1021 -4.92 -7.46 16.07
N VAL A 1022 -4.76 -6.36 16.81
CA VAL A 1022 -4.23 -6.42 18.16
C VAL A 1022 -5.28 -6.02 19.20
N ASN A 1023 -5.72 -4.76 19.17
CA ASN A 1023 -6.72 -4.29 20.11
C ASN A 1023 -8.07 -4.09 19.42
N THR A 1024 -8.10 -4.31 18.12
CA THR A 1024 -9.33 -4.22 17.35
C THR A 1024 -9.25 -5.11 16.12
N PHE A 1025 -10.39 -5.53 15.61
CA PHE A 1025 -10.48 -6.43 14.46
C PHE A 1025 -9.68 -7.71 14.70
N ARG A 1026 -9.95 -8.34 15.83
CA ARG A 1026 -9.31 -9.60 16.19
C ARG A 1026 -9.81 -10.73 15.31
N ASN A 1027 -9.08 -11.85 15.31
CA ASN A 1027 -9.47 -13.02 14.54
C ASN A 1027 -10.50 -13.86 15.30
N PRO A 1028 -11.61 -14.21 14.65
CA PRO A 1028 -12.60 -15.11 15.26
C PRO A 1028 -12.00 -16.48 15.62
N ASN A 1029 -10.89 -16.84 14.99
CA ASN A 1029 -10.20 -18.08 15.31
C ASN A 1029 -9.25 -17.91 16.50
N GLY A 1030 -8.38 -16.90 16.42
CA GLY A 1030 -7.43 -16.62 17.47
C GLY A 1030 -6.00 -16.98 17.09
N ASP A 1031 -5.80 -17.24 15.81
CA ASP A 1031 -4.49 -17.65 15.30
C ASP A 1031 -3.50 -16.49 15.27
N PRO A 1032 -2.35 -16.65 15.95
CA PRO A 1032 -1.30 -15.64 16.01
C PRO A 1032 -0.43 -15.62 14.75
N GLN A 1035 -0.46 -21.12 14.22
CA GLN A 1035 0.17 -22.30 13.67
C GLN A 1035 1.67 -22.31 13.97
N THR A 1036 2.40 -23.21 13.31
CA THR A 1036 3.84 -23.33 13.51
C THR A 1036 4.62 -22.59 12.43
N LEU A 1037 5.31 -21.53 12.82
CA LEU A 1037 6.12 -20.73 11.91
C LEU A 1037 7.58 -21.17 11.97
N GLU A 1038 8.30 -21.01 10.86
CA GLU A 1038 9.72 -21.34 10.83
C GLU A 1038 10.52 -20.29 11.59
N LEU A 1039 11.51 -20.73 12.35
CA LEU A 1039 12.28 -19.81 13.19
C LEU A 1039 13.75 -19.78 12.80
N ALA A 1040 14.40 -18.65 13.07
CA ALA A 1040 15.80 -18.46 12.74
C ALA A 1040 16.67 -18.57 13.99
N ARG A 1041 16.97 -19.80 14.39
CA ARG A 1041 17.86 -20.05 15.51
C ARG A 1041 19.16 -20.62 14.96
N SER A 1042 20.18 -20.77 15.81
CA SER A 1042 21.46 -21.25 15.31
C SER A 1042 21.63 -22.75 15.53
N SER A 1043 22.28 -23.40 14.57
CA SER A 1043 22.53 -24.83 14.66
C SER A 1043 23.50 -25.14 15.80
N GLU A 1044 23.37 -26.34 16.37
CA GLU A 1044 24.26 -26.78 17.43
C GLU A 1044 25.69 -26.93 16.90
N ASP A 1045 25.80 -27.43 15.67
CA ASP A 1045 27.09 -27.58 15.03
C ASP A 1045 27.77 -26.24 14.84
N GLU A 1046 26.98 -25.22 14.55
CA GLU A 1046 27.49 -23.87 14.34
C GLU A 1046 28.07 -23.30 15.63
N LYS A 1047 27.43 -23.61 16.75
CA LYS A 1047 27.93 -23.17 18.04
C LYS A 1047 29.27 -23.82 18.35
N GLN A 1048 29.32 -25.15 18.18
CA GLN A 1048 30.54 -25.90 18.40
C GLN A 1048 31.63 -25.50 17.42
N SER A 1049 31.23 -25.12 16.21
CA SER A 1049 32.17 -24.63 15.22
C SER A 1049 32.88 -23.37 15.72
N GLN A 1050 32.09 -22.41 16.19
CA GLN A 1050 32.62 -21.14 16.69
C GLN A 1050 33.56 -21.34 17.87
N LEU A 1051 33.23 -22.31 18.72
CA LEU A 1051 34.08 -22.61 19.87
C LEU A 1051 35.40 -23.21 19.42
N HIS A 1052 35.34 -24.12 18.45
CA HIS A 1052 36.53 -24.79 17.94
C HIS A 1052 37.38 -23.84 17.12
N ARG A 1053 36.74 -22.94 16.37
CA ARG A 1053 37.46 -21.93 15.60
C ARG A 1053 38.20 -20.98 16.52
N LEU A 1054 37.54 -20.61 17.62
CA LEU A 1054 38.12 -19.68 18.58
C LEU A 1054 39.36 -20.26 19.25
N THR A 1055 39.23 -21.47 19.79
CA THR A 1055 40.35 -22.11 20.48
C THR A 1055 41.49 -22.40 19.51
N GLU A 1056 41.16 -22.52 18.23
CA GLU A 1056 42.18 -22.74 17.21
C GLU A 1056 42.90 -21.43 16.91
N PHE A 1057 42.13 -20.34 16.85
CA PHE A 1057 42.69 -19.01 16.64
C PHE A 1057 43.58 -18.62 17.82
N HIS A 1058 43.10 -18.89 19.02
CA HIS A 1058 43.85 -18.60 20.25
C HIS A 1058 45.17 -19.35 20.27
N GLY A 1059 45.14 -20.62 19.90
CA GLY A 1059 46.35 -21.43 19.87
C GLY A 1059 47.34 -20.94 18.83
N ALA A 1060 46.83 -20.33 17.78
CA ALA A 1060 47.66 -19.84 16.68
C ALA A 1060 48.52 -18.65 17.09
N HIS A 1061 47.93 -17.73 17.84
CA HIS A 1061 48.63 -16.51 18.25
C HIS A 1061 48.89 -16.51 19.76
N GLN A 1062 49.07 -17.68 20.34
CA GLN A 1062 49.26 -17.81 21.78
C GLN A 1062 50.51 -17.09 22.25
N ALA A 1063 51.51 -17.01 21.37
CA ALA A 1063 52.77 -16.36 21.72
C ALA A 1063 52.63 -14.85 21.81
N ASP A 1064 51.97 -14.25 20.83
CA ASP A 1064 51.90 -12.79 20.73
C ASP A 1064 50.67 -12.21 21.41
N ALA A 1065 49.85 -13.07 22.00
CA ALA A 1065 48.57 -12.65 22.57
C ALA A 1065 48.74 -11.71 23.76
N GLU A 1066 49.40 -12.20 24.81
CA GLU A 1066 49.57 -11.43 26.04
C GLU A 1066 50.34 -10.13 25.78
N ALA A 1067 51.32 -10.20 24.89
CA ALA A 1067 52.15 -9.05 24.57
C ALA A 1067 51.35 -7.94 23.89
N MET A 1068 50.49 -8.33 22.96
CA MET A 1068 49.67 -7.36 22.22
C MET A 1068 48.65 -6.69 23.12
N LEU A 1069 48.02 -7.48 23.98
CA LEU A 1069 47.03 -6.95 24.93
C LEU A 1069 47.66 -5.97 25.89
N ALA A 1070 48.90 -6.25 26.30
CA ALA A 1070 49.65 -5.35 27.16
C ALA A 1070 49.92 -4.03 26.47
N ARG A 1071 50.27 -4.10 25.19
CA ARG A 1071 50.49 -2.90 24.39
C ARG A 1071 49.22 -2.07 24.30
N LEU A 1072 48.08 -2.75 24.21
CA LEU A 1072 46.79 -2.10 24.08
C LEU A 1072 46.45 -1.29 25.33
N ARG A 1073 46.71 -1.87 26.50
CA ARG A 1073 46.43 -1.16 27.74
C ARG A 1073 47.40 0.01 27.93
N GLN A 1074 48.64 -0.17 27.48
CA GLN A 1074 49.63 0.90 27.55
C GLN A 1074 49.24 2.06 26.65
N ALA A 1075 48.47 1.75 25.60
CA ALA A 1075 47.99 2.77 24.69
C ALA A 1075 46.95 3.66 25.37
N VAL A 1076 46.20 3.07 26.29
CA VAL A 1076 45.18 3.80 27.02
C VAL A 1076 45.83 4.59 28.17
N ILE A 1077 46.77 3.95 28.86
CA ILE A 1077 47.48 4.56 29.97
C ILE A 1077 48.27 5.78 29.49
N ASP A 1078 49.09 5.59 28.46
CA ASP A 1078 49.90 6.67 27.92
C ASP A 1078 49.04 7.64 27.10
N ASN A 1079 47.75 7.33 26.99
CA ASN A 1079 46.78 8.16 26.30
C ASN A 1079 47.15 8.43 24.85
N ARG A 1080 47.44 7.35 24.12
CA ARG A 1080 47.69 7.44 22.68
C ARG A 1080 46.41 7.09 21.93
N ASN A 1081 46.54 6.76 20.64
CA ASN A 1081 45.38 6.40 19.83
C ASN A 1081 45.05 4.91 19.96
N VAL A 1082 43.88 4.62 20.54
CA VAL A 1082 43.49 3.23 20.80
C VAL A 1082 43.22 2.46 19.51
N PHE A 1083 42.52 3.08 18.57
CA PHE A 1083 42.15 2.40 17.33
C PHE A 1083 43.37 2.04 16.51
N ALA A 1084 44.40 2.89 16.55
CA ALA A 1084 45.63 2.64 15.82
C ALA A 1084 46.28 1.34 16.27
N VAL A 1085 46.12 1.01 17.55
CA VAL A 1085 46.65 -0.23 18.09
C VAL A 1085 45.73 -1.40 17.74
N LEU A 1086 44.43 -1.13 17.70
CA LEU A 1086 43.45 -2.16 17.37
C LEU A 1086 43.65 -2.69 15.95
N MET A 1087 44.20 -1.85 15.08
CA MET A 1087 44.47 -2.27 13.71
C MET A 1087 45.52 -3.38 13.66
N ASP A 1088 46.28 -3.51 14.75
CA ASP A 1088 47.25 -4.58 14.88
C ASP A 1088 46.75 -5.64 15.84
N ALA A 1089 45.94 -5.22 16.81
CA ALA A 1089 45.50 -6.09 17.89
C ALA A 1089 44.58 -7.21 17.41
N VAL A 1090 43.70 -6.90 16.46
CA VAL A 1090 42.69 -7.87 16.01
C VAL A 1090 43.30 -8.99 15.17
N ARG A 1091 44.60 -8.92 14.93
CA ARG A 1091 45.30 -9.94 14.15
C ARG A 1091 45.78 -11.10 15.00
N VAL A 1092 45.91 -10.87 16.31
CA VAL A 1092 46.43 -11.89 17.21
C VAL A 1092 45.55 -12.08 18.43
N CYS A 1093 44.49 -11.28 18.51
CA CYS A 1093 43.60 -11.32 19.67
C CYS A 1093 42.15 -11.48 19.26
N SER A 1094 41.38 -12.18 20.08
CA SER A 1094 39.96 -12.35 19.84
C SER A 1094 39.18 -11.14 20.36
N LEU A 1095 37.90 -11.07 20.02
CA LEU A 1095 37.04 -9.97 20.44
C LEU A 1095 37.00 -9.85 21.96
N GLY A 1096 36.80 -10.98 22.62
CA GLY A 1096 36.71 -11.01 24.07
C GLY A 1096 38.00 -10.59 24.76
N GLN A 1097 39.12 -11.07 24.23
CA GLN A 1097 40.43 -10.75 24.79
C GLN A 1097 40.66 -9.24 24.80
N ILE A 1098 40.33 -8.59 23.69
CA ILE A 1098 40.50 -7.15 23.55
C ILE A 1098 39.57 -6.39 24.49
N THR A 1099 38.31 -6.79 24.52
CA THR A 1099 37.31 -6.16 25.37
C THR A 1099 37.71 -6.23 26.85
N HIS A 1100 38.06 -7.43 27.29
CA HIS A 1100 38.42 -7.63 28.70
C HIS A 1100 39.71 -6.93 29.06
N ALA A 1101 40.62 -6.82 28.09
CA ALA A 1101 41.86 -6.09 28.32
C ALA A 1101 41.56 -4.61 28.51
N LEU A 1102 40.63 -4.09 27.71
CA LEU A 1102 40.22 -2.70 27.82
C LEU A 1102 39.45 -2.44 29.12
N PHE A 1103 38.77 -3.47 29.61
CA PHE A 1103 38.08 -3.37 30.90
C PHE A 1103 39.05 -3.02 32.03
N GLU A 1104 40.26 -3.54 31.96
CA GLU A 1104 41.24 -3.28 33.01
C GLU A 1104 41.81 -1.86 32.94
N VAL A 1105 41.45 -1.13 31.88
CA VAL A 1105 42.07 0.17 31.64
C VAL A 1105 41.07 1.22 31.13
N GLY A 1106 39.90 0.77 30.70
CA GLY A 1106 38.87 1.68 30.21
C GLY A 1106 37.59 1.59 31.01
N GLY A 1107 37.51 0.59 31.88
CA GLY A 1107 36.39 0.43 32.78
C GLY A 1107 35.14 -0.13 32.15
N GLN A 1108 34.08 -0.22 32.95
CA GLN A 1108 32.80 -0.74 32.47
C GLN A 1108 31.72 0.32 32.56
N TYR A 1109 30.72 0.20 31.70
CA TYR A 1109 29.61 1.14 31.66
C TYR A 1109 28.80 1.09 32.95
N ARG A 1110 28.50 2.26 33.51
CA ARG A 1110 27.66 2.35 34.69
C ARG A 1110 26.22 2.61 34.28
N ARG A 1111 25.36 1.61 34.46
CA ARG A 1111 23.97 1.69 34.03
C ARG A 1111 23.26 2.91 34.61
N ASN A 1112 22.28 3.44 33.87
CA ASN A 1112 21.67 4.71 34.22
C ASN A 1112 20.15 4.67 34.36
N MET A 1113 19.62 3.49 34.67
CA MET A 1113 18.20 3.33 34.96
C MET A 1113 17.30 3.67 33.76
N GLY B 42 -4.45 -27.34 -51.21
CA GLY B 42 -4.69 -27.64 -49.81
C GLY B 42 -5.07 -29.09 -49.58
N PRO B 43 -6.31 -29.32 -49.11
CA PRO B 43 -6.82 -30.67 -48.84
C PRO B 43 -7.30 -31.38 -50.11
N ALA B 44 -7.48 -32.70 -50.02
CA ALA B 44 -7.90 -33.49 -51.18
C ALA B 44 -9.37 -33.24 -51.53
N ASN B 45 -10.21 -33.16 -50.51
CA ASN B 45 -11.63 -32.90 -50.71
C ASN B 45 -12.01 -31.46 -50.41
N LYS B 46 -13.27 -31.12 -50.65
CA LYS B 46 -13.81 -29.84 -50.21
C LYS B 46 -14.06 -29.90 -48.71
N VAL B 47 -13.09 -29.44 -47.92
CA VAL B 47 -13.19 -29.55 -46.46
C VAL B 47 -13.85 -28.33 -45.83
N ARG B 48 -14.92 -28.57 -45.08
CA ARG B 48 -15.68 -27.51 -44.45
C ARG B 48 -15.68 -27.63 -42.93
N PHE B 49 -15.59 -26.49 -42.25
CA PHE B 49 -15.58 -26.46 -40.79
C PHE B 49 -16.66 -25.52 -40.25
N VAL B 50 -17.14 -25.80 -39.05
CA VAL B 50 -17.96 -24.86 -38.32
C VAL B 50 -17.23 -24.47 -37.05
N THR B 51 -16.90 -23.18 -36.93
CA THR B 51 -16.14 -22.70 -35.78
C THR B 51 -16.96 -21.72 -34.95
N ALA B 52 -16.84 -21.86 -33.63
CA ALA B 52 -17.57 -21.00 -32.71
C ALA B 52 -17.00 -21.07 -31.30
N ALA B 53 -17.42 -20.16 -30.44
CA ALA B 53 -17.07 -20.22 -29.02
C ALA B 53 -18.27 -20.75 -28.24
N SER B 54 -17.99 -21.43 -27.13
CA SER B 54 -19.04 -22.10 -26.35
C SER B 54 -20.11 -21.15 -25.84
N LEU B 55 -21.17 -21.70 -25.27
CA LEU B 55 -22.29 -20.90 -24.78
C LEU B 55 -21.84 -19.96 -23.66
N PHE B 56 -22.28 -18.71 -23.75
CA PHE B 56 -21.95 -17.67 -22.78
C PHE B 56 -20.44 -17.43 -22.70
N ASP B 57 -19.72 -17.75 -23.77
CA ASP B 57 -18.28 -17.55 -23.81
C ASP B 57 -17.94 -16.39 -24.75
N GLY B 58 -17.23 -15.39 -24.22
CA GLY B 58 -16.89 -14.21 -24.98
C GLY B 58 -15.51 -14.28 -25.61
N HIS B 59 -14.70 -15.23 -25.15
CA HIS B 59 -13.34 -15.38 -25.63
C HIS B 59 -13.31 -15.97 -27.04
N ASP B 60 -13.00 -15.13 -28.02
CA ASP B 60 -12.89 -15.58 -29.40
C ASP B 60 -11.49 -15.38 -29.97
N ALA B 61 -10.59 -14.83 -29.15
CA ALA B 61 -9.21 -14.60 -29.56
C ALA B 61 -8.54 -15.88 -30.01
N SER B 62 -8.84 -16.96 -29.31
CA SER B 62 -8.30 -18.27 -29.63
C SER B 62 -8.88 -18.81 -30.94
N ILE B 63 -10.20 -18.89 -31.00
CA ILE B 63 -10.89 -19.49 -32.13
C ILE B 63 -10.72 -18.68 -33.42
N ASN B 64 -10.47 -17.37 -33.28
CA ASN B 64 -10.31 -16.51 -34.44
C ASN B 64 -9.02 -16.79 -35.20
N ILE B 65 -7.95 -17.07 -34.47
CA ILE B 65 -6.67 -17.33 -35.12
C ILE B 65 -6.61 -18.76 -35.64
N MET B 66 -7.60 -19.56 -35.30
CA MET B 66 -7.68 -20.93 -35.79
C MET B 66 -8.41 -20.98 -37.13
N ARG B 67 -9.48 -20.22 -37.25
CA ARG B 67 -10.24 -20.18 -38.49
C ARG B 67 -9.46 -19.44 -39.57
N ARG B 68 -8.42 -18.71 -39.16
CA ARG B 68 -7.56 -18.04 -40.12
C ARG B 68 -6.57 -19.02 -40.71
N ILE B 69 -6.00 -19.88 -39.86
CA ILE B 69 -5.08 -20.90 -40.35
C ILE B 69 -5.86 -21.95 -41.15
N LEU B 70 -7.07 -22.25 -40.70
CA LEU B 70 -7.94 -23.18 -41.43
C LEU B 70 -8.21 -22.67 -42.84
N GLN B 71 -8.57 -21.40 -42.93
CA GLN B 71 -8.89 -20.78 -44.20
C GLN B 71 -7.67 -20.72 -45.12
N SER B 72 -6.51 -20.43 -44.54
CA SER B 72 -5.28 -20.29 -45.32
C SER B 72 -4.81 -21.63 -45.86
N GLN B 73 -5.14 -22.71 -45.14
CA GLN B 73 -4.74 -24.04 -45.57
C GLN B 73 -5.69 -24.60 -46.61
N GLY B 74 -6.77 -23.87 -46.88
CA GLY B 74 -7.67 -24.24 -47.96
C GLY B 74 -9.00 -24.84 -47.52
N CYS B 75 -9.50 -24.37 -46.37
CA CYS B 75 -10.77 -24.87 -45.85
C CYS B 75 -11.84 -23.80 -45.90
N GLU B 76 -13.05 -24.21 -46.26
CA GLU B 76 -14.20 -23.32 -46.15
C GLU B 76 -14.64 -23.32 -44.69
N VAL B 77 -14.66 -22.14 -44.08
CA VAL B 77 -14.97 -22.03 -42.65
C VAL B 77 -16.25 -21.25 -42.41
N ILE B 78 -17.27 -21.93 -41.91
CA ILE B 78 -18.51 -21.26 -41.52
C ILE B 78 -18.39 -20.81 -40.07
N HIS B 79 -17.91 -19.58 -39.89
CA HIS B 79 -17.67 -19.04 -38.56
C HIS B 79 -18.96 -18.55 -37.93
N LEU B 80 -19.27 -19.03 -36.72
CA LEU B 80 -20.50 -18.67 -36.04
C LEU B 80 -20.29 -17.57 -35.00
N GLY B 81 -19.02 -17.28 -34.70
CA GLY B 81 -18.70 -16.27 -33.71
C GLY B 81 -18.80 -16.79 -32.29
N HIS B 82 -18.83 -15.87 -31.33
CA HIS B 82 -18.85 -16.23 -29.92
C HIS B 82 -20.26 -16.52 -29.42
N ASN B 83 -20.34 -17.05 -28.20
CA ASN B 83 -21.61 -17.32 -27.53
C ASN B 83 -22.57 -18.17 -28.38
N ARG B 84 -22.27 -19.46 -28.48
CA ARG B 84 -23.11 -20.36 -29.25
C ARG B 84 -23.45 -21.61 -28.45
N SER B 85 -24.74 -21.87 -28.29
CA SER B 85 -25.18 -23.08 -27.61
C SER B 85 -24.86 -24.31 -28.44
N VAL B 86 -24.95 -25.49 -27.83
CA VAL B 86 -24.73 -26.73 -28.56
C VAL B 86 -25.77 -26.87 -29.67
N GLN B 87 -27.03 -26.60 -29.34
CA GLN B 87 -28.12 -26.68 -30.29
C GLN B 87 -27.88 -25.79 -31.52
N GLU B 88 -27.17 -24.68 -31.32
CA GLU B 88 -26.84 -23.79 -32.42
C GLU B 88 -25.75 -24.38 -33.32
N VAL B 89 -24.64 -24.76 -32.69
CA VAL B 89 -23.48 -25.27 -33.43
C VAL B 89 -23.82 -26.54 -34.21
N VAL B 90 -24.52 -27.47 -33.57
CA VAL B 90 -24.87 -28.74 -34.20
C VAL B 90 -25.80 -28.51 -35.40
N THR B 91 -26.81 -27.68 -35.22
CA THR B 91 -27.74 -27.36 -36.31
C THR B 91 -26.99 -26.80 -37.51
N ALA B 92 -26.07 -25.89 -37.25
CA ALA B 92 -25.25 -25.29 -38.31
C ALA B 92 -24.45 -26.38 -39.04
N ALA B 93 -23.68 -27.15 -38.27
CA ALA B 93 -22.83 -28.18 -38.83
C ALA B 93 -23.62 -29.20 -39.65
N LEU B 94 -24.86 -29.46 -39.22
CA LEU B 94 -25.71 -30.43 -39.91
C LEU B 94 -26.25 -29.87 -41.21
N GLN B 95 -26.58 -28.58 -41.23
CA GLN B 95 -27.12 -27.96 -42.43
C GLN B 95 -26.01 -27.66 -43.43
N GLU B 96 -24.85 -27.29 -42.92
CA GLU B 96 -23.70 -27.00 -43.78
C GLU B 96 -23.06 -28.30 -44.28
N ASP B 97 -23.38 -29.39 -43.60
CA ASP B 97 -22.78 -30.70 -43.87
C ASP B 97 -21.26 -30.61 -43.89
N VAL B 98 -20.68 -30.31 -42.73
CA VAL B 98 -19.24 -30.14 -42.60
C VAL B 98 -18.59 -31.44 -42.15
N GLN B 99 -17.26 -31.49 -42.27
CA GLN B 99 -16.50 -32.64 -41.81
C GLN B 99 -16.03 -32.44 -40.37
N GLY B 100 -15.91 -31.19 -39.96
CA GLY B 100 -15.36 -30.89 -38.65
C GLY B 100 -15.98 -29.70 -37.92
N ILE B 101 -15.93 -29.76 -36.59
CA ILE B 101 -16.39 -28.68 -35.73
C ILE B 101 -15.28 -28.25 -34.77
N ALA B 102 -15.00 -26.96 -34.74
CA ALA B 102 -13.99 -26.42 -33.83
C ALA B 102 -14.62 -25.48 -32.81
N ILE B 103 -14.51 -25.82 -31.54
CA ILE B 103 -15.13 -25.05 -30.46
C ILE B 103 -14.10 -24.62 -29.42
N SER B 104 -14.16 -23.36 -29.00
CA SER B 104 -13.32 -22.90 -27.90
C SER B 104 -14.17 -22.69 -26.66
N SER B 105 -13.78 -23.32 -25.55
CA SER B 105 -14.50 -23.16 -24.30
C SER B 105 -13.58 -22.75 -23.15
N TYR B 106 -13.63 -21.47 -22.79
CA TYR B 106 -12.76 -20.93 -21.74
C TYR B 106 -13.52 -20.62 -20.46
N GLN B 107 -14.84 -20.82 -20.47
CA GLN B 107 -15.66 -20.49 -19.31
C GLN B 107 -15.81 -21.68 -18.38
N GLY B 108 -15.32 -22.83 -18.80
CA GLY B 108 -15.54 -24.06 -18.06
C GLY B 108 -16.88 -24.64 -18.45
N GLY B 109 -17.28 -25.69 -17.76
CA GLY B 109 -18.50 -26.40 -18.12
C GLY B 109 -18.34 -27.04 -19.48
N HIS B 110 -17.08 -27.27 -19.85
CA HIS B 110 -16.74 -27.79 -21.17
C HIS B 110 -16.96 -29.29 -21.27
N VAL B 111 -16.84 -29.98 -20.14
CA VAL B 111 -17.08 -31.42 -20.11
C VAL B 111 -18.53 -31.71 -20.47
N GLU B 112 -19.45 -31.03 -19.80
CA GLU B 112 -20.87 -31.17 -20.07
C GLU B 112 -21.20 -30.67 -21.47
N TYR B 113 -20.55 -29.60 -21.88
CA TYR B 113 -20.81 -28.98 -23.18
C TYR B 113 -20.49 -29.91 -24.33
N PHE B 114 -19.25 -30.41 -24.36
CA PHE B 114 -18.81 -31.27 -25.45
C PHE B 114 -19.54 -32.62 -25.45
N LYS B 115 -19.80 -33.17 -24.26
CA LYS B 115 -20.55 -34.41 -24.15
C LYS B 115 -21.94 -34.24 -24.78
N TYR B 116 -22.57 -33.12 -24.50
CA TYR B 116 -23.88 -32.79 -25.08
C TYR B 116 -23.78 -32.75 -26.59
N MET B 117 -22.74 -32.09 -27.10
CA MET B 117 -22.55 -31.93 -28.54
C MET B 117 -22.34 -33.27 -29.23
N ILE B 118 -21.47 -34.10 -28.65
CA ILE B 118 -21.20 -35.43 -29.18
C ILE B 118 -22.49 -36.24 -29.23
N ASP B 119 -23.26 -36.18 -28.15
CA ASP B 119 -24.54 -36.89 -28.07
C ASP B 119 -25.52 -36.39 -29.11
N LEU B 120 -25.61 -35.08 -29.24
CA LEU B 120 -26.60 -34.47 -30.12
C LEU B 120 -26.28 -34.74 -31.59
N LEU B 121 -24.99 -34.83 -31.91
CA LEU B 121 -24.55 -35.12 -33.26
C LEU B 121 -24.93 -36.52 -33.70
N ARG B 122 -24.67 -37.49 -32.82
CA ARG B 122 -24.95 -38.89 -33.12
C ARG B 122 -26.45 -39.12 -33.25
N GLU B 123 -27.23 -38.40 -32.44
CA GLU B 123 -28.67 -38.56 -32.43
C GLU B 123 -29.31 -38.08 -33.72
N HIS B 124 -28.70 -37.07 -34.34
CA HIS B 124 -29.29 -36.44 -35.52
C HIS B 124 -28.44 -36.59 -36.78
N GLY B 125 -27.84 -37.76 -36.96
CA GLY B 125 -27.10 -38.08 -38.17
C GLY B 125 -25.89 -37.19 -38.41
N GLY B 126 -24.96 -37.20 -37.47
CA GLY B 126 -23.73 -36.44 -37.60
C GLY B 126 -22.59 -37.10 -36.86
N GLU B 127 -22.66 -38.43 -36.75
CA GLU B 127 -21.65 -39.21 -36.05
C GLU B 127 -20.29 -39.11 -36.73
N HIS B 128 -20.29 -38.93 -38.05
CA HIS B 128 -19.05 -38.89 -38.83
C HIS B 128 -18.39 -37.52 -38.74
N ILE B 129 -19.12 -36.53 -38.23
CA ILE B 129 -18.56 -35.20 -38.04
C ILE B 129 -17.62 -35.18 -36.83
N GLN B 130 -16.39 -34.75 -37.06
CA GLN B 130 -15.40 -34.73 -35.99
C GLN B 130 -15.42 -33.42 -35.21
N VAL B 131 -15.27 -33.51 -33.89
CA VAL B 131 -15.31 -32.33 -33.03
C VAL B 131 -13.95 -32.04 -32.41
N PHE B 132 -13.49 -30.81 -32.56
CA PHE B 132 -12.22 -30.39 -31.99
C PHE B 132 -12.44 -29.26 -31.01
N GLY B 133 -11.65 -29.23 -29.94
CA GLY B 133 -11.83 -28.23 -28.92
C GLY B 133 -10.53 -27.68 -28.36
N GLY B 134 -10.64 -26.61 -27.58
CA GLY B 134 -9.50 -26.00 -26.93
C GLY B 134 -9.95 -24.97 -25.92
N GLY B 135 -9.27 -24.90 -24.79
CA GLY B 135 -9.61 -23.94 -23.77
C GLY B 135 -8.38 -23.52 -22.97
N GLY B 136 -7.21 -23.76 -23.52
CA GLY B 136 -5.97 -23.46 -22.84
C GLY B 136 -5.83 -24.30 -21.60
N GLY B 137 -5.56 -23.64 -20.47
CA GLY B 137 -5.34 -24.34 -19.22
C GLY B 137 -6.61 -24.73 -18.49
N VAL B 138 -7.74 -24.18 -18.94
CA VAL B 138 -9.02 -24.45 -18.30
C VAL B 138 -9.39 -25.93 -18.40
N ILE B 139 -9.19 -26.51 -19.58
CA ILE B 139 -9.44 -27.94 -19.78
C ILE B 139 -8.22 -28.75 -19.35
N VAL B 140 -8.25 -29.24 -18.11
CA VAL B 140 -7.14 -30.01 -17.56
C VAL B 140 -6.98 -31.35 -18.29
N PRO B 141 -5.76 -31.92 -18.28
CA PRO B 141 -5.44 -33.18 -18.95
C PRO B 141 -6.45 -34.31 -18.72
N ASP B 142 -6.89 -34.49 -17.48
CA ASP B 142 -7.85 -35.55 -17.17
C ASP B 142 -9.16 -35.38 -17.94
N GLU B 143 -9.59 -34.13 -18.08
CA GLU B 143 -10.82 -33.82 -18.78
C GLU B 143 -10.66 -34.00 -20.29
N ILE B 144 -9.44 -33.81 -20.77
CA ILE B 144 -9.15 -34.02 -22.19
C ILE B 144 -9.25 -35.50 -22.55
N ARG B 145 -8.60 -36.33 -21.76
CA ARG B 145 -8.62 -37.77 -21.98
C ARG B 145 -10.06 -38.29 -21.87
N GLU B 146 -10.83 -37.70 -20.97
CA GLU B 146 -12.23 -38.09 -20.78
C GLU B 146 -13.07 -37.74 -22.00
N LEU B 147 -12.93 -36.50 -22.47
CA LEU B 147 -13.71 -36.02 -23.60
C LEU B 147 -13.30 -36.70 -24.89
N GLN B 148 -12.00 -36.94 -25.06
CA GLN B 148 -11.51 -37.63 -26.25
C GLN B 148 -11.95 -39.08 -26.25
N ALA B 149 -12.10 -39.65 -25.05
CA ALA B 149 -12.60 -41.01 -24.91
C ALA B 149 -14.11 -41.06 -25.17
N TYR B 150 -14.77 -39.94 -24.88
CA TYR B 150 -16.22 -39.86 -25.04
C TYR B 150 -16.61 -39.85 -26.52
N GLY B 151 -15.83 -39.14 -27.33
CA GLY B 151 -16.10 -39.05 -28.75
C GLY B 151 -15.40 -37.89 -29.45
N VAL B 152 -14.98 -36.91 -28.67
CA VAL B 152 -14.27 -35.74 -29.20
C VAL B 152 -12.98 -36.18 -29.90
N ALA B 153 -12.78 -35.68 -31.11
CA ALA B 153 -11.58 -36.02 -31.89
C ALA B 153 -10.31 -35.63 -31.15
N ARG B 154 -10.10 -34.33 -30.98
CA ARG B 154 -8.93 -33.84 -30.25
C ARG B 154 -9.26 -32.58 -29.47
N ILE B 155 -8.67 -32.45 -28.28
CA ILE B 155 -8.70 -31.20 -27.54
C ILE B 155 -7.27 -30.78 -27.25
N TYR B 156 -6.91 -29.59 -27.73
CA TYR B 156 -5.52 -29.15 -27.71
C TYR B 156 -5.19 -28.32 -26.48
N SER B 157 -4.19 -28.77 -25.74
CA SER B 157 -3.70 -28.06 -24.57
C SER B 157 -2.64 -27.05 -24.99
N PRO B 158 -2.30 -26.09 -24.11
CA PRO B 158 -1.22 -25.14 -24.44
C PRO B 158 0.10 -25.85 -24.71
N GLU B 159 0.31 -27.01 -24.08
CA GLU B 159 1.49 -27.82 -24.31
C GLU B 159 1.47 -28.44 -25.71
N ASP B 160 0.26 -28.76 -26.18
CA ASP B 160 0.09 -29.27 -27.54
C ASP B 160 0.44 -28.19 -28.55
N GLY B 161 0.05 -26.96 -28.23
CA GLY B 161 0.32 -25.83 -29.10
C GLY B 161 1.79 -25.53 -29.23
N GLN B 162 2.53 -25.72 -28.14
CA GLN B 162 3.97 -25.48 -28.15
C GLN B 162 4.71 -26.52 -28.96
N ARG B 163 4.30 -27.78 -28.81
CA ARG B 163 4.96 -28.87 -29.50
C ARG B 163 4.63 -28.89 -30.99
N MET B 164 3.35 -28.78 -31.30
CA MET B 164 2.88 -28.89 -32.68
C MET B 164 3.02 -27.60 -33.46
N GLY B 165 2.95 -26.47 -32.76
CA GLY B 165 2.93 -25.18 -33.41
C GLY B 165 1.50 -24.85 -33.83
N LEU B 166 1.23 -23.59 -34.12
CA LEU B 166 -0.11 -23.18 -34.49
C LEU B 166 -0.57 -23.84 -35.79
N ALA B 167 0.31 -23.82 -36.79
CA ALA B 167 -0.01 -24.45 -38.07
C ALA B 167 -0.08 -25.97 -37.92
N GLY B 168 0.68 -26.50 -36.97
CA GLY B 168 0.72 -27.93 -36.73
C GLY B 168 -0.61 -28.49 -36.26
N MET B 169 -1.25 -27.79 -35.34
CA MET B 169 -2.56 -28.19 -34.84
C MET B 169 -3.58 -28.23 -35.97
N ILE B 170 -3.64 -27.15 -36.73
CA ILE B 170 -4.62 -27.01 -37.80
C ILE B 170 -4.37 -27.99 -38.93
N THR B 171 -3.09 -28.26 -39.21
CA THR B 171 -2.74 -29.27 -40.19
C THR B 171 -3.28 -30.63 -39.74
N ASP B 172 -3.00 -30.98 -38.49
CA ASP B 172 -3.50 -32.22 -37.90
C ASP B 172 -5.02 -32.26 -37.93
N MET B 173 -5.63 -31.13 -37.62
CA MET B 173 -7.07 -31.01 -37.56
C MET B 173 -7.69 -31.14 -38.95
N ALA B 174 -7.04 -30.56 -39.94
CA ALA B 174 -7.57 -30.57 -41.30
C ALA B 174 -7.37 -31.93 -41.97
N GLN B 175 -6.23 -32.55 -41.73
CA GLN B 175 -5.92 -33.85 -42.34
C GLN B 175 -6.87 -34.93 -41.85
N ARG B 176 -7.40 -34.77 -40.64
CA ARG B 176 -8.38 -35.70 -40.10
C ARG B 176 -9.72 -35.55 -40.82
N CYS B 177 -10.11 -34.32 -41.11
CA CYS B 177 -11.40 -34.04 -41.72
C CYS B 177 -11.35 -34.09 -43.24
N ASP B 178 -10.21 -34.49 -43.79
CA ASP B 178 -10.06 -34.59 -45.23
C ASP B 178 -10.75 -35.83 -45.78
N ILE B 179 -12.07 -35.84 -45.73
CA ILE B 179 -12.87 -36.98 -46.18
C ILE B 179 -13.97 -36.55 -47.16
N ASP B 180 -14.39 -37.47 -48.01
CA ASP B 180 -15.42 -37.19 -49.01
C ASP B 180 -16.81 -37.49 -48.47
N LEU B 181 -17.62 -36.45 -48.29
CA LEU B 181 -18.94 -36.59 -47.69
C LEU B 181 -20.04 -36.95 -48.69
N THR B 182 -19.66 -37.14 -49.95
CA THR B 182 -20.64 -37.41 -50.99
C THR B 182 -21.19 -38.82 -50.88
N ARG B 183 -20.52 -39.68 -50.12
CA ARG B 183 -20.97 -41.04 -49.92
C ARG B 183 -22.21 -41.10 -49.04
N TYR B 184 -22.42 -40.06 -48.24
CA TYR B 184 -23.57 -39.98 -47.35
C TYR B 184 -24.77 -39.37 -48.06
N ALA B 185 -24.55 -38.88 -49.27
CA ALA B 185 -25.60 -38.22 -50.04
C ALA B 185 -26.65 -39.22 -50.53
N PRO B 186 -27.93 -38.81 -50.50
CA PRO B 186 -29.03 -39.66 -50.97
C PRO B 186 -28.97 -39.92 -52.47
N THR B 187 -29.43 -41.09 -52.89
CA THR B 187 -29.43 -41.46 -54.29
C THR B 187 -30.80 -41.23 -54.93
N THR B 188 -31.82 -41.16 -54.09
CA THR B 188 -33.17 -40.86 -54.55
C THR B 188 -33.71 -39.62 -53.82
N LEU B 189 -34.68 -38.95 -54.44
CA LEU B 189 -35.23 -37.72 -53.87
C LEU B 189 -36.28 -37.98 -52.81
N ASP B 190 -36.57 -39.26 -52.57
CA ASP B 190 -37.60 -39.66 -51.62
C ASP B 190 -37.42 -39.04 -50.24
N THR B 191 -36.21 -39.11 -49.71
CA THR B 191 -35.92 -38.55 -48.40
C THR B 191 -36.09 -37.03 -48.39
N VAL B 192 -35.47 -36.36 -49.35
CA VAL B 192 -35.45 -34.90 -49.41
C VAL B 192 -36.84 -34.30 -49.56
N VAL B 193 -37.62 -34.84 -50.49
CA VAL B 193 -38.97 -34.34 -50.75
C VAL B 193 -39.87 -34.55 -49.53
N ALA B 194 -39.64 -35.65 -48.82
CA ALA B 194 -40.42 -35.98 -47.64
C ALA B 194 -40.32 -34.90 -46.56
N GLY B 195 -39.20 -34.18 -46.55
CA GLY B 195 -38.99 -33.11 -45.61
C GLY B 195 -37.70 -33.27 -44.81
N ASP B 196 -36.94 -34.31 -45.14
CA ASP B 196 -35.67 -34.57 -44.49
C ASP B 196 -34.71 -33.41 -44.78
N ARG B 197 -34.38 -32.66 -43.74
CA ARG B 197 -33.51 -31.49 -43.91
C ARG B 197 -32.04 -31.88 -43.89
N ARG B 198 -31.74 -33.01 -43.26
CA ARG B 198 -30.37 -33.51 -43.23
C ARG B 198 -30.00 -34.13 -44.56
N ALA B 199 -30.94 -34.84 -45.16
CA ALA B 199 -30.73 -35.42 -46.48
C ALA B 199 -30.58 -34.31 -47.51
N LEU B 200 -31.35 -33.25 -47.35
CA LEU B 200 -31.25 -32.08 -48.21
C LEU B 200 -29.85 -31.48 -48.13
N ALA B 201 -29.35 -31.34 -46.90
CA ALA B 201 -28.03 -30.77 -46.67
C ALA B 201 -26.93 -31.59 -47.34
N GLN B 202 -27.12 -32.90 -47.35
CA GLN B 202 -26.13 -33.81 -47.93
C GLN B 202 -26.27 -33.87 -49.45
N LEU B 203 -27.51 -33.78 -49.94
CA LEU B 203 -27.76 -33.77 -51.38
C LEU B 203 -27.10 -32.55 -52.02
N ILE B 204 -27.07 -31.45 -51.28
CA ILE B 204 -26.45 -30.22 -51.75
C ILE B 204 -24.94 -30.40 -51.87
N THR B 205 -24.36 -31.10 -50.90
CA THR B 205 -22.92 -31.38 -50.91
C THR B 205 -22.56 -32.25 -52.11
N ALA B 206 -23.50 -33.09 -52.53
CA ALA B 206 -23.30 -33.92 -53.71
C ALA B 206 -23.45 -33.09 -54.99
N LEU B 207 -24.46 -32.23 -55.01
CA LEU B 207 -24.72 -31.37 -56.16
C LEU B 207 -23.60 -30.36 -56.37
N GLU B 208 -23.13 -29.79 -55.27
CA GLU B 208 -22.08 -28.76 -55.34
C GLU B 208 -20.77 -29.33 -55.84
N ASN B 209 -20.48 -30.58 -55.46
CA ASN B 209 -19.25 -31.24 -55.86
C ASN B 209 -19.39 -31.98 -57.17
N GLY B 210 -20.58 -31.90 -57.76
CA GLY B 210 -20.84 -32.51 -59.06
C GLY B 210 -20.77 -34.02 -59.05
N LYS B 211 -20.91 -34.62 -57.87
CA LYS B 211 -20.87 -36.07 -57.74
C LYS B 211 -22.28 -36.66 -57.74
N ALA B 212 -23.26 -35.85 -58.13
CA ALA B 212 -24.64 -36.31 -58.21
C ALA B 212 -24.92 -36.89 -59.60
N ASP B 213 -25.71 -37.96 -59.63
CA ASP B 213 -26.03 -38.63 -60.89
C ASP B 213 -26.85 -37.73 -61.82
N PRO B 214 -26.48 -37.69 -63.12
CA PRO B 214 -27.15 -36.88 -64.13
C PRO B 214 -28.66 -37.11 -64.23
N GLU B 215 -29.08 -38.37 -64.07
CA GLU B 215 -30.51 -38.69 -64.13
C GLU B 215 -31.22 -38.19 -62.88
N LEU B 216 -30.48 -38.09 -61.77
CA LEU B 216 -31.01 -37.56 -60.53
C LEU B 216 -31.18 -36.05 -60.61
N VAL B 217 -30.18 -35.39 -61.22
CA VAL B 217 -30.19 -33.94 -61.36
C VAL B 217 -31.38 -33.46 -62.19
N SER B 218 -31.56 -34.06 -63.35
CA SER B 218 -32.68 -33.69 -64.24
C SER B 218 -34.02 -34.02 -63.60
N ALA B 219 -34.04 -35.07 -62.79
CA ALA B 219 -35.25 -35.47 -62.07
C ALA B 219 -35.55 -34.47 -60.96
N LEU B 220 -34.49 -33.86 -60.43
CA LEU B 220 -34.63 -32.85 -59.39
C LEU B 220 -35.19 -31.55 -59.95
N HIS B 221 -34.64 -31.12 -61.09
CA HIS B 221 -35.10 -29.91 -61.76
C HIS B 221 -36.54 -30.08 -62.27
N ALA B 222 -36.87 -31.31 -62.66
CA ALA B 222 -38.21 -31.61 -63.16
C ALA B 222 -39.26 -31.41 -62.08
N GLN B 223 -38.91 -31.79 -60.85
CA GLN B 223 -39.82 -31.63 -59.72
C GLN B 223 -39.74 -30.22 -59.16
N ALA B 224 -38.59 -29.58 -59.36
CA ALA B 224 -38.41 -28.20 -58.92
C ALA B 224 -39.28 -27.25 -59.74
N LYS B 225 -39.47 -27.59 -61.02
CA LYS B 225 -40.32 -26.80 -61.90
C LYS B 225 -41.79 -26.92 -61.49
N ALA B 226 -42.19 -28.14 -61.16
CA ALA B 226 -43.57 -28.40 -60.75
C ALA B 226 -43.81 -27.92 -59.32
N ALA B 227 -42.73 -27.68 -58.59
CA ALA B 227 -42.81 -27.22 -57.20
C ALA B 227 -43.42 -25.82 -57.14
N ALA B 228 -43.02 -24.98 -58.09
CA ALA B 228 -43.51 -23.61 -58.22
C ALA B 228 -43.33 -22.80 -56.94
N VAL B 229 -42.07 -22.50 -56.60
CA VAL B 229 -41.79 -21.67 -55.44
C VAL B 229 -40.93 -20.47 -55.85
N PRO B 230 -41.19 -19.31 -55.24
CA PRO B 230 -40.46 -18.07 -55.57
C PRO B 230 -39.02 -18.10 -55.09
N VAL B 231 -38.11 -17.60 -55.92
CA VAL B 231 -36.71 -17.51 -55.53
C VAL B 231 -36.24 -16.06 -55.51
N LEU B 232 -36.02 -15.54 -54.31
CA LEU B 232 -35.57 -14.15 -54.16
C LEU B 232 -34.05 -14.06 -54.16
N GLY B 233 -33.52 -13.25 -55.06
CA GLY B 233 -32.08 -13.03 -55.13
C GLY B 233 -31.70 -11.73 -54.47
N ILE B 234 -30.71 -11.80 -53.59
CA ILE B 234 -30.20 -10.59 -52.93
C ILE B 234 -28.72 -10.43 -53.24
N THR B 235 -28.40 -9.43 -54.04
CA THR B 235 -27.02 -9.16 -54.42
C THR B 235 -26.66 -7.72 -54.11
N GLY B 236 -25.40 -7.36 -54.29
CA GLY B 236 -24.96 -6.00 -54.02
C GLY B 236 -23.48 -5.91 -53.73
N THR B 237 -23.00 -4.69 -53.48
CA THR B 237 -21.60 -4.45 -53.20
C THR B 237 -21.18 -5.11 -51.89
N GLY B 238 -19.87 -5.27 -51.71
CA GLY B 238 -19.36 -5.93 -50.53
C GLY B 238 -19.58 -5.16 -49.26
N GLY B 239 -20.04 -5.84 -48.22
CA GLY B 239 -20.25 -5.23 -46.92
C GLY B 239 -21.37 -4.22 -46.87
N ALA B 240 -22.20 -4.19 -47.91
CA ALA B 240 -23.30 -3.24 -47.99
C ALA B 240 -24.37 -3.55 -46.95
N GLY B 241 -24.46 -4.80 -46.55
CA GLY B 241 -25.42 -5.21 -45.55
C GLY B 241 -26.38 -6.27 -46.05
N LYS B 242 -25.95 -7.00 -47.08
CA LYS B 242 -26.79 -8.03 -47.70
C LYS B 242 -27.26 -9.07 -46.70
N SER B 243 -26.33 -9.59 -45.91
CA SER B 243 -26.66 -10.59 -44.90
C SER B 243 -27.57 -10.00 -43.81
N SER B 244 -27.19 -8.83 -43.30
CA SER B 244 -27.95 -8.17 -42.24
C SER B 244 -29.37 -7.84 -42.68
N LEU B 245 -29.51 -7.36 -43.91
CA LEU B 245 -30.82 -7.02 -44.45
C LEU B 245 -31.65 -8.28 -44.66
N THR B 246 -30.97 -9.36 -45.07
CA THR B 246 -31.64 -10.64 -45.29
C THR B 246 -32.23 -11.17 -44.00
N ASP B 247 -31.44 -11.15 -42.94
CA ASP B 247 -31.88 -11.61 -41.62
C ASP B 247 -33.09 -10.82 -41.14
N GLU B 248 -33.04 -9.50 -41.31
CA GLU B 248 -34.13 -8.63 -40.92
C GLU B 248 -35.40 -8.92 -41.71
N LEU B 249 -35.25 -9.12 -43.01
CA LEU B 249 -36.38 -9.46 -43.88
C LEU B 249 -37.03 -10.77 -43.45
N ILE B 250 -36.20 -11.75 -43.09
CA ILE B 250 -36.72 -13.03 -42.61
C ILE B 250 -37.46 -12.83 -41.30
N ARG B 251 -36.93 -11.98 -40.43
CA ARG B 251 -37.56 -11.67 -39.16
C ARG B 251 -38.92 -11.02 -39.39
N ARG B 252 -39.02 -10.19 -40.43
CA ARG B 252 -40.30 -9.61 -40.82
C ARG B 252 -41.28 -10.70 -41.25
N PHE B 253 -40.78 -11.65 -42.04
CA PHE B 253 -41.60 -12.75 -42.53
C PHE B 253 -42.17 -13.58 -41.39
N ARG B 254 -41.37 -13.75 -40.34
CA ARG B 254 -41.79 -14.56 -39.21
C ARG B 254 -42.84 -13.84 -38.37
N LEU B 255 -42.59 -12.56 -38.06
CA LEU B 255 -43.52 -11.77 -37.27
C LEU B 255 -44.85 -11.56 -38.01
N ASP B 256 -44.76 -11.43 -39.33
CA ASP B 256 -45.93 -11.10 -40.13
C ASP B 256 -46.82 -12.31 -40.33
N GLN B 257 -46.21 -13.48 -40.47
CA GLN B 257 -46.94 -14.70 -40.83
C GLN B 257 -46.99 -15.71 -39.69
N ASP B 258 -46.60 -15.29 -38.50
CA ASP B 258 -46.61 -16.15 -37.32
C ASP B 258 -45.82 -17.42 -37.55
N ASP B 259 -44.64 -17.27 -38.16
CA ASP B 259 -43.73 -18.39 -38.43
C ASP B 259 -44.39 -19.53 -39.19
N ALA B 260 -45.24 -19.19 -40.16
CA ALA B 260 -45.94 -20.21 -40.94
C ALA B 260 -45.21 -20.52 -42.24
N LEU B 261 -44.20 -19.73 -42.56
CA LEU B 261 -43.48 -19.87 -43.82
C LEU B 261 -42.21 -20.72 -43.68
N SER B 262 -41.99 -21.59 -44.66
CA SER B 262 -40.78 -22.40 -44.71
C SER B 262 -39.77 -21.76 -45.66
N ILE B 263 -38.74 -21.14 -45.08
CA ILE B 263 -37.79 -20.36 -45.87
C ILE B 263 -36.42 -21.03 -45.97
N ALA B 264 -35.90 -21.11 -47.19
CA ALA B 264 -34.57 -21.65 -47.43
C ALA B 264 -33.61 -20.53 -47.81
N VAL B 265 -32.46 -20.48 -47.15
CA VAL B 265 -31.48 -19.42 -47.39
C VAL B 265 -30.16 -19.96 -47.92
N ILE B 266 -29.77 -19.51 -49.10
CA ILE B 266 -28.50 -19.92 -49.69
C ILE B 266 -27.56 -18.73 -49.81
N SER B 267 -26.64 -18.61 -48.87
CA SER B 267 -25.70 -17.49 -48.85
C SER B 267 -24.34 -17.88 -49.44
N ILE B 268 -23.87 -17.06 -50.36
CA ILE B 268 -22.61 -17.32 -51.05
C ILE B 268 -21.56 -16.27 -50.71
N ASP B 269 -20.38 -16.72 -50.32
CA ASP B 269 -19.27 -15.83 -50.00
C ASP B 269 -18.05 -16.19 -50.84
N PRO B 270 -17.22 -15.20 -51.16
CA PRO B 270 -16.12 -15.45 -52.09
C PRO B 270 -15.04 -16.32 -51.49
N SER B 271 -14.45 -17.17 -52.31
CA SER B 271 -13.30 -17.96 -51.90
C SER B 271 -12.05 -17.29 -52.43
N ARG B 272 -11.05 -17.13 -51.57
CA ARG B 272 -9.80 -16.52 -52.01
C ARG B 272 -8.99 -17.52 -52.83
N ARG B 273 -8.57 -17.08 -54.01
CA ARG B 273 -7.90 -17.98 -54.96
C ARG B 273 -6.54 -18.45 -54.46
N LYS B 274 -5.85 -17.60 -53.73
CA LYS B 274 -4.53 -17.95 -53.21
C LYS B 274 -4.64 -19.01 -52.10
N SER B 275 -5.49 -18.73 -51.12
CA SER B 275 -5.71 -19.65 -50.00
C SER B 275 -6.28 -20.99 -50.49
N GLY B 276 -7.24 -20.92 -51.39
CA GLY B 276 -7.96 -22.09 -51.84
C GLY B 276 -9.22 -22.26 -51.02
N GLY B 277 -9.19 -21.70 -49.81
CA GLY B 277 -10.31 -21.80 -48.90
C GLY B 277 -11.20 -20.57 -48.93
N ALA B 278 -12.06 -20.44 -47.93
CA ALA B 278 -13.01 -19.35 -47.89
C ALA B 278 -13.50 -19.09 -46.47
N LEU B 279 -13.90 -17.86 -46.21
CA LEU B 279 -14.55 -17.52 -44.94
C LEU B 279 -16.03 -17.32 -45.15
N LEU B 280 -16.82 -18.39 -45.10
CA LEU B 280 -18.26 -18.26 -45.30
C LEU B 280 -18.86 -17.48 -44.14
N GLY B 281 -18.74 -16.16 -44.20
CA GLY B 281 -19.17 -15.30 -43.12
C GLY B 281 -20.47 -14.58 -43.37
N ASP B 282 -21.54 -15.36 -43.52
CA ASP B 282 -22.88 -14.80 -43.66
C ASP B 282 -23.78 -15.29 -42.54
N ARG B 283 -23.61 -16.56 -42.17
CA ARG B 283 -24.44 -17.19 -41.16
C ARG B 283 -24.28 -16.52 -39.79
N ILE B 284 -23.10 -15.96 -39.55
CA ILE B 284 -22.79 -15.32 -38.27
C ILE B 284 -23.69 -14.10 -38.04
N ARG B 285 -24.15 -13.49 -39.12
CA ARG B 285 -24.99 -12.29 -39.03
C ARG B 285 -26.47 -12.66 -38.84
N MET B 286 -26.80 -13.90 -39.14
CA MET B 286 -28.19 -14.36 -39.09
C MET B 286 -28.65 -14.67 -37.67
N ASN B 287 -29.59 -13.90 -37.16
CA ASN B 287 -30.14 -14.13 -35.83
C ASN B 287 -31.57 -14.63 -35.85
N ALA B 288 -32.22 -14.53 -37.01
CA ALA B 288 -33.63 -14.88 -37.11
C ALA B 288 -33.86 -16.22 -37.78
N ILE B 289 -32.78 -16.94 -38.04
CA ILE B 289 -32.90 -18.21 -38.76
C ILE B 289 -32.97 -19.40 -37.81
N ASN B 290 -32.96 -19.14 -36.51
CA ASN B 290 -33.03 -20.21 -35.52
C ASN B 290 -34.48 -20.65 -35.31
N HIS B 291 -34.95 -21.51 -36.20
CA HIS B 291 -36.32 -22.00 -36.19
C HIS B 291 -36.42 -23.17 -37.17
N PRO B 292 -37.20 -24.21 -36.80
CA PRO B 292 -37.34 -25.41 -37.63
C PRO B 292 -37.81 -25.15 -39.07
N ASN B 293 -38.58 -24.08 -39.28
CA ASN B 293 -39.06 -23.75 -40.62
C ASN B 293 -38.02 -22.99 -41.45
N ILE B 294 -36.87 -22.72 -40.85
CA ILE B 294 -35.81 -22.00 -41.56
C ILE B 294 -34.60 -22.91 -41.79
N PHE B 295 -34.13 -22.94 -43.04
CA PHE B 295 -32.96 -23.72 -43.40
C PHE B 295 -31.94 -22.83 -44.11
N MET B 296 -30.66 -22.97 -43.75
CA MET B 296 -29.62 -22.16 -44.38
C MET B 296 -28.36 -22.96 -44.68
N ARG B 297 -27.85 -22.78 -45.89
CA ARG B 297 -26.62 -23.44 -46.32
C ARG B 297 -25.64 -22.41 -46.85
N SER B 298 -24.38 -22.48 -46.41
CA SER B 298 -23.36 -21.54 -46.84
C SER B 298 -22.49 -22.15 -47.94
N LEU B 299 -22.42 -21.46 -49.08
CA LEU B 299 -21.63 -21.94 -50.21
C LEU B 299 -20.44 -21.03 -50.51
N ALA B 300 -19.32 -21.64 -50.85
CA ALA B 300 -18.18 -20.87 -51.36
C ALA B 300 -18.27 -20.79 -52.88
N THR B 301 -17.86 -19.66 -53.43
CA THR B 301 -17.92 -19.43 -54.86
C THR B 301 -17.12 -20.48 -55.63
N ARG B 302 -15.90 -20.76 -55.17
CA ARG B 302 -15.01 -21.73 -55.80
C ARG B 302 -14.78 -21.38 -57.28
N GLU B 303 -14.99 -20.12 -57.62
CA GLU B 303 -14.76 -19.63 -58.97
C GLU B 303 -14.10 -18.25 -58.92
N ALA B 304 -13.14 -18.04 -59.81
CA ALA B 304 -12.31 -16.84 -59.79
C ALA B 304 -13.11 -15.55 -59.86
N GLY B 305 -13.91 -15.39 -60.91
CA GLY B 305 -14.60 -14.13 -61.14
C GLY B 305 -16.04 -14.08 -60.72
N SER B 306 -16.66 -15.25 -60.58
CA SER B 306 -18.09 -15.33 -60.28
C SER B 306 -18.42 -14.85 -58.87
N GLU B 307 -19.61 -14.27 -58.71
CA GLU B 307 -20.08 -13.87 -57.39
C GLU B 307 -21.06 -14.89 -56.84
N ILE B 308 -21.27 -15.98 -57.59
CA ILE B 308 -22.12 -17.07 -57.14
C ILE B 308 -21.43 -18.42 -57.33
N SER B 309 -21.92 -19.45 -56.65
CA SER B 309 -21.43 -20.80 -56.84
C SER B 309 -21.86 -21.33 -58.20
N GLN B 310 -20.96 -22.02 -58.89
CA GLN B 310 -21.26 -22.55 -60.22
C GLN B 310 -22.29 -23.69 -60.14
N ALA B 311 -22.63 -24.10 -58.92
CA ALA B 311 -23.60 -25.18 -58.72
C ALA B 311 -24.89 -24.66 -58.13
N LEU B 312 -25.06 -23.34 -58.14
CA LEU B 312 -26.24 -22.69 -57.58
C LEU B 312 -27.59 -23.17 -58.17
N PRO B 313 -27.68 -23.38 -59.50
CA PRO B 313 -28.99 -23.79 -60.00
C PRO B 313 -29.45 -25.15 -59.47
N ASP B 314 -28.50 -26.06 -59.23
CA ASP B 314 -28.82 -27.36 -58.66
C ASP B 314 -29.26 -27.23 -57.21
N VAL B 315 -28.52 -26.42 -56.44
CA VAL B 315 -28.82 -26.22 -55.02
C VAL B 315 -30.18 -25.57 -54.84
N ILE B 316 -30.47 -24.56 -55.65
CA ILE B 316 -31.76 -23.87 -55.62
C ILE B 316 -32.89 -24.86 -55.91
N ALA B 317 -32.72 -25.65 -56.97
CA ALA B 317 -33.71 -26.64 -57.37
C ALA B 317 -33.96 -27.66 -56.27
N ALA B 318 -32.91 -28.00 -55.53
CA ALA B 318 -33.03 -28.94 -54.43
C ALA B 318 -33.95 -28.39 -53.34
N CYS B 319 -33.82 -27.10 -53.07
CA CYS B 319 -34.66 -26.45 -52.06
C CYS B 319 -36.10 -26.33 -52.56
N LYS B 320 -36.27 -26.06 -53.85
CA LYS B 320 -37.59 -25.93 -54.43
C LYS B 320 -38.36 -27.25 -54.28
N ALA B 321 -37.66 -28.36 -54.49
CA ALA B 321 -38.27 -29.68 -54.41
C ALA B 321 -38.51 -30.11 -52.98
N ALA B 322 -37.85 -29.43 -52.04
CA ALA B 322 -38.00 -29.75 -50.62
C ALA B 322 -39.22 -29.06 -50.02
N ARG B 323 -40.08 -28.52 -50.90
CA ARG B 323 -41.34 -27.89 -50.51
C ARG B 323 -41.15 -26.72 -49.55
N PHE B 324 -40.19 -25.85 -49.86
CA PHE B 324 -40.04 -24.59 -49.13
C PHE B 324 -40.95 -23.54 -49.72
N ASP B 325 -41.47 -22.65 -48.88
CA ASP B 325 -42.38 -21.61 -49.34
C ASP B 325 -41.65 -20.49 -50.07
N LEU B 326 -40.37 -20.33 -49.77
CA LEU B 326 -39.56 -19.27 -50.37
C LEU B 326 -38.07 -19.59 -50.29
N VAL B 327 -37.37 -19.37 -51.39
CA VAL B 327 -35.92 -19.56 -51.42
C VAL B 327 -35.21 -18.21 -51.58
N ILE B 328 -34.33 -17.89 -50.64
CA ILE B 328 -33.60 -16.63 -50.67
C ILE B 328 -32.11 -16.89 -50.91
N VAL B 329 -31.53 -16.20 -51.89
CA VAL B 329 -30.14 -16.40 -52.25
C VAL B 329 -29.32 -15.11 -52.08
N GLU B 330 -28.26 -15.19 -51.28
CA GLU B 330 -27.33 -14.06 -51.14
C GLU B 330 -26.03 -14.33 -51.88
N THR B 331 -25.63 -13.39 -52.73
CA THR B 331 -24.38 -13.52 -53.48
C THR B 331 -23.24 -12.90 -52.69
N SER B 332 -22.04 -12.96 -53.26
CA SER B 332 -20.88 -12.32 -52.64
C SER B 332 -20.81 -10.86 -53.08
N GLY B 333 -19.82 -10.12 -52.59
CA GLY B 333 -19.66 -8.73 -52.96
C GLY B 333 -19.44 -8.58 -54.46
N ILE B 334 -20.26 -7.76 -55.10
CA ILE B 334 -20.18 -7.58 -56.55
C ILE B 334 -19.62 -6.22 -56.93
N GLY B 335 -19.36 -6.05 -58.23
CA GLY B 335 -18.88 -4.78 -58.75
C GLY B 335 -19.95 -4.04 -59.52
N GLN B 336 -19.53 -3.33 -60.57
CA GLN B 336 -20.46 -2.57 -61.39
C GLN B 336 -21.04 -3.42 -62.51
N GLY B 337 -20.19 -4.25 -63.11
CA GLY B 337 -20.59 -5.06 -64.24
C GLY B 337 -21.17 -6.42 -63.87
N ASP B 338 -21.14 -6.75 -62.59
CA ASP B 338 -21.63 -8.05 -62.13
C ASP B 338 -23.14 -8.06 -61.93
N ALA B 339 -23.80 -9.10 -62.44
CA ALA B 339 -25.23 -9.32 -62.25
C ALA B 339 -25.59 -10.76 -62.61
N ALA B 340 -24.87 -11.71 -62.02
CA ALA B 340 -25.03 -13.12 -62.37
C ALA B 340 -26.17 -13.79 -61.62
N ILE B 341 -26.78 -13.07 -60.70
CA ILE B 341 -27.85 -13.63 -59.88
C ILE B 341 -29.20 -13.56 -60.60
N VAL B 342 -29.29 -12.65 -61.57
CA VAL B 342 -30.55 -12.37 -62.26
C VAL B 342 -31.21 -13.57 -62.96
N PRO B 343 -30.44 -14.39 -63.72
CA PRO B 343 -31.16 -15.44 -64.44
C PRO B 343 -31.55 -16.64 -63.58
N HIS B 344 -31.10 -16.67 -62.32
CA HIS B 344 -31.34 -17.83 -61.47
C HIS B 344 -32.47 -17.61 -60.47
N VAL B 345 -32.94 -16.37 -60.36
CA VAL B 345 -33.97 -16.04 -59.39
C VAL B 345 -35.23 -15.49 -60.04
N ASP B 346 -36.31 -15.44 -59.29
CA ASP B 346 -37.58 -14.92 -59.77
C ASP B 346 -37.72 -13.43 -59.44
N LEU B 347 -37.03 -13.01 -58.39
CA LEU B 347 -36.96 -11.60 -58.01
C LEU B 347 -35.56 -11.26 -57.51
N SER B 348 -35.06 -10.10 -57.91
CA SER B 348 -33.71 -9.70 -57.53
C SER B 348 -33.69 -8.40 -56.74
N LEU B 349 -32.89 -8.36 -55.69
CA LEU B 349 -32.77 -7.19 -54.83
C LEU B 349 -31.33 -6.70 -54.76
N TYR B 350 -31.09 -5.49 -55.27
CA TYR B 350 -29.75 -4.90 -55.24
C TYR B 350 -29.56 -4.07 -53.99
N VAL B 351 -28.54 -4.41 -53.20
CA VAL B 351 -28.26 -3.69 -51.97
C VAL B 351 -27.03 -2.81 -52.13
N MET B 352 -27.13 -1.56 -51.70
CA MET B 352 -26.01 -0.63 -51.81
C MET B 352 -25.97 0.32 -50.60
N THR B 353 -24.88 1.06 -50.49
CA THR B 353 -24.74 2.09 -49.46
C THR B 353 -24.80 3.45 -50.13
N PRO B 354 -25.10 4.52 -49.35
CA PRO B 354 -25.11 5.88 -49.90
C PRO B 354 -23.77 6.30 -50.52
N GLU B 355 -22.69 5.63 -50.13
CA GLU B 355 -21.37 5.92 -50.70
C GLU B 355 -21.15 5.13 -51.99
N PHE B 356 -21.31 5.78 -53.14
CA PHE B 356 -21.11 5.10 -54.42
C PHE B 356 -20.35 5.98 -55.41
N GLY B 357 -19.71 7.03 -54.91
CA GLY B 357 -18.95 7.94 -55.75
C GLY B 357 -19.82 9.05 -56.29
N ALA B 358 -19.65 9.37 -57.57
CA ALA B 358 -20.45 10.40 -58.20
C ALA B 358 -21.81 9.87 -58.60
N ALA B 359 -22.72 10.76 -58.97
CA ALA B 359 -24.05 10.35 -59.38
C ALA B 359 -24.04 9.70 -60.76
N SER B 360 -22.98 9.95 -61.52
CA SER B 360 -22.84 9.40 -62.87
C SER B 360 -22.42 7.93 -62.84
N GLN B 361 -22.01 7.46 -61.66
CA GLN B 361 -21.58 6.08 -61.50
C GLN B 361 -22.74 5.11 -61.68
N LEU B 362 -23.94 5.57 -61.34
CA LEU B 362 -25.12 4.72 -61.38
C LEU B 362 -25.49 4.31 -62.81
N GLU B 363 -24.94 5.00 -63.79
CA GLU B 363 -25.17 4.67 -65.18
C GLU B 363 -24.27 3.52 -65.63
N LYS B 364 -23.36 3.11 -64.76
CA LYS B 364 -22.42 2.03 -65.07
C LYS B 364 -22.81 0.74 -64.38
N ILE B 365 -23.68 0.84 -63.38
CA ILE B 365 -24.10 -0.32 -62.59
C ILE B 365 -25.12 -1.16 -63.34
N ASP B 366 -24.70 -2.33 -63.81
CA ASP B 366 -25.56 -3.22 -64.58
C ASP B 366 -26.75 -3.71 -63.78
N MET B 367 -26.58 -3.84 -62.47
CA MET B 367 -27.62 -4.43 -61.63
C MET B 367 -28.83 -3.52 -61.48
N LEU B 368 -28.62 -2.21 -61.67
CA LEU B 368 -29.72 -1.25 -61.59
C LEU B 368 -30.67 -1.39 -62.77
N ASP B 369 -30.23 -2.15 -63.78
CA ASP B 369 -31.01 -2.35 -64.99
C ASP B 369 -31.89 -3.60 -64.90
N PHE B 370 -31.61 -4.45 -63.92
CA PHE B 370 -32.31 -5.73 -63.80
C PHE B 370 -33.06 -5.88 -62.48
N ALA B 371 -32.57 -5.21 -61.45
CA ALA B 371 -33.12 -5.36 -60.11
C ALA B 371 -34.60 -4.96 -60.03
N ASP B 372 -35.40 -5.84 -59.44
CA ASP B 372 -36.82 -5.56 -59.24
C ASP B 372 -36.99 -4.65 -58.04
N PHE B 373 -36.03 -4.73 -57.12
CA PHE B 373 -36.01 -3.89 -55.94
C PHE B 373 -34.60 -3.41 -55.66
N VAL B 374 -34.47 -2.15 -55.26
CA VAL B 374 -33.17 -1.61 -54.88
C VAL B 374 -33.23 -1.11 -53.44
N ALA B 375 -32.34 -1.62 -52.61
CA ALA B 375 -32.31 -1.21 -51.21
C ALA B 375 -31.04 -0.45 -50.89
N ILE B 376 -31.17 0.82 -50.55
CA ILE B 376 -30.02 1.62 -50.14
C ILE B 376 -29.86 1.50 -48.64
N ASN B 377 -29.11 0.48 -48.23
CA ASN B 377 -28.89 0.21 -46.81
C ASN B 377 -27.93 1.21 -46.19
N LYS B 378 -27.73 1.09 -44.88
CA LYS B 378 -26.89 2.03 -44.13
C LYS B 378 -27.34 3.46 -44.37
N PHE B 379 -28.63 3.70 -44.15
CA PHE B 379 -29.22 4.99 -44.44
C PHE B 379 -28.87 6.04 -43.37
N ASP B 380 -28.08 5.63 -42.38
CA ASP B 380 -27.63 6.56 -41.36
C ASP B 380 -26.40 7.31 -41.82
N ARG B 381 -25.72 6.77 -42.83
CA ARG B 381 -24.48 7.38 -43.34
C ARG B 381 -24.79 8.70 -44.03
N LYS B 382 -23.80 9.57 -44.09
CA LYS B 382 -23.95 10.91 -44.67
C LYS B 382 -24.34 10.83 -46.14
N GLY B 383 -25.32 11.66 -46.53
CA GLY B 383 -25.74 11.76 -47.92
C GLY B 383 -26.63 10.63 -48.36
N ALA B 384 -27.35 10.04 -47.42
CA ALA B 384 -28.27 8.95 -47.71
C ALA B 384 -29.46 9.44 -48.53
N GLN B 385 -29.97 10.61 -48.17
CA GLN B 385 -31.13 11.20 -48.82
C GLN B 385 -30.85 11.50 -50.27
N ASP B 386 -29.73 12.17 -50.53
CA ASP B 386 -29.33 12.53 -51.88
C ASP B 386 -29.00 11.28 -52.69
N ALA B 387 -28.46 10.26 -52.03
CA ALA B 387 -28.17 9.00 -52.69
C ALA B 387 -29.45 8.35 -53.19
N TRP B 388 -30.50 8.44 -52.39
CA TRP B 388 -31.78 7.86 -52.76
C TRP B 388 -32.38 8.59 -53.95
N ARG B 389 -32.23 9.92 -53.95
CA ARG B 389 -32.65 10.75 -55.06
C ARG B 389 -32.05 10.28 -56.37
N ASP B 390 -30.74 10.10 -56.36
CA ASP B 390 -29.99 9.73 -57.55
C ASP B 390 -30.36 8.34 -58.04
N VAL B 391 -30.41 7.39 -57.12
CA VAL B 391 -30.75 6.01 -57.47
C VAL B 391 -32.18 5.91 -57.98
N ALA B 392 -33.10 6.61 -57.33
CA ALA B 392 -34.50 6.60 -57.73
C ALA B 392 -34.67 7.09 -59.16
N LYS B 393 -33.99 8.19 -59.48
CA LYS B 393 -34.08 8.76 -60.83
C LYS B 393 -33.41 7.87 -61.86
N GLN B 394 -32.36 7.17 -61.45
CA GLN B 394 -31.65 6.27 -62.35
C GLN B 394 -32.50 5.05 -62.70
N VAL B 395 -33.19 4.51 -61.71
CA VAL B 395 -34.06 3.36 -61.92
C VAL B 395 -35.24 3.77 -62.80
N GLN B 396 -35.74 4.98 -62.58
CA GLN B 396 -36.81 5.53 -63.41
C GLN B 396 -36.36 5.65 -64.85
N ARG B 397 -35.09 6.02 -65.04
CA ARG B 397 -34.52 6.19 -66.36
C ARG B 397 -34.32 4.84 -67.06
N ASN B 398 -33.88 3.84 -66.29
CA ASN B 398 -33.63 2.51 -66.82
C ASN B 398 -34.91 1.80 -67.24
N ARG B 399 -36.02 2.15 -66.62
CA ARG B 399 -37.30 1.52 -66.91
C ARG B 399 -38.13 2.37 -67.86
N GLU B 400 -37.64 3.57 -68.16
CA GLU B 400 -38.32 4.50 -69.05
C GLU B 400 -39.73 4.84 -68.58
N GLN B 401 -39.91 4.89 -67.26
CA GLN B 401 -41.20 5.23 -66.68
C GLN B 401 -41.27 6.71 -66.32
N TRP B 402 -41.30 7.57 -67.33
CA TRP B 402 -41.32 9.01 -67.06
C TRP B 402 -42.72 9.51 -66.75
N HIS B 403 -43.72 8.65 -66.98
CA HIS B 403 -45.10 8.96 -66.60
C HIS B 403 -45.36 8.60 -65.14
N SER B 404 -44.31 8.12 -64.47
CA SER B 404 -44.40 7.78 -63.04
C SER B 404 -43.54 8.73 -62.22
N ARG B 405 -43.82 8.79 -60.92
CA ARG B 405 -43.04 9.62 -60.01
C ARG B 405 -41.77 8.89 -59.59
N ALA B 406 -40.70 9.64 -59.38
CA ALA B 406 -39.42 9.04 -58.99
C ALA B 406 -39.52 8.39 -57.61
N GLU B 407 -40.43 8.90 -56.78
CA GLU B 407 -40.62 8.37 -55.44
C GLU B 407 -41.43 7.09 -55.44
N ASP B 408 -41.97 6.72 -56.60
CA ASP B 408 -42.78 5.52 -56.71
C ASP B 408 -41.97 4.30 -57.14
N MET B 409 -40.72 4.53 -57.50
CA MET B 409 -39.85 3.43 -57.92
C MET B 409 -39.54 2.51 -56.75
N PRO B 410 -39.33 1.22 -57.02
CA PRO B 410 -39.02 0.24 -55.98
C PRO B 410 -37.65 0.43 -55.35
N VAL B 411 -37.25 1.69 -55.12
CA VAL B 411 -36.01 2.00 -54.45
C VAL B 411 -36.27 2.33 -52.99
N TYR B 412 -35.67 1.57 -52.08
CA TYR B 412 -35.95 1.73 -50.67
C TYR B 412 -34.73 2.15 -49.88
N GLY B 413 -34.94 3.01 -48.88
CA GLY B 413 -33.88 3.42 -47.98
C GLY B 413 -34.02 2.66 -46.69
N THR B 414 -33.12 1.70 -46.46
CA THR B 414 -33.21 0.82 -45.31
C THR B 414 -32.06 1.00 -44.33
N GLN B 415 -32.28 0.54 -43.10
CA GLN B 415 -31.23 0.50 -42.09
C GLN B 415 -31.32 -0.80 -41.31
N ALA B 416 -30.64 -1.83 -41.80
CA ALA B 416 -30.73 -3.17 -41.24
C ALA B 416 -30.16 -3.24 -39.83
N SER B 417 -29.21 -2.35 -39.53
CA SER B 417 -28.55 -2.36 -38.22
C SER B 417 -29.49 -1.95 -37.09
N ARG B 418 -30.51 -1.15 -37.39
CA ARG B 418 -31.41 -0.74 -36.32
C ARG B 418 -32.65 -1.61 -36.22
N PHE B 419 -32.97 -2.02 -35.00
CA PHE B 419 -34.11 -2.88 -34.72
C PHE B 419 -35.42 -2.20 -35.09
N ASN B 420 -36.34 -2.98 -35.65
CA ASN B 420 -37.65 -2.48 -36.05
C ASN B 420 -37.56 -1.25 -36.95
N ASP B 421 -36.60 -1.26 -37.88
CA ASP B 421 -36.47 -0.15 -38.80
C ASP B 421 -37.68 -0.10 -39.73
N ASP B 422 -38.34 1.05 -39.77
CA ASP B 422 -39.51 1.21 -40.63
C ASP B 422 -39.14 1.10 -42.11
N GLY B 423 -37.91 1.47 -42.43
CA GLY B 423 -37.41 1.36 -43.79
C GLY B 423 -37.42 -0.08 -44.28
N VAL B 424 -36.83 -0.96 -43.48
CA VAL B 424 -36.80 -2.39 -43.81
C VAL B 424 -38.20 -2.95 -43.95
N THR B 425 -39.10 -2.52 -43.07
CA THR B 425 -40.48 -2.96 -43.10
C THR B 425 -41.15 -2.51 -44.40
N MET B 426 -40.85 -1.29 -44.83
CA MET B 426 -41.37 -0.79 -46.10
C MET B 426 -40.92 -1.65 -47.27
N LEU B 427 -39.63 -2.00 -47.27
CA LEU B 427 -39.09 -2.89 -48.29
C LEU B 427 -39.76 -4.26 -48.23
N TYR B 428 -40.00 -4.73 -47.00
CA TYR B 428 -40.67 -6.01 -46.80
C TYR B 428 -42.07 -6.00 -47.40
N GLN B 429 -42.82 -4.94 -47.09
CA GLN B 429 -44.18 -4.80 -47.60
C GLN B 429 -44.19 -4.83 -49.12
N GLY B 430 -43.17 -4.23 -49.72
CA GLY B 430 -43.03 -4.22 -51.16
C GLY B 430 -42.75 -5.59 -51.73
N LEU B 431 -41.83 -6.31 -51.10
CA LEU B 431 -41.47 -7.66 -51.53
C LEU B 431 -42.66 -8.61 -51.42
N VAL B 432 -43.46 -8.43 -50.37
CA VAL B 432 -44.65 -9.26 -50.16
C VAL B 432 -45.64 -9.10 -51.31
N GLY B 433 -45.91 -7.87 -51.68
CA GLY B 433 -46.82 -7.58 -52.78
C GLY B 433 -46.34 -8.18 -54.09
N ALA B 434 -45.04 -8.19 -54.29
CA ALA B 434 -44.45 -8.75 -55.51
C ALA B 434 -44.46 -10.27 -55.47
N LEU B 435 -44.14 -10.84 -54.31
CA LEU B 435 -44.14 -12.29 -54.14
C LEU B 435 -45.56 -12.84 -54.16
N GLY B 436 -46.51 -12.03 -53.70
CA GLY B 436 -47.91 -12.42 -53.69
C GLY B 436 -48.45 -12.62 -55.09
N ALA B 437 -48.18 -11.67 -55.96
CA ALA B 437 -48.63 -11.74 -57.35
C ALA B 437 -47.94 -12.89 -58.09
N ARG B 438 -46.77 -13.27 -57.61
CA ARG B 438 -45.99 -14.33 -58.25
C ARG B 438 -46.30 -15.69 -57.64
N GLY B 439 -47.54 -15.87 -57.20
CA GLY B 439 -47.99 -17.14 -56.65
C GLY B 439 -47.33 -17.53 -55.35
N MET B 440 -47.72 -16.87 -54.26
CA MET B 440 -47.24 -17.22 -52.93
C MET B 440 -48.28 -16.88 -51.89
N SER B 441 -49.01 -17.90 -51.43
CA SER B 441 -50.10 -17.71 -50.48
C SER B 441 -49.58 -17.16 -49.16
N LEU B 442 -50.13 -16.02 -48.76
CA LEU B 442 -49.76 -15.34 -47.52
C LEU B 442 -51.00 -14.83 -46.80
N LYS B 443 -51.03 -14.99 -45.47
CA LYS B 443 -52.12 -14.44 -44.67
C LYS B 443 -51.99 -12.91 -44.61
N PRO B 444 -53.11 -12.21 -44.39
CA PRO B 444 -53.04 -10.75 -44.18
C PRO B 444 -52.10 -10.41 -43.03
N GLY B 445 -51.09 -9.61 -43.31
CA GLY B 445 -50.01 -9.34 -42.37
C GLY B 445 -50.43 -8.74 -41.04
N THR B 446 -49.60 -8.95 -40.03
CA THR B 446 -49.83 -8.39 -38.71
C THR B 446 -48.90 -7.19 -38.47
N LEU B 447 -48.02 -6.94 -39.44
CA LEU B 447 -47.09 -5.82 -39.35
C LEU B 447 -47.77 -4.53 -39.81
N PRO B 448 -47.34 -3.38 -39.28
CA PRO B 448 -47.88 -2.11 -39.76
C PRO B 448 -47.61 -1.91 -41.25
N ASN B 449 -48.66 -1.75 -42.04
CA ASN B 449 -48.51 -1.54 -43.47
C ASN B 449 -48.06 -0.11 -43.75
N LEU B 450 -46.76 0.13 -43.61
CA LEU B 450 -46.20 1.48 -43.70
C LEU B 450 -46.06 1.96 -45.14
N GLU B 451 -46.45 3.20 -45.40
CA GLU B 451 -46.24 3.78 -46.72
C GLU B 451 -44.98 4.64 -46.73
N GLY B 452 -44.36 4.76 -47.89
CA GLY B 452 -43.10 5.47 -48.03
C GLY B 452 -42.01 4.55 -48.56
N ARG B 453 -40.86 5.12 -48.88
CA ARG B 453 -39.76 4.33 -49.42
C ARG B 453 -38.48 4.51 -48.60
N ILE B 454 -38.52 5.45 -47.66
CA ILE B 454 -37.33 5.85 -46.94
C ILE B 454 -37.49 5.66 -45.43
N SER B 455 -36.45 5.12 -44.80
CA SER B 455 -36.41 4.99 -43.34
C SER B 455 -36.39 6.36 -42.67
N THR B 456 -37.07 6.48 -41.54
CA THR B 456 -37.07 7.76 -40.82
C THR B 456 -35.97 7.75 -39.77
N GLY B 457 -35.24 6.64 -39.70
CA GLY B 457 -34.13 6.48 -38.78
C GLY B 457 -34.54 6.72 -37.34
N GLN B 458 -35.79 6.45 -37.03
CA GLN B 458 -36.31 6.66 -35.68
C GLN B 458 -35.61 5.74 -34.70
N ASN B 459 -35.67 6.09 -33.42
CA ASN B 459 -35.03 5.32 -32.35
C ASN B 459 -33.51 5.26 -32.44
N VAL B 460 -32.89 6.34 -32.88
CA VAL B 460 -31.45 6.49 -32.69
C VAL B 460 -31.25 7.06 -31.29
N ILE B 461 -30.27 6.54 -30.57
CA ILE B 461 -30.13 6.88 -29.17
C ILE B 461 -29.57 8.29 -29.00
N VAL B 462 -28.42 8.54 -29.60
CA VAL B 462 -27.86 9.88 -29.65
C VAL B 462 -28.11 10.49 -31.02
N PRO B 463 -28.87 11.60 -31.07
CA PRO B 463 -29.21 12.25 -32.33
C PRO B 463 -27.96 12.75 -33.06
N PRO B 464 -27.95 12.62 -34.40
CA PRO B 464 -26.83 13.02 -35.25
C PRO B 464 -26.44 14.49 -35.07
N ALA B 465 -27.38 15.30 -34.59
CA ALA B 465 -27.10 16.70 -34.29
C ALA B 465 -26.10 16.82 -33.14
N ARG B 466 -26.23 15.93 -32.16
CA ARG B 466 -25.37 15.95 -30.98
C ARG B 466 -24.17 15.02 -31.14
N SER B 467 -23.90 14.60 -32.38
CA SER B 467 -22.89 13.59 -32.66
C SER B 467 -21.50 13.92 -32.08
N ARG B 468 -21.12 15.18 -32.09
CA ARG B 468 -19.80 15.56 -31.59
C ARG B 468 -19.89 16.13 -30.18
N TYR B 469 -20.72 15.49 -29.36
CA TYR B 469 -20.91 15.93 -27.98
C TYR B 469 -19.63 15.88 -27.15
N LEU B 470 -18.84 14.82 -27.36
CA LEU B 470 -17.59 14.67 -26.62
C LEU B 470 -16.61 15.79 -26.94
N ALA B 471 -16.59 16.21 -28.20
CA ALA B 471 -15.72 17.30 -28.63
C ALA B 471 -16.11 18.60 -27.97
N GLU B 472 -17.42 18.84 -27.85
CA GLU B 472 -17.93 20.04 -27.20
C GLU B 472 -17.54 20.08 -25.74
N LEU B 473 -17.60 18.91 -25.10
CA LEU B 473 -17.21 18.78 -23.71
C LEU B 473 -15.74 19.12 -23.52
N ALA B 474 -14.91 18.68 -24.47
CA ALA B 474 -13.49 18.99 -24.45
C ALA B 474 -13.28 20.50 -24.51
N ASP B 475 -14.01 21.14 -25.42
CA ASP B 475 -13.96 22.60 -25.57
C ASP B 475 -14.35 23.28 -24.28
N THR B 476 -15.40 22.77 -23.65
CA THR B 476 -15.93 23.34 -22.40
C THR B 476 -14.86 23.37 -21.31
N VAL B 477 -14.16 22.25 -21.15
CA VAL B 477 -13.13 22.15 -20.13
C VAL B 477 -11.95 23.07 -20.44
N ARG B 478 -11.47 23.01 -21.67
CA ARG B 478 -10.36 23.86 -22.10
C ARG B 478 -10.72 25.35 -21.99
N ALA B 479 -11.99 25.66 -22.24
CA ALA B 479 -12.47 27.02 -22.13
C ALA B 479 -12.46 27.49 -20.69
N TYR B 480 -12.80 26.58 -19.78
CA TYR B 480 -12.79 26.89 -18.35
C TYR B 480 -11.39 27.25 -17.88
N HIS B 481 -10.40 26.46 -18.28
CA HIS B 481 -9.01 26.70 -17.89
C HIS B 481 -8.49 28.01 -18.46
N ARG B 482 -8.88 28.33 -19.68
CA ARG B 482 -8.49 29.59 -20.30
C ARG B 482 -8.96 30.76 -19.45
N ARG B 483 -10.15 30.62 -18.86
CA ARG B 483 -10.70 31.65 -18.00
C ARG B 483 -9.90 31.77 -16.71
N VAL B 484 -9.51 30.62 -16.16
CA VAL B 484 -8.72 30.60 -14.93
C VAL B 484 -7.43 31.37 -15.11
N VAL B 485 -6.77 31.18 -16.25
CA VAL B 485 -5.53 31.88 -16.57
C VAL B 485 -5.75 33.40 -16.64
N ALA B 486 -6.79 33.79 -17.37
CA ALA B 486 -7.09 35.20 -17.59
C ALA B 486 -7.52 35.91 -16.32
N GLN B 487 -8.41 35.29 -15.55
CA GLN B 487 -8.91 35.87 -14.32
C GLN B 487 -7.82 35.96 -13.26
N SER B 488 -6.89 35.01 -13.29
CA SER B 488 -5.75 35.03 -12.37
C SER B 488 -4.86 36.23 -12.66
N LYS B 489 -4.54 36.42 -13.94
CA LYS B 489 -3.70 37.54 -14.36
C LYS B 489 -4.33 38.86 -13.91
N LEU B 490 -5.65 38.95 -14.05
CA LEU B 490 -6.37 40.15 -13.62
C LEU B 490 -6.30 40.33 -12.11
N ALA B 491 -6.60 39.27 -11.38
CA ALA B 491 -6.56 39.31 -9.92
C ALA B 491 -5.16 39.63 -9.42
N ARG B 492 -4.16 39.11 -10.12
CA ARG B 492 -2.76 39.36 -9.79
C ARG B 492 -2.40 40.82 -10.00
N GLU B 493 -2.69 41.32 -11.21
CA GLU B 493 -2.40 42.71 -11.56
C GLU B 493 -3.11 43.67 -10.61
N ARG B 494 -4.37 43.36 -10.30
CA ARG B 494 -5.17 44.19 -9.41
C ARG B 494 -4.49 44.34 -8.05
N GLN B 495 -3.97 43.23 -7.53
CA GLN B 495 -3.29 43.25 -6.23
C GLN B 495 -1.97 44.01 -6.32
N GLN B 496 -1.22 43.77 -7.39
CA GLN B 496 0.07 44.42 -7.60
C GLN B 496 -0.08 45.94 -7.65
N LEU B 497 -1.15 46.42 -8.27
CA LEU B 497 -1.40 47.85 -8.38
C LEU B 497 -1.69 48.47 -7.03
N ARG B 498 -2.71 47.93 -6.34
CA ARG B 498 -3.11 48.45 -5.04
C ARG B 498 -1.98 48.30 -4.02
N ALA B 499 -1.15 47.29 -4.19
CA ALA B 499 0.02 47.12 -3.33
C ALA B 499 0.98 48.27 -3.54
N ALA B 500 1.25 48.59 -4.80
CA ALA B 500 2.15 49.69 -5.14
C ALA B 500 1.55 51.04 -4.72
N HIS B 501 0.23 51.13 -4.76
CA HIS B 501 -0.46 52.35 -4.37
C HIS B 501 -0.28 52.62 -2.88
N ASP B 502 -0.35 51.56 -2.08
CA ASP B 502 -0.19 51.68 -0.64
C ASP B 502 1.26 51.97 -0.26
N MET B 503 2.19 51.51 -1.10
CA MET B 503 3.61 51.71 -0.86
C MET B 503 4.05 53.12 -1.25
N LEU B 504 3.37 53.69 -2.24
CA LEU B 504 3.65 55.07 -2.64
C LEU B 504 3.15 56.05 -1.60
N GLN B 505 1.97 55.79 -1.06
CA GLN B 505 1.38 56.66 -0.04
C GLN B 505 2.16 56.57 1.26
N GLY B 506 2.84 55.45 1.48
CA GLY B 506 3.67 55.27 2.65
C GLY B 506 4.99 56.01 2.53
N ALA B 507 5.31 56.44 1.32
CA ALA B 507 6.53 57.20 1.07
C ALA B 507 6.22 58.69 0.88
N GLY B 508 4.95 59.00 0.65
CA GLY B 508 4.52 60.38 0.50
C GLY B 508 3.81 60.65 -0.81
N HIS B 509 4.27 60.01 -1.88
CA HIS B 509 3.72 60.21 -3.21
C HIS B 509 2.28 59.69 -3.31
N GLU B 510 1.37 60.55 -3.74
CA GLU B 510 -0.01 60.16 -3.94
C GLU B 510 -0.38 60.18 -5.42
N SER B 511 -0.22 59.03 -6.07
CA SER B 511 -0.55 58.88 -7.48
C SER B 511 -1.78 58.00 -7.67
N ALA B 512 -2.93 58.64 -7.90
CA ALA B 512 -4.18 57.92 -8.07
C ALA B 512 -4.30 57.32 -9.48
N ALA B 513 -3.28 57.56 -10.30
CA ALA B 513 -3.21 56.96 -11.63
C ALA B 513 -3.18 55.43 -11.52
N LEU B 514 -2.57 54.94 -10.44
CA LEU B 514 -2.55 53.51 -10.17
C LEU B 514 -3.93 52.98 -9.84
N GLU B 515 -4.66 53.71 -9.00
CA GLU B 515 -5.98 53.30 -8.56
C GLU B 515 -6.96 53.16 -9.73
N THR B 516 -6.79 54.01 -10.73
CA THR B 516 -7.64 53.97 -11.91
C THR B 516 -7.47 52.65 -12.66
N LEU B 517 -6.23 52.18 -12.74
CA LEU B 517 -5.94 50.91 -13.39
C LEU B 517 -6.41 49.73 -12.53
N ALA B 518 -6.47 49.93 -11.22
CA ALA B 518 -6.92 48.90 -10.30
C ALA B 518 -8.44 48.73 -10.39
N SER B 519 -9.16 49.84 -10.25
CA SER B 519 -10.62 49.84 -10.35
C SER B 519 -11.08 49.35 -11.71
N GLU B 520 -10.21 49.52 -12.70
CA GLU B 520 -10.46 49.03 -14.06
C GLU B 520 -10.49 47.50 -14.09
N ARG B 521 -9.74 46.88 -13.20
CA ARG B 521 -9.65 45.42 -13.16
C ARG B 521 -10.64 44.81 -12.17
N ASP B 522 -11.32 45.65 -11.41
CA ASP B 522 -12.40 45.17 -10.55
C ASP B 522 -13.57 44.74 -11.41
N VAL B 523 -13.79 45.47 -12.50
CA VAL B 523 -14.86 45.17 -13.44
C VAL B 523 -14.43 44.06 -14.39
N SER B 524 -13.15 44.03 -14.73
CA SER B 524 -12.59 43.00 -15.59
C SER B 524 -12.77 41.61 -14.98
N LEU B 525 -12.59 41.52 -13.66
CA LEU B 525 -12.85 40.29 -12.93
C LEU B 525 -14.34 39.94 -12.99
N GLY B 526 -14.64 38.66 -13.14
CA GLY B 526 -16.01 38.20 -13.16
C GLY B 526 -16.68 38.36 -11.81
N ALA B 527 -17.99 38.17 -11.78
CA ALA B 527 -18.73 38.26 -10.53
C ALA B 527 -18.38 37.11 -9.60
N VAL B 528 -18.31 35.91 -10.16
CA VAL B 528 -18.02 34.71 -9.38
C VAL B 528 -16.60 34.73 -8.85
N GLU B 529 -15.65 35.14 -9.70
CA GLU B 529 -14.24 35.18 -9.33
C GLU B 529 -14.00 36.22 -8.22
N ARG B 530 -14.71 37.33 -8.31
CA ARG B 530 -14.54 38.40 -7.33
C ARG B 530 -15.00 37.94 -5.94
N LYS B 531 -16.07 37.15 -5.90
CA LYS B 531 -16.60 36.67 -4.64
C LYS B 531 -15.71 35.58 -4.04
N LEU B 532 -15.06 34.82 -4.90
CA LEU B 532 -14.14 33.77 -4.46
C LEU B 532 -13.00 34.33 -3.62
N LEU B 533 -12.33 35.35 -4.15
CA LEU B 533 -11.23 35.99 -3.45
C LEU B 533 -11.73 36.71 -2.19
N ALA B 534 -12.95 37.23 -2.26
CA ALA B 534 -13.53 37.96 -1.15
C ALA B 534 -13.80 37.04 0.05
N MET B 535 -14.19 35.81 -0.24
CA MET B 535 -14.51 34.85 0.80
C MET B 535 -13.27 34.11 1.30
N TRP B 536 -12.14 34.34 0.65
CA TRP B 536 -10.90 33.65 1.00
C TRP B 536 -10.44 33.88 2.44
N PRO B 537 -10.44 35.14 2.93
CA PRO B 537 -10.02 35.29 4.32
C PRO B 537 -11.01 34.65 5.30
N GLN B 538 -12.29 34.71 4.96
CA GLN B 538 -13.33 34.09 5.78
C GLN B 538 -13.21 32.58 5.70
N MET B 539 -12.77 32.09 4.55
CA MET B 539 -12.57 30.66 4.34
C MET B 539 -11.42 30.15 5.21
N GLN B 540 -10.37 30.96 5.32
CA GLN B 540 -9.20 30.59 6.11
C GLN B 540 -9.52 30.49 7.60
N GLN B 541 -10.33 31.43 8.09
CA GLN B 541 -10.71 31.46 9.49
C GLN B 541 -11.53 30.24 9.86
N ALA B 542 -12.25 29.70 8.88
CA ALA B 542 -13.09 28.52 9.09
C ALA B 542 -12.24 27.28 9.36
N TYR B 543 -11.27 27.04 8.49
CA TYR B 543 -10.43 25.85 8.59
C TYR B 543 -9.24 26.04 9.54
N SER B 544 -9.26 27.13 10.30
CA SER B 544 -8.15 27.43 11.20
C SER B 544 -8.37 26.83 12.59
N GLY B 545 -9.58 26.99 13.11
CA GLY B 545 -9.90 26.55 14.46
C GLY B 545 -9.89 25.05 14.66
N ASP B 546 -10.40 24.62 15.81
CA ASP B 546 -10.48 23.20 16.14
C ASP B 546 -11.82 22.60 15.70
N GLU B 547 -12.77 23.46 15.36
CA GLU B 547 -14.07 23.02 14.89
C GLU B 547 -14.53 23.78 13.66
N TYR B 548 -15.54 23.22 12.98
CA TYR B 548 -16.09 23.81 11.76
C TYR B 548 -17.58 24.08 11.92
N VAL B 549 -17.92 25.33 12.18
CA VAL B 549 -19.33 25.70 12.44
C VAL B 549 -20.05 26.14 11.16
N VAL B 550 -21.12 25.42 10.83
CA VAL B 550 -21.95 25.74 9.68
C VAL B 550 -23.41 25.42 9.96
N LYS B 551 -24.26 26.44 9.92
CA LYS B 551 -25.66 26.30 10.31
C LYS B 551 -26.57 25.93 9.14
N ILE B 552 -27.10 24.71 9.15
CA ILE B 552 -28.09 24.27 8.18
C ILE B 552 -29.48 24.25 8.81
N ARG B 553 -30.49 24.56 8.01
CA ARG B 553 -31.87 24.67 8.49
C ARG B 553 -31.99 25.69 9.62
N ASP B 554 -32.45 25.23 10.79
CA ASP B 554 -32.61 26.11 11.94
C ASP B 554 -31.56 25.81 13.01
N LYS B 555 -30.92 24.65 12.90
CA LYS B 555 -29.90 24.24 13.87
C LYS B 555 -28.49 24.52 13.34
N GLU B 556 -27.55 23.64 13.68
CA GLU B 556 -26.16 23.77 13.25
C GLU B 556 -25.46 22.43 13.19
N ILE B 557 -24.37 22.36 12.44
CA ILE B 557 -23.60 21.14 12.30
C ILE B 557 -22.11 21.38 12.53
N ARG B 558 -21.65 21.06 13.74
CA ARG B 558 -20.24 21.22 14.09
C ARG B 558 -19.42 19.99 13.70
N THR B 559 -18.23 20.24 13.16
CA THR B 559 -17.33 19.17 12.77
C THR B 559 -15.91 19.47 13.21
N GLY B 560 -15.24 18.47 13.79
CA GLY B 560 -13.88 18.63 14.24
C GLY B 560 -12.90 18.71 13.08
N LEU B 561 -11.90 19.58 13.21
CA LEU B 561 -10.91 19.77 12.16
C LEU B 561 -9.57 19.17 12.55
N ILE B 562 -9.40 18.91 13.84
CA ILE B 562 -8.11 18.54 14.37
C ILE B 562 -8.07 17.10 14.89
N SER B 563 -7.05 16.36 14.47
CA SER B 563 -6.72 15.09 15.09
C SER B 563 -5.30 15.17 15.62
N THR B 564 -5.14 14.93 16.92
CA THR B 564 -3.85 15.10 17.56
C THR B 564 -3.05 13.80 17.64
N THR B 565 -1.77 13.86 17.28
CA THR B 565 -0.92 12.69 17.28
C THR B 565 -0.39 12.38 18.68
N LEU B 566 0.30 11.25 18.80
CA LEU B 566 0.91 10.87 20.07
C LEU B 566 1.97 11.87 20.51
N SER B 567 2.57 12.55 19.53
CA SER B 567 3.59 13.55 19.81
C SER B 567 2.96 14.85 20.27
N GLY B 568 1.68 15.03 19.95
CA GLY B 568 0.95 16.23 20.33
C GLY B 568 0.81 17.20 19.18
N THR B 569 0.96 16.70 17.96
CA THR B 569 0.87 17.53 16.77
C THR B 569 -0.56 17.62 16.25
N LYS B 570 -1.01 18.83 15.93
CA LYS B 570 -2.35 19.03 15.39
C LYS B 570 -2.38 18.81 13.88
N ILE B 571 -2.98 17.70 13.45
CA ILE B 571 -3.13 17.41 12.03
C ILE B 571 -4.48 17.87 11.51
N ARG B 572 -4.48 18.97 10.76
CA ARG B 572 -5.72 19.52 10.21
C ARG B 572 -6.29 18.61 9.13
N LYS B 573 -7.61 18.38 9.19
CA LYS B 573 -8.28 17.53 8.21
C LYS B 573 -8.13 18.09 6.81
N VAL B 574 -8.28 19.40 6.68
CA VAL B 574 -8.11 20.06 5.40
C VAL B 574 -7.07 21.17 5.53
N VAL B 575 -5.96 21.02 4.82
CA VAL B 575 -4.88 21.99 4.89
C VAL B 575 -5.00 23.02 3.77
N LEU B 576 -5.09 24.29 4.15
CA LEU B 576 -5.21 25.37 3.18
C LEU B 576 -3.84 25.91 2.78
N PRO B 577 -3.72 26.39 1.54
CA PRO B 577 -2.48 27.00 1.05
C PRO B 577 -2.13 28.30 1.76
N ARG B 578 -0.85 28.65 1.77
CA ARG B 578 -0.40 29.90 2.37
C ARG B 578 0.17 30.84 1.31
N PHE B 579 -0.57 31.03 0.23
CA PHE B 579 -0.16 31.94 -0.83
C PHE B 579 -0.43 33.38 -0.44
N GLU B 580 0.42 34.28 -0.90
CA GLU B 580 0.20 35.70 -0.71
C GLU B 580 -0.37 36.29 -1.99
N ASP B 581 0.11 35.78 -3.12
CA ASP B 581 -0.37 36.20 -4.43
C ASP B 581 -1.83 35.83 -4.62
N GLU B 582 -2.67 36.84 -4.81
CA GLU B 582 -4.10 36.59 -5.05
C GLU B 582 -4.32 35.92 -6.39
N GLY B 583 -3.32 35.98 -7.25
CA GLY B 583 -3.35 35.27 -8.52
C GLY B 583 -3.32 33.77 -8.26
N GLU B 584 -2.43 33.35 -7.36
CA GLU B 584 -2.31 31.94 -7.00
C GLU B 584 -3.52 31.47 -6.21
N ILE B 585 -4.04 32.34 -5.35
CA ILE B 585 -5.24 32.02 -4.56
C ILE B 585 -6.42 31.71 -5.47
N LEU B 586 -6.70 32.63 -6.39
CA LEU B 586 -7.82 32.46 -7.32
C LEU B 586 -7.58 31.27 -8.23
N LYS B 587 -6.34 31.13 -8.73
CA LYS B 587 -5.98 30.02 -9.58
C LYS B 587 -6.25 28.70 -8.88
N TRP B 588 -5.89 28.64 -7.59
CA TRP B 588 -6.10 27.42 -6.81
C TRP B 588 -7.58 27.21 -6.52
N LEU B 589 -8.28 28.27 -6.17
CA LEU B 589 -9.70 28.19 -5.83
C LEU B 589 -10.55 27.73 -7.02
N MET B 590 -10.09 28.01 -8.23
CA MET B 590 -10.84 27.68 -9.43
C MET B 590 -10.49 26.30 -9.97
N ARG B 591 -9.23 25.91 -9.81
CA ARG B 591 -8.77 24.63 -10.35
C ARG B 591 -8.93 23.50 -9.33
N GLU B 592 -8.60 23.79 -8.08
CA GLU B 592 -8.70 22.80 -7.00
C GLU B 592 -9.17 23.43 -5.70
N ASN B 593 -10.46 23.70 -5.57
CA ASN B 593 -10.97 24.25 -4.32
C ASN B 593 -10.93 23.17 -3.24
N VAL B 594 -11.16 23.56 -2.00
CA VAL B 594 -11.22 22.62 -0.89
C VAL B 594 -12.26 21.54 -1.15
N PRO B 595 -12.11 20.37 -0.51
CA PRO B 595 -13.13 19.32 -0.63
C PRO B 595 -14.52 19.84 -0.26
N GLY B 596 -15.49 19.64 -1.14
CA GLY B 596 -16.85 20.08 -0.90
C GLY B 596 -17.17 21.43 -1.52
N SER B 597 -16.35 21.83 -2.49
CA SER B 597 -16.55 23.09 -3.20
C SER B 597 -16.14 22.95 -4.66
N PHE B 598 -16.88 23.60 -5.55
CA PHE B 598 -16.61 23.54 -6.99
C PHE B 598 -15.16 23.92 -7.30
N PRO B 599 -14.50 23.17 -8.20
CA PRO B 599 -15.03 22.05 -8.99
C PRO B 599 -14.92 20.69 -8.32
N TYR B 600 -14.88 20.65 -6.98
CA TYR B 600 -14.87 19.41 -6.22
C TYR B 600 -13.70 18.49 -6.59
N THR B 601 -12.54 19.08 -6.89
CA THR B 601 -11.38 18.30 -7.31
C THR B 601 -10.89 17.41 -6.18
N ALA B 602 -10.85 17.95 -4.97
CA ALA B 602 -10.34 17.21 -3.82
C ALA B 602 -11.44 16.43 -3.11
N GLY B 603 -12.56 16.24 -3.78
CA GLY B 603 -13.68 15.52 -3.20
C GLY B 603 -14.97 16.30 -3.29
N VAL B 604 -16.08 15.58 -3.40
CA VAL B 604 -17.39 16.21 -3.56
C VAL B 604 -18.01 16.59 -2.23
N PHE B 605 -17.48 16.02 -1.15
CA PHE B 605 -17.98 16.32 0.19
C PHE B 605 -16.96 17.09 1.01
N ALA B 606 -17.43 17.88 1.96
CA ALA B 606 -16.57 18.71 2.79
C ALA B 606 -15.58 17.88 3.59
N PHE B 607 -16.11 16.96 4.39
CA PHE B 607 -15.28 16.08 5.20
C PHE B 607 -15.75 14.63 5.08
N LYS B 608 -14.81 13.70 5.25
CA LYS B 608 -15.11 12.28 5.11
C LYS B 608 -16.10 11.82 6.18
N ARG B 609 -16.88 10.80 5.84
CA ARG B 609 -17.84 10.22 6.79
C ARG B 609 -17.10 9.39 7.84
N GLU B 610 -17.52 9.51 9.09
CA GLU B 610 -16.89 8.77 10.16
C GLU B 610 -17.62 7.47 10.47
N GLY B 611 -16.89 6.36 10.45
CA GLY B 611 -17.47 5.06 10.71
C GLY B 611 -17.40 4.13 9.52
N ASP B 613 -17.98 -0.52 8.62
CA ASP B 613 -19.43 -0.30 8.60
C ASP B 613 -19.97 0.02 7.20
N PRO B 614 -19.29 0.91 6.43
CA PRO B 614 -19.80 1.11 5.06
C PRO B 614 -19.51 -0.06 4.13
N THR B 615 -18.84 -1.10 4.64
CA THR B 615 -18.53 -2.28 3.85
C THR B 615 -19.78 -3.09 3.53
N ARG B 616 -20.19 -3.06 2.26
CA ARG B 616 -21.40 -3.76 1.83
C ARG B 616 -21.32 -5.27 2.09
N MET B 617 -22.47 -5.92 2.04
CA MET B 617 -22.55 -7.36 2.30
C MET B 617 -22.97 -8.10 1.03
N PHE B 618 -21.99 -8.60 0.29
CA PHE B 618 -22.24 -9.27 -0.98
C PHE B 618 -22.52 -10.76 -0.79
N ALA B 619 -23.50 -11.27 -1.53
CA ALA B 619 -23.87 -12.67 -1.43
C ALA B 619 -24.72 -13.10 -2.63
N GLY B 620 -24.34 -14.21 -3.25
CA GLY B 620 -25.06 -14.72 -4.41
C GLY B 620 -24.56 -16.07 -4.86
N GLU B 621 -25.29 -17.12 -4.48
CA GLU B 621 -24.93 -18.47 -4.88
C GLU B 621 -26.12 -19.41 -4.70
N GLY B 622 -26.20 -20.42 -5.56
CA GLY B 622 -27.29 -21.39 -5.50
C GLY B 622 -28.63 -20.78 -5.88
N ASP B 623 -29.70 -21.26 -5.26
CA ASP B 623 -31.04 -20.73 -5.52
C ASP B 623 -31.30 -19.51 -4.65
N ALA B 624 -32.50 -18.94 -4.79
CA ALA B 624 -32.86 -17.73 -4.06
C ALA B 624 -32.90 -17.97 -2.55
N PHE B 625 -33.14 -19.21 -2.15
CA PHE B 625 -33.22 -19.56 -0.75
C PHE B 625 -31.86 -19.48 -0.07
N ARG B 626 -30.83 -20.02 -0.72
CA ARG B 626 -29.49 -20.02 -0.14
C ARG B 626 -28.90 -18.61 -0.08
N THR B 627 -29.12 -17.84 -1.13
CA THR B 627 -28.60 -16.47 -1.19
C THR B 627 -29.28 -15.60 -0.14
N ASN B 628 -30.56 -15.84 0.08
CA ASN B 628 -31.31 -15.12 1.10
C ASN B 628 -30.79 -15.39 2.51
N ARG B 629 -30.50 -16.65 2.80
CA ARG B 629 -30.06 -17.04 4.13
C ARG B 629 -28.75 -16.34 4.45
N ARG B 630 -27.84 -16.33 3.49
CA ARG B 630 -26.56 -15.66 3.65
C ARG B 630 -26.77 -14.18 3.89
N PHE B 631 -27.69 -13.58 3.14
CA PHE B 631 -28.05 -12.18 3.34
C PHE B 631 -28.51 -11.93 4.77
N LYS B 632 -29.44 -12.76 5.23
CA LYS B 632 -29.97 -12.64 6.58
C LYS B 632 -28.91 -12.91 7.64
N LEU B 633 -28.00 -13.83 7.33
CA LEU B 633 -26.97 -14.22 8.28
C LEU B 633 -25.91 -13.15 8.45
N VAL B 634 -25.38 -12.64 7.34
CA VAL B 634 -24.37 -11.60 7.40
C VAL B 634 -24.93 -10.32 8.01
N SER B 635 -26.16 -10.00 7.64
CA SER B 635 -26.80 -8.76 8.09
C SER B 635 -27.53 -8.92 9.42
N GLU B 636 -27.20 -9.96 10.17
CA GLU B 636 -27.84 -10.18 11.46
C GLU B 636 -27.46 -9.10 12.46
N GLY B 637 -28.47 -8.44 13.02
CA GLY B 637 -28.26 -7.43 14.04
C GLY B 637 -27.51 -6.20 13.56
N MET B 638 -27.80 -5.77 12.33
CA MET B 638 -27.21 -4.55 11.80
C MET B 638 -28.29 -3.52 11.49
N GLU B 639 -27.97 -2.25 11.74
CA GLU B 639 -28.92 -1.16 11.52
C GLU B 639 -29.24 -0.99 10.04
N ALA B 640 -28.21 -0.85 9.22
CA ALA B 640 -28.39 -0.64 7.79
C ALA B 640 -28.18 -1.93 7.00
N LYS B 641 -29.23 -2.37 6.31
CA LYS B 641 -29.13 -3.52 5.42
C LYS B 641 -28.75 -3.06 4.02
N ARG B 642 -27.48 -3.26 3.66
CA ARG B 642 -27.00 -2.91 2.33
C ARG B 642 -26.60 -4.16 1.56
N LEU B 643 -27.50 -4.62 0.68
CA LEU B 643 -27.30 -5.87 -0.04
C LEU B 643 -26.73 -5.67 -1.43
N SER B 644 -25.93 -6.62 -1.89
CA SER B 644 -25.40 -6.60 -3.24
C SER B 644 -25.52 -7.99 -3.88
N THR B 645 -26.36 -8.09 -4.91
CA THR B 645 -26.73 -9.38 -5.48
C THR B 645 -25.94 -9.76 -6.73
N ALA B 646 -25.42 -10.98 -6.73
CA ALA B 646 -24.73 -11.52 -7.90
C ALA B 646 -25.54 -12.65 -8.53
N PHE B 647 -25.82 -12.54 -9.82
CA PHE B 647 -26.64 -13.55 -10.50
C PHE B 647 -25.77 -14.55 -11.25
N ASP B 648 -26.27 -15.77 -11.42
CA ASP B 648 -25.53 -16.80 -12.15
C ASP B 648 -25.48 -16.46 -13.63
N SER B 649 -24.53 -17.08 -14.33
CA SER B 649 -24.30 -16.78 -15.75
C SER B 649 -25.55 -16.98 -16.60
N VAL B 650 -26.42 -17.88 -16.18
CA VAL B 650 -27.66 -18.15 -16.90
C VAL B 650 -28.60 -16.95 -16.80
N THR B 651 -28.75 -16.41 -15.59
CA THR B 651 -29.63 -15.27 -15.38
C THR B 651 -29.04 -14.00 -16.01
N LEU B 652 -27.72 -13.87 -15.95
CA LEU B 652 -27.04 -12.71 -16.51
C LEU B 652 -27.29 -12.58 -18.00
N TYR B 653 -27.63 -13.69 -18.65
CA TYR B 653 -27.89 -13.69 -20.08
C TYR B 653 -29.37 -13.87 -20.39
N GLY B 654 -30.21 -13.62 -19.39
CA GLY B 654 -31.65 -13.61 -19.56
C GLY B 654 -32.28 -14.95 -19.88
N GLU B 655 -31.59 -16.03 -19.53
CA GLU B 655 -32.08 -17.36 -19.85
C GLU B 655 -32.66 -18.07 -18.64
N ASP B 656 -33.65 -18.93 -18.89
CA ASP B 656 -34.20 -19.78 -17.85
C ASP B 656 -33.32 -21.00 -17.67
N PRO B 657 -33.29 -21.56 -16.46
CA PRO B 657 -32.52 -22.79 -16.23
C PRO B 657 -33.12 -23.96 -17.02
N HIS B 658 -32.26 -24.80 -17.60
CA HIS B 658 -32.74 -25.89 -18.44
C HIS B 658 -31.91 -27.16 -18.23
N GLU B 659 -32.44 -28.28 -18.68
CA GLU B 659 -31.79 -29.58 -18.52
C GLU B 659 -30.55 -29.71 -19.39
N ARG B 660 -30.58 -29.01 -20.53
CA ARG B 660 -29.48 -28.96 -21.48
C ARG B 660 -28.15 -28.73 -20.78
N PRO B 661 -27.20 -29.65 -20.99
CA PRO B 661 -25.88 -29.62 -20.35
C PRO B 661 -25.12 -28.32 -20.54
N ASP B 662 -25.37 -27.59 -21.62
CA ASP B 662 -24.68 -26.33 -21.85
C ASP B 662 -25.16 -25.25 -20.87
N ILE B 663 -26.34 -25.46 -20.30
CA ILE B 663 -26.93 -24.50 -19.37
C ILE B 663 -26.98 -25.04 -17.94
N TYR B 664 -27.43 -26.29 -17.80
CA TYR B 664 -27.66 -26.89 -16.49
C TYR B 664 -26.48 -26.76 -15.53
N GLY B 665 -25.27 -27.04 -16.03
CA GLY B 665 -24.08 -27.00 -15.21
C GLY B 665 -23.72 -25.61 -14.71
N LYS B 666 -24.36 -24.59 -15.27
CA LYS B 666 -24.06 -23.21 -14.92
C LYS B 666 -25.12 -22.61 -14.01
N VAL B 667 -26.21 -23.34 -13.81
CA VAL B 667 -27.31 -22.85 -12.99
C VAL B 667 -26.96 -22.80 -11.52
N GLY B 668 -27.11 -21.64 -10.90
CA GLY B 668 -26.83 -21.48 -9.48
C GLY B 668 -25.36 -21.34 -9.18
N ASN B 669 -24.55 -21.49 -10.22
CA ASN B 669 -23.11 -21.36 -10.10
C ASN B 669 -22.67 -19.92 -10.40
N SER B 670 -21.76 -19.40 -9.58
CA SER B 670 -21.19 -18.06 -9.73
C SER B 670 -22.16 -16.93 -9.38
N GLY B 671 -23.38 -17.29 -8.99
CA GLY B 671 -24.38 -16.30 -8.62
C GLY B 671 -25.74 -16.93 -8.39
N VAL B 672 -26.66 -16.18 -7.82
CA VAL B 672 -28.00 -16.71 -7.52
C VAL B 672 -28.79 -16.92 -8.81
N SER B 673 -29.53 -18.02 -8.89
CA SER B 673 -30.35 -18.29 -10.06
C SER B 673 -31.74 -17.71 -9.86
N ILE B 674 -32.03 -16.64 -10.60
CA ILE B 674 -33.33 -15.98 -10.54
C ILE B 674 -34.01 -16.01 -11.90
N ALA B 675 -35.15 -16.70 -12.00
CA ALA B 675 -35.81 -16.89 -13.28
C ALA B 675 -37.23 -16.34 -13.31
N THR B 676 -37.89 -16.33 -12.16
CA THR B 676 -39.25 -15.82 -12.07
C THR B 676 -39.38 -14.76 -11.00
N LEU B 677 -40.52 -14.07 -10.99
CA LEU B 677 -40.81 -13.09 -9.95
C LEU B 677 -40.86 -13.77 -8.58
N GLU B 678 -41.28 -15.02 -8.57
CA GLU B 678 -41.39 -15.79 -7.33
C GLU B 678 -40.01 -16.05 -6.73
N ASP B 679 -39.02 -16.24 -7.59
CA ASP B 679 -37.64 -16.41 -7.12
C ASP B 679 -37.13 -15.11 -6.53
N MET B 680 -37.44 -14.00 -7.22
CA MET B 680 -37.03 -12.67 -6.78
C MET B 680 -37.63 -12.34 -5.42
N LYS B 681 -38.88 -12.71 -5.22
CA LYS B 681 -39.57 -12.48 -3.95
C LYS B 681 -38.87 -13.24 -2.83
N VAL B 682 -38.58 -14.51 -3.08
CA VAL B 682 -37.89 -15.37 -2.12
C VAL B 682 -36.51 -14.81 -1.77
N LEU B 683 -35.84 -14.27 -2.79
CA LEU B 683 -34.49 -13.73 -2.63
C LEU B 683 -34.42 -12.66 -1.55
N TYR B 684 -35.42 -11.78 -1.50
CA TYR B 684 -35.40 -10.66 -0.56
C TYR B 684 -36.44 -10.78 0.53
N ASP B 685 -36.90 -11.99 0.81
CA ASP B 685 -37.85 -12.22 1.88
C ASP B 685 -37.20 -11.92 3.21
N GLY B 686 -37.92 -11.20 4.07
CA GLY B 686 -37.38 -10.80 5.37
C GLY B 686 -36.72 -9.44 5.31
N PHE B 687 -36.54 -8.92 4.11
CA PHE B 687 -35.96 -7.60 3.92
C PHE B 687 -37.02 -6.60 3.46
N ASP B 688 -37.26 -5.57 4.27
CA ASP B 688 -38.18 -4.51 3.89
C ASP B 688 -37.51 -3.58 2.89
N LEU B 689 -37.84 -3.75 1.62
CA LEU B 689 -37.20 -2.98 0.54
C LEU B 689 -37.59 -1.51 0.59
N THR B 690 -38.77 -1.24 1.15
CA THR B 690 -39.27 0.14 1.24
C THR B 690 -38.83 0.81 2.52
N ASN B 691 -38.10 0.09 3.35
CA ASN B 691 -37.50 0.66 4.56
C ASN B 691 -36.39 1.63 4.17
N PRO B 692 -36.33 2.79 4.84
CA PRO B 692 -35.36 3.84 4.52
C PRO B 692 -33.91 3.41 4.74
N SER B 693 -33.67 2.44 5.62
CA SER B 693 -32.31 2.00 5.93
C SER B 693 -31.97 0.69 5.23
N THR B 694 -32.67 0.39 4.14
CA THR B 694 -32.42 -0.83 3.38
C THR B 694 -32.27 -0.54 1.90
N SER B 695 -31.10 -0.88 1.35
CA SER B 695 -30.83 -0.66 -0.06
C SER B 695 -30.29 -1.93 -0.72
N VAL B 696 -30.81 -2.26 -1.90
CA VAL B 696 -30.39 -3.46 -2.61
C VAL B 696 -29.68 -3.13 -3.92
N SER B 697 -28.49 -3.68 -4.11
CA SER B 697 -27.72 -3.45 -5.33
C SER B 697 -27.62 -4.68 -6.21
N MET B 698 -28.40 -4.70 -7.29
CA MET B 698 -28.40 -5.82 -8.22
C MET B 698 -27.43 -5.57 -9.38
N THR B 699 -26.52 -6.51 -9.60
CA THR B 699 -25.58 -6.40 -10.70
C THR B 699 -26.06 -7.20 -11.91
N ILE B 700 -26.74 -6.51 -12.83
CA ILE B 700 -27.31 -7.15 -14.01
C ILE B 700 -27.28 -6.14 -15.16
N ASN B 701 -26.99 -6.61 -16.38
CA ASN B 701 -26.81 -5.71 -17.51
C ASN B 701 -27.79 -5.93 -18.65
N GLY B 702 -27.59 -7.01 -19.40
CA GLY B 702 -28.46 -7.34 -20.51
C GLY B 702 -29.94 -7.39 -20.16
N PRO B 703 -30.33 -8.27 -19.23
CA PRO B 703 -31.72 -8.40 -18.81
C PRO B 703 -32.09 -7.46 -17.67
N ALA B 704 -31.28 -6.42 -17.46
CA ALA B 704 -31.50 -5.48 -16.36
C ALA B 704 -32.93 -4.92 -16.29
N PRO B 705 -33.52 -4.51 -17.44
CA PRO B 705 -34.89 -4.01 -17.28
C PRO B 705 -35.87 -5.07 -16.80
N THR B 706 -35.71 -6.30 -17.27
CA THR B 706 -36.57 -7.40 -16.86
C THR B 706 -36.39 -7.73 -15.38
N ILE B 707 -35.14 -7.73 -14.93
CA ILE B 707 -34.83 -8.00 -13.53
C ILE B 707 -35.31 -6.86 -12.64
N LEU B 708 -35.16 -5.63 -13.11
CA LEU B 708 -35.59 -4.46 -12.37
C LEU B 708 -37.10 -4.49 -12.16
N ALA B 709 -37.84 -4.91 -13.18
CA ALA B 709 -39.29 -5.01 -13.09
C ALA B 709 -39.70 -6.05 -12.05
N MET B 710 -38.89 -7.11 -11.93
CA MET B 710 -39.13 -8.12 -10.92
C MET B 710 -38.92 -7.54 -9.52
N PHE B 711 -37.84 -6.79 -9.36
CA PHE B 711 -37.51 -6.18 -8.08
C PHE B 711 -38.59 -5.19 -7.65
N MET B 712 -38.99 -4.32 -8.58
CA MET B 712 -40.01 -3.32 -8.29
C MET B 712 -41.31 -3.99 -7.87
N ASN B 713 -41.72 -5.01 -8.62
CA ASN B 713 -42.91 -5.77 -8.27
C ASN B 713 -42.79 -6.43 -6.90
N THR B 714 -41.58 -6.87 -6.58
CA THR B 714 -41.32 -7.50 -5.29
C THR B 714 -41.51 -6.50 -4.15
N ALA B 715 -40.91 -5.32 -4.31
CA ALA B 715 -41.02 -4.27 -3.30
C ALA B 715 -42.46 -3.82 -3.13
N ILE B 716 -43.22 -3.81 -4.23
CA ILE B 716 -44.62 -3.43 -4.18
C ILE B 716 -45.44 -4.49 -3.46
N ASP B 717 -45.24 -5.76 -3.84
CA ASP B 717 -45.99 -6.87 -3.26
C ASP B 717 -45.73 -7.01 -1.77
N GLN B 718 -44.54 -6.62 -1.32
CA GLN B 718 -44.21 -6.66 0.09
C GLN B 718 -45.11 -5.74 0.90
N GLN B 719 -45.35 -4.54 0.38
CA GLN B 719 -46.18 -3.57 1.07
C GLN B 719 -47.67 -3.93 0.96
N ILE B 720 -48.01 -4.67 -0.09
CA ILE B 720 -49.38 -5.16 -0.24
C ILE B 720 -49.64 -6.22 0.82
N ASP B 721 -48.63 -7.05 1.07
CA ASP B 721 -48.73 -8.08 2.10
C ASP B 721 -48.71 -7.46 3.49
N ARG B 722 -47.91 -6.41 3.66
CA ARG B 722 -47.82 -5.71 4.94
C ARG B 722 -49.13 -5.02 5.28
N PHE B 723 -49.81 -4.48 4.27
CA PHE B 723 -51.11 -3.87 4.47
C PHE B 723 -52.17 -4.92 4.79
N ARG B 724 -52.12 -6.03 4.07
CA ARG B 724 -53.09 -7.11 4.25
C ARG B 724 -52.97 -7.75 5.62
N ALA B 725 -51.81 -7.57 6.25
CA ALA B 725 -51.57 -8.11 7.59
C ALA B 725 -51.96 -7.10 8.67
N ASP B 726 -51.69 -5.84 8.42
CA ASP B 726 -51.97 -4.77 9.38
C ASP B 726 -53.44 -4.35 9.37
N ASN B 727 -54.21 -4.90 8.43
CA ASN B 727 -55.63 -4.56 8.32
C ASN B 727 -56.51 -5.79 8.18
N GLY B 728 -55.88 -6.93 7.92
CA GLY B 728 -56.62 -8.19 7.80
C GLY B 728 -57.54 -8.22 6.59
N ARG B 729 -57.18 -7.47 5.56
CA ARG B 729 -57.99 -7.40 4.35
C ARG B 729 -57.17 -6.87 3.18
N ASP B 730 -57.58 -7.23 1.96
CA ASP B 730 -56.93 -6.72 0.76
C ASP B 730 -57.24 -5.23 0.59
N PRO B 731 -56.23 -4.45 0.19
CA PRO B 731 -56.46 -3.02 -0.08
C PRO B 731 -57.38 -2.81 -1.28
N THR B 732 -58.22 -1.79 -1.23
CA THR B 732 -59.10 -1.47 -2.35
C THR B 732 -58.27 -1.04 -3.56
N ALA B 733 -58.93 -0.91 -4.71
CA ALA B 733 -58.26 -0.51 -5.94
C ALA B 733 -57.59 0.85 -5.76
N ASP B 734 -58.19 1.69 -4.92
CA ASP B 734 -57.65 3.01 -4.65
C ASP B 734 -56.53 2.94 -3.60
N GLU B 735 -56.75 2.12 -2.58
CA GLU B 735 -55.75 1.93 -1.53
C GLU B 735 -54.48 1.31 -2.09
N GLU B 736 -54.64 0.30 -2.94
CA GLU B 736 -53.51 -0.35 -3.57
C GLU B 736 -52.76 0.61 -4.49
N ALA B 737 -53.49 1.43 -5.21
CA ALA B 737 -52.90 2.40 -6.12
C ALA B 737 -52.04 3.41 -5.36
N LYS B 738 -52.47 3.77 -4.16
CA LYS B 738 -51.71 4.68 -3.30
C LYS B 738 -50.46 3.99 -2.79
N ILE B 739 -50.61 2.74 -2.38
CA ILE B 739 -49.50 1.93 -1.87
C ILE B 739 -48.46 1.68 -2.97
N ARG B 740 -48.95 1.27 -4.14
CA ARG B 740 -48.09 0.94 -5.27
C ARG B 740 -47.26 2.14 -5.71
N ALA B 741 -47.88 3.31 -5.74
CA ALA B 741 -47.20 4.54 -6.14
C ALA B 741 -46.17 4.96 -5.10
N TRP B 742 -46.50 4.78 -3.83
CA TRP B 742 -45.60 5.17 -2.74
C TRP B 742 -44.33 4.33 -2.74
N VAL B 743 -44.48 3.03 -3.00
CA VAL B 743 -43.35 2.11 -3.04
C VAL B 743 -42.32 2.57 -4.06
N LEU B 744 -42.79 2.89 -5.26
CA LEU B 744 -41.92 3.33 -6.35
C LEU B 744 -41.11 4.57 -6.00
N GLN B 745 -41.70 5.45 -5.20
CA GLN B 745 -41.06 6.71 -4.84
C GLN B 745 -39.96 6.52 -3.81
N ASN B 746 -40.18 5.64 -2.85
CA ASN B 746 -39.28 5.52 -1.70
C ASN B 746 -38.35 4.31 -1.75
N VAL B 747 -38.58 3.40 -2.68
CA VAL B 747 -37.74 2.22 -2.81
C VAL B 747 -36.29 2.62 -3.07
N ARG B 748 -35.40 2.14 -2.21
CA ARG B 748 -33.99 2.45 -2.33
C ARG B 748 -33.23 1.23 -2.85
N GLY B 749 -32.44 1.45 -3.90
CA GLY B 749 -31.69 0.36 -4.49
C GLY B 749 -30.87 0.80 -5.69
N THR B 750 -30.12 -0.14 -6.25
CA THR B 750 -29.23 0.15 -7.36
C THR B 750 -29.14 -1.02 -8.32
N VAL B 751 -29.14 -0.73 -9.61
CA VAL B 751 -28.87 -1.73 -10.62
C VAL B 751 -27.56 -1.38 -11.32
N GLN B 752 -26.48 -2.06 -10.92
CA GLN B 752 -25.17 -1.81 -11.52
C GLN B 752 -25.15 -2.18 -13.00
N ALA B 753 -25.86 -1.38 -13.80
CA ALA B 753 -26.03 -1.68 -15.22
C ALA B 753 -25.29 -0.69 -16.10
N ASP B 754 -24.30 -1.19 -16.85
CA ASP B 754 -23.62 -0.41 -17.87
C ASP B 754 -23.74 -1.13 -19.20
N ILE B 755 -24.64 -0.64 -20.05
CA ILE B 755 -24.90 -1.26 -21.34
C ILE B 755 -23.72 -1.12 -22.29
N LEU B 756 -23.11 0.07 -22.29
CA LEU B 756 -22.06 0.39 -23.25
C LEU B 756 -20.80 -0.45 -23.05
N LYS B 757 -20.42 -0.70 -21.80
CA LYS B 757 -19.20 -1.46 -21.51
C LYS B 757 -19.26 -2.87 -22.08
N GLU B 758 -20.47 -3.39 -22.24
CA GLU B 758 -20.68 -4.76 -22.69
C GLU B 758 -20.06 -5.02 -24.05
N ASP B 759 -20.14 -4.05 -24.95
CA ASP B 759 -19.64 -4.23 -26.30
C ASP B 759 -18.22 -3.71 -26.45
N GLN B 760 -17.80 -2.84 -25.54
CA GLN B 760 -16.54 -2.14 -25.69
C GLN B 760 -15.31 -2.97 -25.31
N GLY B 761 -15.52 -4.10 -24.63
CA GLY B 761 -14.39 -4.94 -24.27
C GLY B 761 -14.72 -6.35 -23.84
N GLN B 762 -16.00 -6.64 -23.65
CA GLN B 762 -16.40 -7.88 -23.01
C GLN B 762 -16.97 -8.94 -23.94
N ASN B 763 -17.74 -8.51 -24.95
CA ASN B 763 -18.55 -9.42 -25.77
C ASN B 763 -19.55 -10.20 -24.91
N THR B 764 -20.27 -9.47 -24.06
CA THR B 764 -21.24 -10.06 -23.13
C THR B 764 -22.65 -9.72 -23.59
N CYS B 765 -22.75 -8.93 -24.65
CA CYS B 765 -24.03 -8.47 -25.17
C CYS B 765 -25.01 -9.61 -25.46
N ILE B 766 -26.22 -9.47 -24.92
CA ILE B 766 -27.29 -10.42 -25.20
C ILE B 766 -28.34 -9.71 -26.07
N PHE B 767 -28.44 -8.40 -25.90
CA PHE B 767 -29.33 -7.55 -26.70
C PHE B 767 -28.51 -6.65 -27.61
N SER B 768 -29.09 -6.23 -28.73
CA SER B 768 -28.42 -5.27 -29.60
C SER B 768 -28.23 -3.96 -28.85
N THR B 769 -27.08 -3.34 -29.05
CA THR B 769 -26.69 -2.17 -28.27
C THR B 769 -27.71 -1.04 -28.31
N GLU B 770 -28.21 -0.74 -29.50
CA GLU B 770 -29.15 0.35 -29.68
C GLU B 770 -30.47 0.07 -28.97
N PHE B 771 -30.92 -1.17 -29.01
CA PHE B 771 -32.18 -1.53 -28.36
C PHE B 771 -32.04 -1.45 -26.85
N SER B 772 -30.89 -1.88 -26.34
CA SER B 772 -30.63 -1.85 -24.90
C SER B 772 -30.66 -0.42 -24.39
N LEU B 773 -30.07 0.49 -25.16
CA LEU B 773 -30.04 1.90 -24.79
C LEU B 773 -31.43 2.51 -24.89
N LYS B 774 -32.22 2.02 -25.83
CA LYS B 774 -33.60 2.48 -25.98
C LYS B 774 -34.41 2.12 -24.73
N VAL B 775 -34.31 0.87 -24.30
CA VAL B 775 -35.05 0.39 -23.14
C VAL B 775 -34.49 1.03 -21.87
N MET B 776 -33.18 1.25 -21.86
CA MET B 776 -32.52 1.92 -20.75
C MET B 776 -33.15 3.28 -20.50
N GLY B 777 -33.39 4.00 -21.59
CA GLY B 777 -34.02 5.31 -21.52
C GLY B 777 -35.45 5.20 -21.05
N ASP B 778 -36.15 4.16 -21.50
CA ASP B 778 -37.52 3.91 -21.08
C ASP B 778 -37.62 3.79 -19.56
N ILE B 779 -36.60 3.17 -18.97
CA ILE B 779 -36.56 3.01 -17.51
C ILE B 779 -36.46 4.36 -16.83
N GLN B 780 -35.56 5.21 -17.32
CA GLN B 780 -35.36 6.54 -16.73
C GLN B 780 -36.60 7.40 -16.95
N GLU B 781 -37.27 7.18 -18.07
CA GLU B 781 -38.52 7.88 -18.39
C GLU B 781 -39.61 7.47 -17.42
N TYR B 782 -39.65 6.17 -17.12
CA TYR B 782 -40.62 5.62 -16.17
C TYR B 782 -40.35 6.15 -14.77
N PHE B 783 -39.08 6.24 -14.41
CA PHE B 783 -38.68 6.73 -13.09
C PHE B 783 -39.15 8.17 -12.86
N VAL B 784 -38.97 9.01 -13.86
CA VAL B 784 -39.34 10.41 -13.77
C VAL B 784 -40.85 10.57 -13.59
N HIS B 785 -41.62 9.83 -14.38
CA HIS B 785 -43.07 9.92 -14.33
C HIS B 785 -43.63 9.50 -12.98
N HIS B 786 -43.00 8.50 -12.36
CA HIS B 786 -43.48 7.97 -11.09
C HIS B 786 -42.66 8.47 -9.90
N GLN B 787 -41.81 9.46 -10.16
CA GLN B 787 -41.02 10.12 -9.12
C GLN B 787 -40.16 9.14 -8.32
N VAL B 788 -39.55 8.19 -9.02
CA VAL B 788 -38.62 7.26 -8.39
C VAL B 788 -37.29 7.97 -8.11
N ARG B 789 -37.24 8.71 -7.02
CA ARG B 789 -36.09 9.57 -6.74
C ARG B 789 -35.07 8.94 -5.79
N ASN B 790 -35.28 7.69 -5.45
CA ASN B 790 -34.36 7.00 -4.54
C ASN B 790 -33.59 5.86 -5.18
N PHE B 791 -34.06 5.40 -6.33
CA PHE B 791 -33.44 4.26 -7.01
C PHE B 791 -32.46 4.70 -8.10
N TYR B 792 -31.33 3.99 -8.17
CA TYR B 792 -30.30 4.27 -9.17
C TYR B 792 -30.28 3.17 -10.23
N SER B 793 -30.59 3.53 -11.48
CA SER B 793 -30.72 2.53 -12.54
C SER B 793 -29.48 2.40 -13.42
N VAL B 794 -28.52 3.30 -13.24
CA VAL B 794 -27.31 3.28 -14.08
C VAL B 794 -26.04 3.47 -13.27
N SER B 795 -25.07 2.59 -13.51
CA SER B 795 -23.75 2.71 -12.91
C SER B 795 -22.69 2.56 -13.98
N ILE B 796 -22.10 3.69 -14.40
CA ILE B 796 -21.07 3.66 -15.42
C ILE B 796 -19.80 3.04 -14.86
N SER B 797 -19.41 1.89 -15.41
CA SER B 797 -18.22 1.19 -14.95
C SER B 797 -17.09 1.28 -15.96
N GLY B 798 -15.86 1.21 -15.45
CA GLY B 798 -14.69 1.20 -16.29
C GLY B 798 -13.71 0.17 -15.77
N TYR B 799 -14.18 -0.65 -14.83
CA TYR B 799 -13.34 -1.68 -14.23
C TYR B 799 -12.93 -2.70 -15.28
N HIS B 800 -13.90 -3.19 -16.03
CA HIS B 800 -13.64 -4.17 -17.06
C HIS B 800 -12.80 -3.60 -18.19
N ILE B 801 -13.00 -2.32 -18.53
CA ILE B 801 -12.26 -1.73 -19.65
C ILE B 801 -10.77 -1.70 -19.36
N ALA B 802 -10.41 -1.35 -18.13
CA ALA B 802 -9.02 -1.32 -17.71
C ALA B 802 -8.48 -2.74 -17.55
N GLU B 803 -9.28 -3.59 -16.90
CA GLU B 803 -8.96 -4.99 -16.65
C GLU B 803 -8.67 -5.73 -17.96
N ALA B 804 -9.35 -5.31 -19.02
CA ALA B 804 -9.16 -5.89 -20.33
C ALA B 804 -7.80 -5.51 -20.91
N GLY B 805 -7.23 -4.41 -20.42
CA GLY B 805 -5.89 -4.00 -20.83
C GLY B 805 -5.68 -2.51 -21.00
N ALA B 806 -6.77 -1.75 -20.97
CA ALA B 806 -6.69 -0.31 -21.21
C ALA B 806 -5.90 0.42 -20.12
N ASN B 807 -4.98 1.29 -20.54
CA ASN B 807 -4.22 2.11 -19.60
C ASN B 807 -5.14 3.12 -18.92
N PRO B 808 -4.69 3.74 -17.81
CA PRO B 808 -5.56 4.66 -17.06
C PRO B 808 -6.18 5.79 -17.90
N ILE B 809 -5.46 6.29 -18.91
CA ILE B 809 -6.00 7.35 -19.75
C ILE B 809 -7.17 6.83 -20.57
N SER B 810 -6.98 5.68 -21.22
CA SER B 810 -8.04 5.07 -22.01
C SER B 810 -9.25 4.73 -21.14
N GLN B 811 -8.99 4.13 -19.99
CA GLN B 811 -10.07 3.76 -19.07
C GLN B 811 -10.91 4.96 -18.67
N LEU B 812 -10.24 5.98 -18.14
CA LEU B 812 -10.92 7.18 -17.67
C LEU B 812 -11.68 7.87 -18.79
N ALA B 813 -11.02 8.02 -19.95
CA ALA B 813 -11.62 8.70 -21.09
C ALA B 813 -12.85 7.95 -21.60
N PHE B 814 -12.72 6.66 -21.83
CA PHE B 814 -13.83 5.84 -22.32
C PHE B 814 -15.00 5.87 -21.36
N THR B 815 -14.70 5.81 -20.06
CA THR B 815 -15.74 5.74 -19.04
C THR B 815 -16.51 7.05 -18.95
N LEU B 816 -15.80 8.16 -18.92
CA LEU B 816 -16.45 9.47 -18.91
C LEU B 816 -17.23 9.68 -20.20
N ALA B 817 -16.68 9.19 -21.31
CA ALA B 817 -17.35 9.28 -22.60
C ALA B 817 -18.67 8.50 -22.56
N ASN B 818 -18.62 7.29 -22.02
CA ASN B 818 -19.81 6.47 -21.86
C ASN B 818 -20.83 7.16 -20.96
N GLY B 819 -20.34 7.77 -19.89
CA GLY B 819 -21.19 8.48 -18.96
C GLY B 819 -21.89 9.65 -19.63
N PHE B 820 -21.13 10.42 -20.40
CA PHE B 820 -21.68 11.56 -21.12
C PHE B 820 -22.65 11.11 -22.20
N THR B 821 -22.43 9.91 -22.73
CA THR B 821 -23.32 9.33 -23.72
C THR B 821 -24.70 9.08 -23.14
N TYR B 822 -24.72 8.53 -21.92
CA TYR B 822 -25.97 8.31 -21.21
C TYR B 822 -26.69 9.63 -20.98
N VAL B 823 -25.93 10.66 -20.62
CA VAL B 823 -26.48 11.98 -20.40
C VAL B 823 -27.16 12.50 -21.65
N GLU B 824 -26.45 12.47 -22.78
CA GLU B 824 -27.01 12.89 -24.06
C GLU B 824 -28.21 12.04 -24.43
N ALA B 825 -28.13 10.75 -24.11
CA ALA B 825 -29.20 9.82 -24.44
C ALA B 825 -30.49 10.17 -23.70
N TYR B 826 -30.35 10.48 -22.41
CA TYR B 826 -31.50 10.83 -21.59
C TYR B 826 -32.03 12.21 -21.93
N LEU B 827 -31.12 13.13 -22.28
CA LEU B 827 -31.51 14.48 -22.64
C LEU B 827 -32.33 14.49 -23.92
N ALA B 828 -31.96 13.64 -24.86
CA ALA B 828 -32.66 13.55 -26.14
C ALA B 828 -34.00 12.85 -26.01
N ARG B 829 -34.34 12.40 -24.81
CA ARG B 829 -35.68 11.89 -24.58
C ARG B 829 -36.53 13.00 -23.98
N GLY B 830 -36.01 14.22 -24.06
CA GLY B 830 -36.70 15.39 -23.55
C GLY B 830 -36.68 15.48 -22.04
N MET B 831 -35.68 14.88 -21.41
CA MET B 831 -35.61 14.85 -19.96
C MET B 831 -34.77 15.99 -19.40
N HIS B 832 -34.96 16.26 -18.11
CA HIS B 832 -34.20 17.31 -17.43
C HIS B 832 -32.93 16.73 -16.82
N ILE B 833 -31.87 17.53 -16.87
CA ILE B 833 -30.55 17.09 -16.45
C ILE B 833 -30.46 16.84 -14.94
N ASP B 834 -31.21 17.61 -14.17
CA ASP B 834 -31.18 17.49 -12.71
C ASP B 834 -32.02 16.33 -12.20
N ASP B 835 -32.58 15.54 -13.12
CA ASP B 835 -33.45 14.44 -12.75
C ASP B 835 -32.75 13.08 -12.79
N PHE B 836 -31.69 12.97 -13.58
CA PHE B 836 -31.00 11.70 -13.71
C PHE B 836 -29.51 11.77 -13.38
N ALA B 837 -28.94 12.97 -13.46
CA ALA B 837 -27.52 13.16 -13.18
C ALA B 837 -27.11 12.80 -11.73
N PRO B 838 -27.92 13.18 -10.73
CA PRO B 838 -27.51 12.76 -9.38
C PRO B 838 -27.54 11.24 -9.17
N ASN B 839 -28.23 10.52 -10.04
CA ASN B 839 -28.33 9.08 -9.89
C ASN B 839 -27.16 8.35 -10.54
N LEU B 840 -26.35 9.08 -11.28
CA LEU B 840 -25.26 8.48 -12.03
C LEU B 840 -24.05 8.18 -11.14
N SER B 841 -23.73 6.90 -11.05
CA SER B 841 -22.59 6.44 -10.25
C SER B 841 -21.46 5.97 -11.16
N PHE B 842 -20.23 6.07 -10.67
CA PHE B 842 -19.08 5.66 -11.47
C PHE B 842 -18.26 4.55 -10.79
N PHE B 843 -17.40 3.90 -11.57
CA PHE B 843 -16.67 2.71 -11.12
C PHE B 843 -15.32 2.59 -11.82
N PHE B 844 -14.22 2.89 -11.12
CA PHE B 844 -12.90 2.90 -11.74
C PHE B 844 -11.95 1.84 -11.18
N SER B 845 -10.84 1.63 -11.88
CA SER B 845 -9.78 0.73 -11.45
C SER B 845 -8.57 1.53 -10.99
N ASN B 846 -7.90 1.05 -9.94
CA ASN B 846 -6.66 1.68 -9.51
C ASN B 846 -5.49 0.71 -9.63
N GLY B 847 -4.62 0.96 -10.60
CA GLY B 847 -3.45 0.13 -10.80
C GLY B 847 -2.18 0.76 -10.27
N MET B 848 -1.04 0.35 -10.83
CA MET B 848 0.24 0.85 -10.36
C MET B 848 0.69 2.09 -11.14
N ASP B 849 0.12 2.29 -12.31
CA ASP B 849 0.48 3.42 -13.18
C ASP B 849 0.36 4.75 -12.44
N PRO B 850 1.23 5.72 -12.75
CA PRO B 850 1.25 7.02 -12.10
C PRO B 850 -0.09 7.75 -12.22
N GLU B 851 -0.74 7.63 -13.38
CA GLU B 851 -1.97 8.36 -13.65
C GLU B 851 -3.09 7.98 -12.69
N TYR B 852 -3.02 6.78 -12.12
CA TYR B 852 -4.07 6.30 -11.23
C TYR B 852 -4.14 7.13 -9.96
N SER B 853 -3.04 7.79 -9.62
CA SER B 853 -2.98 8.62 -8.42
C SER B 853 -3.92 9.81 -8.49
N VAL B 854 -4.17 10.29 -9.70
CA VAL B 854 -5.00 11.47 -9.91
C VAL B 854 -6.20 11.18 -10.79
N LEU B 855 -6.54 9.91 -10.96
CA LEU B 855 -7.64 9.52 -11.83
C LEU B 855 -8.97 10.06 -11.29
N GLY B 856 -9.20 9.88 -10.00
CA GLY B 856 -10.45 10.29 -9.39
C GLY B 856 -10.67 11.80 -9.42
N ARG B 857 -9.64 12.56 -9.07
CA ARG B 857 -9.75 14.01 -9.03
C ARG B 857 -9.97 14.59 -10.42
N VAL B 858 -9.40 13.97 -11.43
CA VAL B 858 -9.61 14.41 -12.81
C VAL B 858 -11.05 14.17 -13.23
N ALA B 859 -11.56 12.99 -12.93
CA ALA B 859 -12.94 12.64 -13.27
C ALA B 859 -13.92 13.61 -12.62
N ARG B 860 -13.62 14.01 -11.39
CA ARG B 860 -14.51 14.92 -10.67
C ARG B 860 -14.55 16.30 -11.31
N ARG B 861 -13.39 16.80 -11.72
CA ARG B 861 -13.30 18.15 -12.27
C ARG B 861 -13.94 18.22 -13.66
N ILE B 862 -13.63 17.23 -14.50
CA ILE B 862 -14.18 17.18 -15.85
C ILE B 862 -15.71 17.12 -15.79
N TRP B 863 -16.22 16.34 -14.84
CA TRP B 863 -17.66 16.21 -14.68
C TRP B 863 -18.28 17.51 -14.18
N ALA B 864 -17.73 18.03 -13.09
CA ALA B 864 -18.27 19.23 -12.44
C ALA B 864 -18.31 20.44 -13.39
N VAL B 865 -17.21 20.65 -14.10
CA VAL B 865 -17.10 21.78 -15.03
C VAL B 865 -18.10 21.65 -16.17
N THR B 866 -18.16 20.48 -16.79
CA THR B 866 -19.08 20.25 -17.90
C THR B 866 -20.54 20.29 -17.47
N MET B 867 -20.86 19.68 -16.33
CA MET B 867 -22.24 19.68 -15.85
C MET B 867 -22.72 21.09 -15.54
N ARG B 868 -21.80 21.94 -15.09
CA ARG B 868 -22.15 23.32 -14.76
C ARG B 868 -22.22 24.19 -16.00
N ASP B 869 -21.12 24.24 -16.74
CA ASP B 869 -21.03 25.13 -17.90
C ASP B 869 -21.83 24.63 -19.09
N LYS B 870 -21.61 23.38 -19.48
CA LYS B 870 -22.24 22.83 -20.68
C LYS B 870 -23.73 22.52 -20.48
N TYR B 871 -24.03 21.73 -19.44
CA TYR B 871 -25.40 21.23 -19.26
C TYR B 871 -26.22 22.07 -18.29
N GLY B 872 -25.56 22.97 -17.58
CA GLY B 872 -26.24 23.90 -16.69
C GLY B 872 -27.01 23.22 -15.57
N ALA B 873 -26.45 22.14 -15.04
CA ALA B 873 -27.12 21.37 -14.00
C ALA B 873 -26.79 21.93 -12.62
N ASN B 874 -27.49 21.44 -11.61
CA ASN B 874 -27.32 21.95 -10.26
C ASN B 874 -26.13 21.33 -9.55
N ASP B 875 -25.96 21.67 -8.28
CA ASP B 875 -24.80 21.24 -7.49
C ASP B 875 -24.73 19.73 -7.34
N ARG B 876 -25.85 19.11 -6.99
CA ARG B 876 -25.91 17.66 -6.80
C ARG B 876 -25.49 16.91 -8.04
N SER B 877 -25.70 17.52 -9.20
CA SER B 877 -25.37 16.90 -10.47
C SER B 877 -23.90 17.07 -10.83
N GLN B 878 -23.30 18.15 -10.38
CA GLN B 878 -21.89 18.43 -10.66
C GLN B 878 -20.96 17.53 -9.85
N LYS B 879 -21.52 16.86 -8.85
CA LYS B 879 -20.74 16.02 -7.96
C LYS B 879 -20.67 14.58 -8.46
N LEU B 880 -19.50 14.19 -8.96
CA LEU B 880 -19.31 12.83 -9.46
C LEU B 880 -18.87 11.91 -8.33
N LYS B 881 -19.72 10.93 -8.01
CA LYS B 881 -19.40 9.93 -7.00
C LYS B 881 -18.93 8.66 -7.69
N TYR B 882 -17.89 8.03 -7.16
CA TYR B 882 -17.35 6.84 -7.80
C TYR B 882 -16.81 5.79 -6.82
N HIS B 883 -16.81 4.54 -7.27
CA HIS B 883 -16.22 3.44 -6.53
C HIS B 883 -14.90 3.06 -7.16
N ILE B 884 -13.88 2.83 -6.34
CA ILE B 884 -12.59 2.37 -6.84
C ILE B 884 -12.28 0.97 -6.34
N GLN B 885 -11.98 0.07 -7.26
CA GLN B 885 -11.56 -1.27 -6.90
C GLN B 885 -10.14 -1.51 -7.39
N THR B 886 -9.28 -2.01 -6.50
CA THR B 886 -7.87 -2.21 -6.84
C THR B 886 -7.74 -3.16 -8.03
N SER B 887 -6.72 -2.90 -8.86
CA SER B 887 -6.54 -3.66 -10.09
C SER B 887 -6.29 -5.13 -9.80
N GLY B 888 -7.09 -5.99 -10.43
CA GLY B 888 -6.94 -7.42 -10.26
C GLY B 888 -5.88 -7.99 -11.19
N ARG B 889 -5.75 -7.36 -12.36
CA ARG B 889 -4.75 -7.73 -13.35
C ARG B 889 -3.33 -7.57 -12.78
N SER B 890 -3.17 -6.56 -11.92
CA SER B 890 -1.87 -6.22 -11.37
C SER B 890 -1.37 -7.25 -10.36
N LEU B 891 -2.27 -8.13 -9.92
CA LEU B 891 -1.91 -9.21 -9.02
C LEU B 891 -1.65 -10.49 -9.80
N HIS B 892 -0.70 -11.30 -9.33
CA HIS B 892 -0.25 -12.47 -10.09
C HIS B 892 -0.31 -13.77 -9.31
N ALA B 893 -0.17 -14.88 -10.04
CA ALA B 893 -0.23 -16.20 -9.44
C ALA B 893 1.11 -16.57 -8.80
N GLN B 894 2.19 -16.00 -9.33
CA GLN B 894 3.53 -16.25 -8.80
C GLN B 894 3.82 -15.36 -7.59
N GLU B 895 4.26 -15.97 -6.50
CA GLU B 895 4.52 -15.26 -5.25
C GLU B 895 3.31 -14.45 -4.80
N ILE B 896 2.26 -15.16 -4.38
CA ILE B 896 0.98 -14.53 -4.07
C ILE B 896 1.05 -13.58 -2.86
N ASP B 897 2.10 -13.72 -2.06
CA ASP B 897 2.26 -12.87 -0.88
C ASP B 897 2.61 -11.44 -1.27
N PHE B 898 3.11 -11.26 -2.50
CA PHE B 898 3.52 -9.93 -2.97
C PHE B 898 2.32 -9.07 -3.31
N ASN B 899 1.19 -9.71 -3.63
CA ASN B 899 0.00 -8.99 -4.06
C ASN B 899 -0.57 -8.05 -2.99
N ASP B 900 -0.40 -8.41 -1.72
CA ASP B 900 -0.85 -7.56 -0.63
C ASP B 900 -0.10 -6.24 -0.61
N ILE B 901 1.14 -6.26 -1.09
CA ILE B 901 1.94 -5.05 -1.19
C ILE B 901 1.35 -4.12 -2.24
N ARG B 902 1.04 -4.67 -3.40
CA ARG B 902 0.49 -3.89 -4.51
C ARG B 902 -0.91 -3.39 -4.17
N THR B 903 -1.71 -4.24 -3.55
CA THR B 903 -3.09 -3.88 -3.21
C THR B 903 -3.12 -2.78 -2.17
N THR B 904 -2.07 -2.71 -1.35
CA THR B 904 -1.96 -1.67 -0.33
C THR B 904 -1.71 -0.31 -0.98
N LEU B 905 -0.71 -0.24 -1.85
CA LEU B 905 -0.36 0.99 -2.55
C LEU B 905 -1.53 1.53 -3.36
N GLN B 906 -2.27 0.63 -4.00
CA GLN B 906 -3.41 1.01 -4.82
C GLN B 906 -4.55 1.52 -3.95
N ALA B 907 -4.74 0.87 -2.81
CA ALA B 907 -5.76 1.30 -1.86
C ALA B 907 -5.42 2.66 -1.27
N LEU B 908 -4.12 2.93 -1.15
CA LEU B 908 -3.67 4.18 -0.53
C LEU B 908 -4.03 5.40 -1.38
N ILE B 909 -3.64 5.39 -2.65
CA ILE B 909 -3.91 6.53 -3.52
C ILE B 909 -5.39 6.71 -3.77
N ALA B 910 -6.15 5.63 -3.59
CA ALA B 910 -7.60 5.71 -3.69
C ALA B 910 -8.14 6.56 -2.55
N ILE B 911 -7.70 6.26 -1.34
CA ILE B 911 -8.14 6.97 -0.15
C ILE B 911 -7.59 8.39 -0.10
N TYR B 912 -6.33 8.55 -0.50
CA TYR B 912 -5.71 9.87 -0.59
C TYR B 912 -6.55 10.79 -1.47
N ASP B 913 -6.97 10.28 -2.62
CA ASP B 913 -7.73 11.07 -3.59
C ASP B 913 -9.21 11.09 -3.26
N ASN B 914 -9.54 10.78 -2.01
CA ASN B 914 -10.89 10.93 -1.47
C ASN B 914 -11.96 10.22 -2.29
N CYS B 915 -11.81 8.91 -2.45
CA CYS B 915 -12.80 8.10 -3.15
C CYS B 915 -14.05 7.92 -2.30
N ASN B 916 -15.14 7.51 -2.92
CA ASN B 916 -16.41 7.36 -2.24
C ASN B 916 -16.65 5.94 -1.75
N SER B 917 -16.02 4.98 -2.42
CA SER B 917 -16.17 3.58 -2.08
C SER B 917 -14.97 2.78 -2.58
N LEU B 918 -14.46 1.87 -1.75
CA LEU B 918 -13.24 1.15 -2.09
C LEU B 918 -13.34 -0.36 -1.87
N HIS B 919 -12.99 -1.13 -2.89
CA HIS B 919 -12.84 -2.58 -2.71
C HIS B 919 -11.37 -2.98 -2.77
N THR B 920 -10.98 -3.90 -1.89
CA THR B 920 -9.61 -4.37 -1.83
C THR B 920 -9.50 -5.82 -2.27
N ASN B 921 -8.53 -6.11 -3.13
CA ASN B 921 -8.34 -7.46 -3.64
C ASN B 921 -7.50 -8.32 -2.70
N ALA B 922 -7.85 -9.61 -2.62
CA ALA B 922 -7.16 -10.55 -1.78
C ALA B 922 -5.83 -10.99 -2.41
N TYR B 923 -4.95 -11.57 -1.60
CA TYR B 923 -3.64 -11.99 -2.08
C TYR B 923 -3.74 -13.15 -3.06
N ILE B 927 -6.44 -16.53 -7.58
CA ILE B 927 -6.11 -17.93 -7.82
C ILE B 927 -7.20 -18.85 -7.28
N THR B 928 -7.15 -19.12 -5.97
CA THR B 928 -8.11 -20.03 -5.35
C THR B 928 -9.41 -19.32 -4.96
N THR B 929 -10.29 -20.05 -4.29
CA THR B 929 -11.58 -19.50 -3.85
C THR B 929 -11.38 -18.39 -2.82
N PRO B 930 -12.31 -17.42 -2.76
CA PRO B 930 -12.22 -16.33 -1.80
C PRO B 930 -12.35 -16.81 -0.36
N THR B 931 -11.27 -17.32 0.22
CA THR B 931 -11.30 -17.84 1.58
C THR B 931 -11.58 -16.73 2.59
N ALA B 932 -12.11 -17.10 3.74
CA ALA B 932 -12.44 -16.13 4.78
C ALA B 932 -11.19 -15.50 5.38
N GLU B 933 -10.06 -16.18 5.22
CA GLU B 933 -8.78 -15.67 5.71
C GLU B 933 -8.21 -14.67 4.72
N SER B 934 -8.36 -14.97 3.43
CA SER B 934 -7.85 -14.12 2.36
C SER B 934 -8.59 -12.79 2.30
N VAL B 935 -9.88 -12.82 2.62
CA VAL B 935 -10.71 -11.62 2.58
C VAL B 935 -10.44 -10.74 3.79
N ARG B 936 -9.89 -11.33 4.84
CA ARG B 936 -9.58 -10.57 6.05
C ARG B 936 -8.31 -9.76 5.86
N ARG B 937 -7.35 -10.32 5.12
CA ARG B 937 -6.13 -9.59 4.79
C ARG B 937 -6.47 -8.43 3.88
N ALA B 938 -7.41 -8.65 2.96
CA ALA B 938 -7.86 -7.60 2.06
C ALA B 938 -8.59 -6.51 2.83
N LEU B 939 -9.42 -6.93 3.79
CA LEU B 939 -10.21 -5.99 4.57
C LEU B 939 -9.34 -5.22 5.55
N ALA B 940 -8.20 -5.82 5.93
CA ALA B 940 -7.29 -5.20 6.87
C ALA B 940 -6.52 -4.05 6.25
N ILE B 941 -6.26 -4.14 4.95
CA ILE B 941 -5.55 -3.10 4.23
C ILE B 941 -6.26 -1.76 4.40
N GLN B 942 -7.59 -1.77 4.28
CA GLN B 942 -8.37 -0.56 4.43
C GLN B 942 -8.40 -0.10 5.88
N LEU B 943 -8.56 -1.05 6.79
CA LEU B 943 -8.63 -0.74 8.22
C LEU B 943 -7.33 -0.13 8.72
N ILE B 944 -6.20 -0.65 8.26
CA ILE B 944 -4.91 -0.16 8.69
C ILE B 944 -4.67 1.27 8.18
N ILE B 945 -4.97 1.50 6.90
CA ILE B 945 -4.78 2.83 6.33
C ILE B 945 -5.70 3.85 6.99
N ASN B 946 -6.97 3.49 7.14
CA ASN B 946 -7.96 4.42 7.68
C ASN B 946 -7.77 4.70 9.17
N ARG B 947 -7.35 3.69 9.93
CA ARG B 947 -7.28 3.79 11.38
C ARG B 947 -5.88 4.03 11.93
N GLU B 948 -4.88 3.38 11.34
CA GLU B 948 -3.50 3.47 11.84
C GLU B 948 -2.64 4.49 11.10
N TRP B 949 -2.77 4.53 9.78
CA TRP B 949 -1.89 5.33 8.96
C TRP B 949 -2.01 6.82 9.26
N GLY B 950 -0.87 7.47 9.44
CA GLY B 950 -0.83 8.85 9.92
C GLY B 950 -1.19 9.90 8.89
N VAL B 951 -0.62 9.78 7.70
CA VAL B 951 -0.90 10.74 6.63
C VAL B 951 -2.40 10.76 6.31
N ALA B 952 -3.04 9.61 6.48
CA ALA B 952 -4.46 9.46 6.16
C ALA B 952 -5.35 10.30 7.06
N LYS B 953 -4.82 10.74 8.19
CA LYS B 953 -5.57 11.58 9.12
C LYS B 953 -5.90 12.94 8.48
N CYS B 954 -5.16 13.27 7.43
CA CYS B 954 -5.45 14.43 6.62
C CYS B 954 -6.28 14.00 5.41
N GLU B 955 -7.27 14.81 5.03
CA GLU B 955 -8.22 14.38 4.02
C GLU B 955 -7.90 14.93 2.62
N ASN B 956 -6.96 15.86 2.54
CA ASN B 956 -6.48 16.35 1.24
C ASN B 956 -4.95 16.38 1.12
N PRO B 957 -4.28 15.24 1.38
CA PRO B 957 -2.82 15.26 1.36
C PRO B 957 -2.26 15.39 -0.05
N ASN B 958 -3.09 15.09 -1.05
CA ASN B 958 -2.68 15.23 -2.44
C ASN B 958 -2.55 16.70 -2.85
N GLN B 959 -3.42 17.54 -2.29
CA GLN B 959 -3.50 18.94 -2.70
C GLN B 959 -2.25 19.72 -2.38
N GLY B 960 -1.79 20.50 -3.35
CA GLY B 960 -0.58 21.29 -3.20
C GLY B 960 0.61 20.67 -3.91
N SER B 961 0.68 19.34 -3.89
CA SER B 961 1.78 18.60 -4.49
C SER B 961 2.00 18.99 -5.95
N PHE B 962 3.23 19.39 -6.26
CA PHE B 962 3.58 19.81 -7.62
C PHE B 962 3.34 18.67 -8.60
N LEU B 963 3.70 17.46 -8.21
CA LEU B 963 3.50 16.29 -9.04
C LEU B 963 2.02 16.02 -9.29
N ILE B 964 1.22 16.06 -8.22
CA ILE B 964 -0.20 15.80 -8.32
C ILE B 964 -0.90 16.80 -9.23
N GLU B 965 -0.58 18.09 -9.07
CA GLU B 965 -1.23 19.12 -9.86
C GLU B 965 -0.81 19.05 -11.32
N GLU B 966 0.45 18.72 -11.57
CA GLU B 966 0.92 18.58 -12.95
C GLU B 966 0.32 17.35 -13.60
N LEU B 967 0.32 16.24 -12.86
CA LEU B 967 -0.28 15.00 -13.35
C LEU B 967 -1.77 15.16 -13.62
N THR B 968 -2.45 15.89 -12.74
CA THR B 968 -3.87 16.15 -12.87
C THR B 968 -4.15 16.88 -14.18
N ASP B 969 -3.34 17.90 -14.47
CA ASP B 969 -3.51 18.68 -15.69
C ASP B 969 -3.24 17.85 -16.93
N LEU B 970 -2.19 17.03 -16.88
CA LEU B 970 -1.79 16.21 -18.02
C LEU B 970 -2.84 15.16 -18.36
N VAL B 971 -3.24 14.39 -17.35
CA VAL B 971 -4.24 13.35 -17.52
C VAL B 971 -5.55 13.94 -18.05
N GLU B 972 -5.95 15.07 -17.49
CA GLU B 972 -7.17 15.76 -17.90
C GLU B 972 -7.16 16.07 -19.39
N GLU B 973 -6.11 16.74 -19.84
CA GLU B 973 -5.98 17.12 -21.25
C GLU B 973 -5.90 15.89 -22.15
N ALA B 974 -5.20 14.86 -21.67
CA ALA B 974 -5.10 13.61 -22.42
C ALA B 974 -6.47 12.97 -22.62
N VAL B 975 -7.30 13.06 -21.58
CA VAL B 975 -8.68 12.59 -21.66
C VAL B 975 -9.48 13.40 -22.67
N LEU B 976 -9.31 14.71 -22.62
CA LEU B 976 -10.00 15.61 -23.55
C LEU B 976 -9.64 15.32 -25.00
N GLN B 977 -8.37 15.01 -25.25
CA GLN B 977 -7.94 14.70 -26.60
C GLN B 977 -8.57 13.39 -27.07
N GLU B 978 -8.73 12.46 -26.15
CA GLU B 978 -9.36 11.19 -26.48
C GLU B 978 -10.85 11.38 -26.79
N PHE B 979 -11.48 12.33 -26.09
CA PHE B 979 -12.86 12.69 -26.38
C PHE B 979 -12.99 13.10 -27.83
N GLU B 980 -12.04 13.91 -28.29
CA GLU B 980 -12.04 14.44 -29.63
C GLU B 980 -11.85 13.34 -30.67
N ARG B 981 -11.07 12.32 -30.31
CA ARG B 981 -10.85 11.19 -31.21
C ARG B 981 -12.14 10.39 -31.37
N ILE B 982 -12.89 10.26 -30.29
CA ILE B 982 -14.16 9.53 -30.33
C ILE B 982 -15.20 10.36 -31.06
N ALA B 983 -15.13 11.67 -30.89
CA ALA B 983 -16.08 12.57 -31.51
C ALA B 983 -15.99 12.57 -33.03
N GLU B 984 -14.77 12.42 -33.54
CA GLU B 984 -14.55 12.39 -34.98
C GLU B 984 -14.79 10.99 -35.55
N ARG B 985 -15.26 10.10 -34.69
CA ARG B 985 -15.62 8.75 -35.11
C ARG B 985 -17.13 8.53 -34.95
N GLY B 986 -17.84 9.61 -34.66
CA GLY B 986 -19.29 9.57 -34.59
C GLY B 986 -19.84 9.43 -33.18
N GLY B 987 -19.05 9.83 -32.18
CA GLY B 987 -19.44 9.66 -30.80
C GLY B 987 -19.11 8.26 -30.30
N VAL B 988 -19.49 7.95 -29.08
CA VAL B 988 -19.20 6.65 -28.49
C VAL B 988 -19.88 5.53 -29.28
N LEU B 989 -21.15 5.76 -29.64
CA LEU B 989 -21.90 4.79 -30.42
C LEU B 989 -21.28 4.59 -31.80
N GLY B 990 -20.85 5.69 -32.41
CA GLY B 990 -20.21 5.64 -33.71
C GLY B 990 -18.87 4.94 -33.67
N ALA B 991 -18.12 5.16 -32.60
CA ALA B 991 -16.83 4.50 -32.41
C ALA B 991 -17.03 3.00 -32.20
N MET B 992 -18.05 2.65 -31.42
CA MET B 992 -18.37 1.26 -31.17
C MET B 992 -18.74 0.53 -32.45
N GLU B 993 -19.33 1.26 -33.39
CA GLU B 993 -19.74 0.71 -34.66
C GLU B 993 -18.53 0.22 -35.44
N THR B 994 -17.41 0.90 -35.25
CA THR B 994 -16.16 0.53 -35.91
C THR B 994 -15.31 -0.38 -35.03
N GLY B 995 -15.73 -0.54 -33.78
CA GLY B 995 -14.96 -1.31 -32.81
C GLY B 995 -13.69 -0.57 -32.42
N TYR B 996 -13.79 0.74 -32.33
CA TYR B 996 -12.65 1.58 -31.99
C TYR B 996 -12.15 1.31 -30.57
N GLN B 997 -13.08 1.32 -29.61
CA GLN B 997 -12.72 1.08 -28.22
C GLN B 997 -12.11 -0.30 -28.06
N ARG B 998 -12.82 -1.32 -28.52
CA ARG B 998 -12.34 -2.69 -28.46
C ARG B 998 -10.96 -2.80 -29.06
N GLY B 999 -10.79 -2.20 -30.23
CA GLY B 999 -9.51 -2.23 -30.93
C GLY B 999 -8.40 -1.60 -30.12
N LYS B 1000 -8.69 -0.44 -29.53
CA LYS B 1000 -7.69 0.29 -28.76
C LYS B 1000 -7.36 -0.41 -27.45
N ILE B 1001 -8.37 -0.96 -26.80
CA ILE B 1001 -8.17 -1.72 -25.56
C ILE B 1001 -7.30 -2.93 -25.86
N GLN B 1002 -7.63 -3.63 -26.93
CA GLN B 1002 -6.90 -4.80 -27.38
C GLN B 1002 -5.47 -4.47 -27.74
N GLU B 1003 -5.27 -3.30 -28.33
CA GLU B 1003 -3.94 -2.84 -28.71
C GLU B 1003 -3.07 -2.61 -27.49
N GLU B 1004 -3.66 -2.01 -26.46
CA GLU B 1004 -2.93 -1.68 -25.24
C GLU B 1004 -2.70 -2.91 -24.37
N SER B 1005 -3.64 -3.84 -24.41
CA SER B 1005 -3.51 -5.09 -23.69
C SER B 1005 -2.33 -5.89 -24.22
N LEU B 1006 -2.16 -5.87 -25.54
CA LEU B 1006 -1.06 -6.58 -26.18
C LEU B 1006 0.26 -5.90 -25.87
N TYR B 1007 0.26 -4.58 -25.92
CA TYR B 1007 1.46 -3.80 -25.64
C TYR B 1007 1.96 -4.04 -24.21
N TYR B 1008 1.04 -4.06 -23.25
CA TYR B 1008 1.39 -4.36 -21.87
C TYR B 1008 1.95 -5.76 -21.76
N GLU B 1009 1.21 -6.73 -22.31
CA GLU B 1009 1.58 -8.14 -22.20
C GLU B 1009 2.92 -8.38 -22.89
N GLN B 1010 3.26 -7.52 -23.85
CA GLN B 1010 4.52 -7.59 -24.56
C GLN B 1010 5.69 -7.12 -23.70
N LEU B 1011 5.63 -5.90 -23.21
CA LEU B 1011 6.69 -5.33 -22.38
C LEU B 1011 6.93 -6.18 -21.14
N LYS B 1012 5.87 -6.79 -20.63
CA LYS B 1012 5.95 -7.70 -19.50
C LYS B 1012 6.85 -8.88 -19.83
N HIS B 1013 6.58 -9.52 -20.97
CA HIS B 1013 7.39 -10.63 -21.46
C HIS B 1013 8.75 -10.13 -21.94
N ASP B 1014 8.78 -8.89 -22.42
CA ASP B 1014 9.98 -8.29 -22.96
C ASP B 1014 11.04 -8.06 -21.87
N GLY B 1015 10.60 -8.10 -20.62
CA GLY B 1015 11.47 -7.82 -19.49
C GLY B 1015 11.63 -6.33 -19.29
N THR B 1016 10.93 -5.57 -20.12
CA THR B 1016 11.04 -4.12 -20.13
C THR B 1016 10.22 -3.52 -19.00
N LEU B 1017 9.05 -4.09 -18.76
CA LEU B 1017 8.20 -3.68 -17.65
C LEU B 1017 8.37 -4.65 -16.48
N PRO B 1018 9.14 -4.25 -15.48
CA PRO B 1018 9.48 -5.11 -14.35
C PRO B 1018 8.25 -5.47 -13.50
N ILE B 1019 8.05 -6.77 -13.29
CA ILE B 1019 7.02 -7.25 -12.39
C ILE B 1019 7.66 -8.18 -11.36
N ILE B 1020 7.76 -7.70 -10.12
CA ILE B 1020 8.50 -8.43 -9.09
C ILE B 1020 7.87 -9.79 -8.79
N GLY B 1021 8.66 -10.83 -8.97
CA GLY B 1021 8.23 -12.19 -8.72
C GLY B 1021 7.72 -12.88 -9.98
N VAL B 1022 7.62 -12.13 -11.06
CA VAL B 1022 7.12 -12.65 -12.32
C VAL B 1022 8.19 -12.71 -13.40
N ASN B 1023 8.67 -11.55 -13.83
CA ASN B 1023 9.72 -11.50 -14.85
C ASN B 1023 11.07 -11.11 -14.25
N THR B 1024 11.07 -10.82 -12.95
CA THR B 1024 12.30 -10.50 -12.24
C THR B 1024 12.16 -10.87 -10.76
N PHE B 1025 13.29 -11.12 -10.11
CA PHE B 1025 13.29 -11.53 -8.70
C PHE B 1025 12.39 -12.75 -8.51
N ARG B 1026 12.49 -13.69 -9.45
CA ARG B 1026 11.63 -14.87 -9.44
C ARG B 1026 11.99 -15.81 -8.30
N ASN B 1027 11.05 -16.66 -7.91
CA ASN B 1027 11.27 -17.61 -6.82
C ASN B 1027 12.35 -18.62 -7.18
N PRO B 1028 13.44 -18.65 -6.39
CA PRO B 1028 14.57 -19.56 -6.64
C PRO B 1028 14.23 -21.03 -6.43
N ASN B 1029 13.05 -21.31 -5.89
CA ASN B 1029 12.63 -22.68 -5.64
C ASN B 1029 11.49 -23.12 -6.56
N GLY B 1030 10.56 -22.20 -6.81
CA GLY B 1030 9.41 -22.49 -7.66
C GLY B 1030 9.02 -21.33 -8.55
N LEU B 1039 -14.37 -23.28 -8.05
CA LEU B 1039 -14.47 -22.86 -6.66
C LEU B 1039 -15.91 -22.90 -6.17
N ALA B 1040 -16.69 -21.89 -6.56
CA ALA B 1040 -18.10 -21.79 -6.17
C ALA B 1040 -18.94 -22.84 -6.88
N ARG B 1041 -19.91 -23.42 -6.17
CA ARG B 1041 -20.78 -24.44 -6.73
C ARG B 1041 -22.18 -24.40 -6.15
N SER B 1042 -23.09 -25.13 -6.79
CA SER B 1042 -24.48 -25.21 -6.36
C SER B 1042 -24.88 -26.67 -6.16
N SER B 1043 -25.77 -26.90 -5.19
CA SER B 1043 -26.26 -28.25 -4.91
C SER B 1043 -27.07 -28.79 -6.08
N GLU B 1044 -27.06 -30.11 -6.24
CA GLU B 1044 -27.86 -30.75 -7.28
C GLU B 1044 -29.35 -30.56 -7.02
N ASP B 1045 -29.73 -30.62 -5.76
CA ASP B 1045 -31.12 -30.42 -5.36
C ASP B 1045 -31.58 -29.01 -5.71
N GLU B 1046 -30.67 -28.05 -5.57
CA GLU B 1046 -30.97 -26.65 -5.87
C GLU B 1046 -31.24 -26.46 -7.36
N LYS B 1047 -30.50 -27.18 -8.19
CA LYS B 1047 -30.71 -27.12 -9.64
C LYS B 1047 -32.07 -27.68 -9.99
N GLN B 1048 -32.39 -28.86 -9.45
CA GLN B 1048 -33.68 -29.50 -9.68
C GLN B 1048 -34.81 -28.67 -9.11
N SER B 1049 -34.54 -27.99 -8.00
CA SER B 1049 -35.52 -27.09 -7.41
C SER B 1049 -35.90 -25.99 -8.37
N GLN B 1050 -34.90 -25.32 -8.94
CA GLN B 1050 -35.13 -24.22 -9.87
C GLN B 1050 -35.90 -24.67 -11.11
N LEU B 1051 -35.62 -25.88 -11.57
CA LEU B 1051 -36.33 -26.44 -12.72
C LEU B 1051 -37.79 -26.69 -12.38
N HIS B 1052 -38.01 -27.25 -11.19
CA HIS B 1052 -39.35 -27.59 -10.71
C HIS B 1052 -40.16 -26.35 -10.37
N ARG B 1053 -39.49 -25.31 -9.87
CA ARG B 1053 -40.14 -24.05 -9.58
C ARG B 1053 -40.56 -23.36 -10.88
N LEU B 1054 -39.69 -23.44 -11.88
CA LEU B 1054 -39.93 -22.80 -13.17
C LEU B 1054 -41.14 -23.40 -13.87
N THR B 1055 -41.14 -24.72 -13.99
CA THR B 1055 -42.23 -25.42 -14.67
C THR B 1055 -43.54 -25.25 -13.91
N GLU B 1056 -43.44 -25.00 -12.61
CA GLU B 1056 -44.63 -24.76 -11.79
C GLU B 1056 -45.14 -23.34 -12.03
N PHE B 1057 -44.22 -22.40 -12.14
CA PHE B 1057 -44.57 -21.01 -12.45
C PHE B 1057 -45.18 -20.91 -13.83
N HIS B 1058 -44.57 -21.60 -14.79
CA HIS B 1058 -45.07 -21.64 -16.16
C HIS B 1058 -46.48 -22.19 -16.23
N GLY B 1059 -46.74 -23.27 -15.51
CA GLY B 1059 -48.05 -23.88 -15.49
C GLY B 1059 -49.09 -22.96 -14.86
N ALA B 1060 -48.64 -22.12 -13.94
CA ALA B 1060 -49.54 -21.22 -13.22
C ALA B 1060 -50.10 -20.12 -14.13
N HIS B 1061 -49.25 -19.56 -14.98
CA HIS B 1061 -49.67 -18.47 -15.85
C HIS B 1061 -49.69 -18.91 -17.32
N GLN B 1062 -49.97 -20.18 -17.55
CA GLN B 1062 -49.96 -20.74 -18.90
C GLN B 1062 -50.99 -20.07 -19.80
N ALA B 1063 -52.08 -19.59 -19.20
CA ALA B 1063 -53.14 -18.94 -19.95
C ALA B 1063 -52.73 -17.56 -20.47
N ASP B 1064 -52.13 -16.76 -19.59
CA ASP B 1064 -51.83 -15.37 -19.90
C ASP B 1064 -50.42 -15.18 -20.46
N ALA B 1065 -49.69 -16.28 -20.60
CA ALA B 1065 -48.29 -16.22 -21.01
C ALA B 1065 -48.11 -15.70 -22.43
N GLU B 1066 -48.68 -16.41 -23.41
CA GLU B 1066 -48.53 -16.05 -24.81
C GLU B 1066 -49.08 -14.66 -25.10
N ALA B 1067 -50.18 -14.32 -24.44
CA ALA B 1067 -50.84 -13.03 -24.63
C ALA B 1067 -49.97 -11.87 -24.16
N MET B 1068 -49.34 -12.05 -23.01
CA MET B 1068 -48.49 -11.00 -22.44
C MET B 1068 -47.25 -10.77 -23.28
N LEU B 1069 -46.64 -11.87 -23.73
CA LEU B 1069 -45.44 -11.80 -24.57
C LEU B 1069 -45.74 -11.09 -25.90
N ALA B 1070 -46.93 -11.34 -26.42
CA ALA B 1070 -47.38 -10.69 -27.65
C ALA B 1070 -47.51 -9.18 -27.44
N ARG B 1071 -48.06 -8.80 -26.29
CA ARG B 1071 -48.19 -7.39 -25.92
C ARG B 1071 -46.81 -6.73 -25.82
N LEU B 1072 -45.84 -7.49 -25.33
CA LEU B 1072 -44.49 -6.99 -25.15
C LEU B 1072 -43.84 -6.68 -26.49
N ARG B 1073 -44.03 -7.57 -27.47
CA ARG B 1073 -43.49 -7.37 -28.81
C ARG B 1073 -44.14 -6.15 -29.46
N GLN B 1074 -45.45 -6.03 -29.27
CA GLN B 1074 -46.20 -4.92 -29.83
C GLN B 1074 -45.76 -3.59 -29.24
N ALA B 1075 -45.22 -3.64 -28.03
CA ALA B 1075 -44.72 -2.45 -27.37
C ALA B 1075 -43.45 -1.96 -28.06
N VAL B 1076 -42.68 -2.89 -28.61
CA VAL B 1076 -41.46 -2.56 -29.31
C VAL B 1076 -41.78 -2.11 -30.74
N ILE B 1077 -42.69 -2.83 -31.38
CA ILE B 1077 -43.13 -2.50 -32.73
C ILE B 1077 -43.75 -1.11 -32.80
N ASP B 1078 -44.73 -0.86 -31.95
CA ASP B 1078 -45.41 0.43 -31.91
C ASP B 1078 -44.54 1.49 -31.25
N ASN B 1079 -43.35 1.07 -30.81
CA ASN B 1079 -42.36 1.96 -30.21
C ASN B 1079 -42.90 2.72 -29.00
N ARG B 1080 -43.47 1.97 -28.06
CA ARG B 1080 -43.91 2.54 -26.79
C ARG B 1080 -42.85 2.29 -25.73
N ASN B 1081 -43.23 2.41 -24.46
CA ASN B 1081 -42.28 2.19 -23.37
C ASN B 1081 -42.21 0.72 -22.99
N VAL B 1082 -41.05 0.11 -23.21
CA VAL B 1082 -40.86 -1.31 -22.97
C VAL B 1082 -40.92 -1.67 -21.49
N PHE B 1083 -40.26 -0.86 -20.65
CA PHE B 1083 -40.20 -1.15 -19.22
C PHE B 1083 -41.58 -1.09 -18.59
N ALA B 1084 -42.43 -0.19 -19.08
CA ALA B 1084 -43.79 -0.03 -18.58
C ALA B 1084 -44.58 -1.33 -18.74
N VAL B 1085 -44.29 -2.06 -19.81
CA VAL B 1085 -44.93 -3.34 -20.06
C VAL B 1085 -44.29 -4.44 -19.21
N LEU B 1086 -42.99 -4.32 -18.99
CA LEU B 1086 -42.26 -5.29 -18.19
C LEU B 1086 -42.76 -5.33 -16.75
N MET B 1087 -43.28 -4.20 -16.27
CA MET B 1087 -43.84 -4.11 -14.92
C MET B 1087 -45.05 -5.02 -14.77
N ASP B 1088 -45.65 -5.39 -15.90
CA ASP B 1088 -46.77 -6.33 -15.91
C ASP B 1088 -46.32 -7.70 -16.40
N ALA B 1089 -45.30 -7.70 -17.26
CA ALA B 1089 -44.86 -8.92 -17.93
C ALA B 1089 -44.23 -9.93 -16.98
N VAL B 1090 -43.46 -9.45 -16.00
CA VAL B 1090 -42.73 -10.33 -15.09
C VAL B 1090 -43.63 -11.05 -14.10
N ARG B 1091 -44.93 -10.76 -14.17
CA ARG B 1091 -45.90 -11.37 -13.27
C ARG B 1091 -46.44 -12.68 -13.83
N VAL B 1092 -46.33 -12.86 -15.14
CA VAL B 1092 -46.88 -14.04 -15.78
C VAL B 1092 -45.86 -14.71 -16.70
N CYS B 1093 -44.69 -14.11 -16.81
CA CYS B 1093 -43.65 -14.63 -17.70
C CYS B 1093 -42.32 -14.82 -16.98
N SER B 1094 -41.57 -15.83 -17.39
CA SER B 1094 -40.25 -16.08 -16.83
C SER B 1094 -39.22 -15.20 -17.52
N LEU B 1095 -38.01 -15.18 -16.97
CA LEU B 1095 -36.93 -14.37 -17.52
C LEU B 1095 -36.62 -14.74 -18.97
N GLY B 1096 -36.52 -16.04 -19.22
CA GLY B 1096 -36.22 -16.54 -20.55
C GLY B 1096 -37.30 -16.22 -21.56
N GLN B 1097 -38.55 -16.37 -21.15
CA GLN B 1097 -39.69 -16.09 -22.03
C GLN B 1097 -39.66 -14.65 -22.52
N ILE B 1098 -39.38 -13.72 -21.62
CA ILE B 1098 -39.33 -12.30 -21.95
C ILE B 1098 -38.15 -11.98 -22.86
N THR B 1099 -36.97 -12.53 -22.51
CA THR B 1099 -35.77 -12.31 -23.30
C THR B 1099 -35.96 -12.81 -24.73
N HIS B 1100 -36.44 -14.04 -24.87
CA HIS B 1100 -36.60 -14.63 -26.20
C HIS B 1100 -37.70 -13.94 -27.00
N ALA B 1101 -38.70 -13.42 -26.31
CA ALA B 1101 -39.75 -12.66 -26.98
C ALA B 1101 -39.16 -11.36 -27.53
N LEU B 1102 -38.29 -10.73 -26.76
CA LEU B 1102 -37.64 -9.50 -27.18
C LEU B 1102 -36.65 -9.77 -28.31
N PHE B 1103 -36.08 -10.97 -28.34
CA PHE B 1103 -35.21 -11.38 -29.44
C PHE B 1103 -35.96 -11.37 -30.76
N GLU B 1104 -37.20 -11.85 -30.72
CA GLU B 1104 -38.06 -12.05 -31.88
C GLU B 1104 -38.46 -10.74 -32.54
N VAL B 1105 -38.68 -9.72 -31.72
CA VAL B 1105 -39.14 -8.43 -32.22
C VAL B 1105 -37.94 -7.63 -32.75
N GLY B 1106 -36.74 -8.16 -32.56
CA GLY B 1106 -35.55 -7.61 -33.19
C GLY B 1106 -34.45 -7.11 -32.28
N GLY B 1107 -34.64 -7.25 -30.96
CA GLY B 1107 -33.70 -6.69 -30.00
C GLY B 1107 -32.48 -7.53 -29.73
N GLN B 1108 -32.33 -8.64 -30.43
CA GLN B 1108 -31.20 -9.54 -30.20
C GLN B 1108 -29.90 -8.94 -30.71
N TYR B 1109 -28.81 -9.20 -30.00
CA TYR B 1109 -27.50 -8.72 -30.41
C TYR B 1109 -27.00 -9.44 -31.65
N ARG B 1110 -26.50 -8.68 -32.61
CA ARG B 1110 -25.93 -9.26 -33.82
C ARG B 1110 -24.42 -9.10 -33.84
N ARG B 1111 -23.72 -10.21 -34.06
CA ARG B 1111 -22.27 -10.19 -34.20
C ARG B 1111 -21.88 -9.40 -35.44
N ASN B 1112 -21.85 -8.08 -35.29
CA ASN B 1112 -21.85 -7.16 -36.42
C ASN B 1112 -20.47 -6.74 -36.93
N MET B 1113 -19.45 -7.54 -36.66
CA MET B 1113 -18.11 -7.18 -37.11
C MET B 1113 -17.34 -8.37 -37.61
CO B12 C . 15.35 -5.69 18.98
N21 B12 C . 14.98 -7.48 18.54
N22 B12 C . 17.23 -6.02 18.73
N23 B12 C . 15.52 -3.89 19.60
N24 B12 C . 13.48 -5.49 18.88
C1 B12 C . 13.57 -7.89 18.51
C20 B12 C . 13.17 -8.33 19.91
C2 B12 C . 13.49 -9.02 17.42
C25 B12 C . 12.43 -10.08 17.70
C26 B12 C . 13.30 -8.45 16.00
C27 B12 C . 13.44 -9.46 14.83
O28 B12 C . 14.56 -9.72 14.38
N29 B12 C . 12.33 -10.00 14.36
C3 B12 C . 14.96 -9.57 17.46
C30 B12 C . 15.07 -10.83 18.34
C31 B12 C . 15.43 -12.09 17.55
C32 B12 C . 15.48 -13.34 18.38
O34 B12 C . 15.37 -14.46 17.86
N33 B12 C . 15.63 -13.17 19.68
C4 B12 C . 15.73 -8.38 17.97
C5 B12 C . 17.21 -8.22 17.79
C35 B12 C . 17.83 -9.40 17.08
C6 B12 C . 17.90 -7.09 18.18
C7 B12 C . 19.39 -6.80 18.03
C36 B12 C . 20.25 -7.82 18.79
C37 B12 C . 19.78 -6.71 16.53
C38 B12 C . 21.30 -6.70 16.33
O39 B12 C . 21.97 -5.69 16.54
N40 B12 C . 21.83 -7.84 15.93
C8 B12 C . 19.55 -5.36 18.60
C41 B12 C . 20.50 -5.18 19.80
C42 B12 C . 19.83 -5.27 21.17
C43 B12 C . 20.78 -4.96 22.31
O44 B12 C . 21.16 -5.85 23.07
N45 B12 C . 21.15 -3.70 22.42
C9 B12 C . 18.12 -4.98 18.88
C10 B12 C . 17.85 -3.64 19.15
C11 B12 C . 16.61 -3.14 19.45
C12 B12 C . 16.34 -1.67 19.69
C46 B12 C . 16.03 -0.96 18.36
C47 B12 C . 17.53 -0.97 20.37
C13 B12 C . 15.04 -1.74 20.52
C48 B12 C . 15.28 -1.87 22.03
C49 B12 C . 14.95 -0.60 22.81
C50 B12 C . 15.05 -0.81 24.31
O51 B12 C . 14.52 -1.78 24.85
N52 B12 C . 15.75 0.10 24.97
C14 B12 C . 14.46 -3.06 20.00
C15 B12 C . 13.12 -3.32 19.95
C53 B12 C . 12.17 -2.27 20.44
C16 B12 C . 12.61 -4.60 19.30
C17 B12 C . 11.16 -4.98 19.02
C54 B12 C . 10.69 -4.12 17.82
C55 B12 C . 10.08 -4.84 20.13
C56 B12 C . 10.55 -5.26 21.52
C57 B12 C . 9.85 -4.40 22.54
O58 B12 C . 10.47 -3.68 23.31
N59 B12 C . 8.52 -4.50 22.56
C18 B12 C . 11.32 -6.47 18.67
C60 B12 C . 10.35 -7.04 17.63
C61 B12 C . 8.91 -7.12 18.10
O63 B12 C . 8.56 -8.00 18.88
N62 B12 C . 8.09 -6.21 17.62
C19 B12 C . 12.78 -6.60 18.19
C1P B12 C . 7.68 -3.79 23.51
C2P B12 C . 7.13 -4.71 24.66
C3P B12 C . 6.60 -3.86 25.78
O3 B12 C . 6.03 -5.44 24.16
O4 B12 C . 4.93 -7.36 22.76
O5 B12 C . 7.38 -7.38 23.34
P B12 C . 5.96 -6.99 23.76
O2 B12 C . 5.76 -7.66 25.22
C3R B12 C . 4.50 -7.93 25.82
C2R B12 C . 4.39 -9.20 26.67
O7R B12 C . 5.25 -10.23 26.19
C1R B12 C . 4.79 -8.68 28.05
O6R B12 C . 4.62 -7.27 28.06
C4R B12 C . 4.11 -6.83 26.79
C5R B12 C . 2.61 -6.59 26.91
O8R B12 C . 2.07 -6.19 25.67
N1B B12 C . 6.17 -8.98 28.46
C8B B12 C . 6.55 -9.00 29.78
C2B B12 C . 7.31 -8.84 27.72
N3B B12 C . 8.40 -8.76 28.46
C9B B12 C . 7.94 -8.86 29.77
C4B B12 C . 8.63 -8.84 30.97
C5B B12 C . 7.95 -8.95 32.18
C5M B12 C . 8.73 -8.92 33.46
C6B B12 C . 6.53 -9.08 32.18
C6M B12 C . 5.76 -9.19 33.47
C7B B12 C . 5.84 -9.10 30.97
N1 5AD D . 18.11 -9.75 10.43
N1 5AD D . 17.29 -8.96 10.21
C2 5AD D . 17.37 -8.74 9.95
C2 5AD D . 16.52 -7.87 10.09
N3 5AD D . 16.81 -7.73 10.61
N3 5AD D . 16.15 -7.00 11.02
C4 5AD D . 17.08 -7.80 11.93
C4 5AD D . 16.67 -7.30 12.21
N9 5AD D . 16.69 -6.93 12.91
N9 5AD D . 16.51 -6.62 13.39
C8 5AD D . 17.19 -7.44 14.07
C8 5AD D . 17.22 -7.34 14.32
N7 5AD D . 17.88 -8.54 13.93
N7 5AD D . 17.82 -8.40 13.84
C5 5AD D . 17.82 -8.79 12.56
C5 5AD D . 17.48 -8.39 12.50
C6 5AD D . 18.36 -9.81 11.75
C6 5AD D . 17.80 -9.25 11.42
N6 5AD D . 19.11 -10.81 12.22
N6 5AD D . 18.59 -10.32 11.55
C1' 5AD D . 15.92 -5.69 12.75
C1' 5AD D . 15.77 -5.40 13.61
C2' 5AD D . 14.41 -5.84 12.97
C2' 5AD D . 14.30 -5.62 13.98
C3' 5AD D . 14.29 -5.42 14.44
C3' 5AD D . 14.05 -4.44 14.93
C4' 5AD D . 15.36 -4.35 14.57
C4' 5AD D . 15.38 -4.31 15.66
C5' 5AD D . 15.93 -4.16 15.96
C5' 5AD D . 15.54 -5.17 16.89
O4' 5AD D . 16.41 -4.74 13.68
O4' 5AD D . 16.37 -4.69 14.69
O2' 5AD D . 13.69 -4.98 12.10
O2' 5AD D . 13.48 -5.55 12.83
O3' 5AD D . 13.01 -4.85 14.71
O3' 5AD D . 13.78 -3.24 14.24
N1A CO6 E . 23.81 11.29 -6.93
C2A CO6 E . 25.07 11.62 -7.19
N3A CO6 E . 26.20 11.11 -6.67
C4A CO6 E . 25.91 10.15 -5.79
C5A CO6 E . 24.66 9.70 -5.41
C6A CO6 E . 23.55 10.32 -6.03
N6A CO6 E . 22.28 9.99 -5.78
N7A CO6 E . 24.75 8.70 -4.46
C8A CO6 E . 26.04 8.55 -4.31
N9A CO6 E . 26.81 9.39 -5.07
C1B CO6 E . 28.26 9.43 -5.13
C2B CO6 E . 28.90 10.60 -4.38
O2B CO6 E . 30.15 10.95 -4.96
C3B CO6 E . 29.12 9.97 -3.01
O3B CO6 E . 30.21 10.64 -2.35
P3B CO6 E . 30.39 12.21 -2.08
O7A CO6 E . 29.06 12.88 -2.01
O8A CO6 E . 31.27 12.72 -3.22
O9A CO6 E . 31.17 12.31 -0.76
C4B CO6 E . 29.51 8.53 -3.35
O4B CO6 E . 28.77 8.23 -4.57
C5B CO6 E . 29.19 7.50 -2.30
O5B CO6 E . 27.78 7.58 -1.97
P1A CO6 E . 27.12 7.40 -0.54
O1A CO6 E . 28.08 6.95 0.49
O2A CO6 E . 26.51 8.75 -0.13
O3A CO6 E . 25.93 6.34 -0.67
P2A CO6 E . 25.69 4.95 0.06
O4A CO6 E . 24.88 4.07 -0.82
O5A CO6 E . 27.04 4.31 0.34
O6A CO6 E . 25.00 5.24 1.46
CBP CO6 E . 24.94 5.84 3.81
CCP CO6 E . 25.68 5.09 2.70
CDP CO6 E . 25.31 7.32 3.73
CEP CO6 E . 23.44 5.68 3.58
CAP CO6 E . 25.32 5.29 5.20
OAP CO6 E . 24.70 6.09 6.20
C9P CO6 E . 24.90 3.83 5.38
O9P CO6 E . 25.57 2.93 4.88
N8P CO6 E . 23.82 3.62 6.12
C7P CO6 E . 23.34 2.28 6.42
C6P CO6 E . 23.20 2.06 7.92
C5P CO6 E . 22.38 0.84 8.24
O5P CO6 E . 22.04 0.05 7.36
N4P CO6 E . 22.08 0.67 9.52
C3P CO6 E . 21.28 -0.45 9.99
C2P CO6 E . 21.15 -0.41 11.50
S1P CO6 E . 20.06 -1.72 12.13
O1 CO6 E . 20.67 -0.42 14.35
C1 CO6 E . 20.06 -1.34 13.88
C2 CO6 E . 18.22 -1.53 15.54
C3 CO6 E . 19.22 -2.30 14.70
C4 CO6 E . 20.07 -3.19 15.57
PB GDP F . 23.42 8.95 44.13
O1B GDP F . 21.94 8.75 43.70
O2B GDP F . 23.50 10.13 45.11
O3B GDP F . 23.91 7.75 44.78
O3A GDP F . 24.30 9.27 42.87
PA GDP F . 24.54 8.19 41.73
O1A GDP F . 25.70 7.30 42.09
O2A GDP F . 23.39 7.38 41.55
O5' GDP F . 24.89 8.93 40.39
C5' GDP F . 24.00 9.67 39.81
C4' GDP F . 24.53 10.19 38.46
O4' GDP F . 25.75 11.02 38.64
C3' GDP F . 24.88 9.19 37.43
O3' GDP F . 24.51 9.58 36.13
C2' GDP F . 26.33 9.11 37.50
O2' GDP F . 26.95 8.63 36.29
C1' GDP F . 26.70 10.53 37.76
N9 GDP F . 28.09 10.77 38.26
C8 GDP F . 28.70 10.12 39.19
N7 GDP F . 29.91 10.64 39.35
C5 GDP F . 30.05 11.64 38.48
C6 GDP F . 31.12 12.56 38.18
O6 GDP F . 32.30 12.49 38.88
N1 GDP F . 30.96 13.48 37.22
C2 GDP F . 29.86 13.55 36.57
N2 GDP F . 29.69 14.57 35.52
N3 GDP F . 28.81 12.68 36.84
C4 GDP F . 28.93 11.73 37.79
MG MG G . 22.27 6.35 44.85
MG MG H . 20.97 6.56 47.42
CO B12 I . -10.46 -14.17 -19.74
N21 B12 I . -10.36 -15.64 -18.57
N22 B12 I . -12.04 -13.57 -18.84
N23 B12 I . -10.40 -12.75 -21.02
N24 B12 I . -8.71 -14.70 -20.22
C1 B12 I . -9.32 -16.63 -18.84
C20 B12 I . -9.79 -17.52 -19.96
C2 B12 I . -9.07 -17.32 -17.44
C25 B12 I . -8.69 -18.81 -17.54
C26 B12 I . -8.04 -16.56 -16.59
C27 B12 I . -7.78 -17.12 -15.18
O28 B12 I . -8.51 -16.79 -14.24
N29 B12 I . -6.77 -17.96 -15.03
C3 B12 I . -10.46 -17.10 -16.74
C30 B12 I . -11.43 -18.28 -16.96
C31 B12 I . -11.94 -18.91 -15.67
C32 B12 I . -12.95 -20.01 -15.91
O34 B12 I . -12.62 -21.19 -15.85
N33 B12 I . -14.18 -19.61 -16.18
C4 B12 I . -10.95 -15.86 -17.44
C5 B12 I . -11.98 -14.97 -16.87
C35 B12 I . -12.29 -15.33 -15.44
C6 B12 I . -12.55 -13.96 -17.60
C7 B12 I . -13.68 -13.02 -17.18
C36 B12 I . -14.93 -13.82 -16.78
C37 B12 I . -13.18 -12.08 -16.06
C38 B12 I . -14.35 -11.47 -15.32
O39 B12 I . -15.05 -10.60 -15.85
N40 B12 I . -14.58 -11.94 -14.09
C8 B12 I . -13.94 -12.18 -18.45
C41 B12 I . -15.18 -12.55 -19.30
C42 B12 I . -16.39 -11.64 -19.07
C43 B12 I . -16.04 -10.17 -19.22
O44 B12 I . -16.31 -9.37 -18.32
N45 B12 I . -15.44 -9.83 -20.34
C9 B12 I . -12.69 -12.45 -19.26
C10 B12 I . -12.33 -11.55 -20.24
C11 B12 I . -11.21 -11.69 -21.05
C12 B12 I . -10.82 -10.68 -22.10
C46 B12 I . -10.00 -9.53 -21.51
C47 B12 I . -12.06 -10.09 -22.81
C13 B12 I . -9.88 -11.52 -23.01
C48 B12 I . -10.64 -12.21 -24.15
C49 B12 I . -10.29 -11.68 -25.54
C50 B12 I . -11.26 -12.18 -26.59
O51 B12 I . -11.21 -13.34 -27.00
N52 B12 I . -12.14 -11.29 -27.02
C14 B12 I . -9.43 -12.60 -22.03
C15 B12 I . -8.24 -13.26 -22.15
C53 B12 I . -7.30 -12.86 -23.24
C16 B12 I . -7.88 -14.41 -21.20
C17 B12 I . -6.62 -15.27 -21.20
C54 B12 I . -5.47 -14.46 -20.59
C55 B12 I . -6.11 -15.90 -22.52
C56 B12 I . -7.21 -16.56 -23.36
C57 B12 I . -6.73 -16.55 -24.80
O58 B12 I . -7.22 -15.80 -25.63
N59 B12 I . -5.76 -17.41 -25.10
C18 B12 I . -7.09 -16.43 -20.31
C60 B12 I . -6.02 -17.18 -19.50
C61 B12 I . -5.46 -18.40 -20.21
O63 B12 I . -6.03 -19.49 -20.13
N62 B12 I . -4.35 -18.22 -20.90
C19 B12 I . -8.13 -15.77 -19.39
C1P B12 I . -5.17 -17.55 -26.42
C2P B12 I . -4.99 -19.04 -26.87
C3P B12 I . -4.61 -19.06 -28.33
O3 B12 I . -3.91 -19.61 -26.16
O4 B12 I . -2.67 -21.14 -24.42
O5 B12 I . -5.12 -20.61 -24.23
P B12 I . -3.93 -20.86 -25.16
O2 B12 I . -4.39 -22.04 -26.16
C3R B12 I . -3.53 -22.98 -26.79
C2R B12 I . -4.11 -24.38 -27.06
O7R B12 I . -5.03 -24.76 -26.03
C1R B12 I . -4.80 -24.18 -28.42
O6R B12 I . -4.24 -23.02 -29.01
C4R B12 I . -3.18 -22.50 -28.19
C5R B12 I . -1.85 -22.99 -28.72
O8R B12 I . -0.77 -22.53 -27.93
N1B B12 I . -6.25 -24.02 -28.36
C8B B12 I . -7.08 -24.41 -29.38
C2B B12 I . -6.98 -23.15 -27.58
N3B B12 I . -8.20 -22.96 -28.01
C9B B12 I . -8.29 -23.74 -29.16
C4B B12 I . -9.35 -23.93 -30.04
C5B B12 I . -9.21 -24.78 -31.13
C5M B12 I . -10.37 -24.98 -32.05
C6B B12 I . -7.97 -25.44 -31.35
C6M B12 I . -7.78 -26.32 -32.56
C7B B12 I . -6.91 -25.25 -30.48
N1A CO6 J . -20.40 14.30 3.51
C2A CO6 J . -21.61 14.83 3.30
N3A CO6 J . -22.73 14.24 2.89
C4A CO6 J . -22.53 12.94 2.66
C5A CO6 J . -21.35 12.24 2.83
C6A CO6 J . -20.24 12.98 3.28
N6A CO6 J . -19.02 12.45 3.49
N7A CO6 J . -21.51 10.90 2.50
C8A CO6 J . -22.77 10.82 2.16
N9A CO6 J . -23.45 12.01 2.23
C1B CO6 J . -24.86 12.24 1.94
C2B CO6 J . -25.31 11.72 0.57
O2B CO6 J . -25.09 12.71 -0.44
C3B CO6 J . -26.80 11.52 0.83
O3B CO6 J . -27.48 12.80 0.71
P3B CO6 J . -28.55 13.26 -0.40
O7A CO6 J . -28.56 14.75 -0.52
O8A CO6 J . -29.89 12.68 0.03
O9A CO6 J . -28.12 12.57 -1.71
C4B CO6 J . -26.84 11.03 2.27
O4B CO6 J . -25.64 11.52 2.89
C5B CO6 J . -26.93 9.53 2.44
O5B CO6 J . -25.71 8.92 1.97
P1A CO6 J . -25.57 7.75 0.91
O1A CO6 J . -24.85 6.56 1.43
O2A CO6 J . -24.82 8.29 -0.31
O3A CO6 J . -27.03 7.32 0.43
PB GDP K . -22.68 -8.22 -46.40
O1B GDP K . -21.27 -8.81 -46.21
O2B GDP K . -22.76 -7.55 -47.78
O3B GDP K . -23.67 -9.30 -46.35
O3A GDP K . -22.99 -7.18 -45.29
PA GDP K . -23.14 -7.60 -43.76
O1A GDP K . -24.54 -8.05 -43.48
O2A GDP K . -22.26 -8.67 -43.45
O5' GDP K . -22.83 -6.37 -42.86
C5' GDP K . -21.63 -5.86 -42.83
C4' GDP K . -21.54 -4.72 -41.78
O4' GDP K . -22.47 -3.60 -42.08
C3' GDP K . -21.81 -5.09 -40.37
O3' GDP K . -20.96 -4.41 -39.46
C2' GDP K . -23.17 -4.62 -40.15
O2' GDP K . -23.47 -4.36 -38.76
C1' GDP K . -23.19 -3.36 -40.92
N9 GDP K . -24.55 -2.79 -41.24
C8 GDP K . -25.58 -3.45 -41.66
N7 GDP K . -26.58 -2.60 -41.83
C5 GDP K . -26.16 -1.38 -41.49
C6 GDP K . -26.78 -0.08 -41.45
O6 GDP K . -28.08 0.08 -41.83
N1 GDP K . -26.07 0.98 -41.05
C2 GDP K . -24.84 0.85 -40.70
N2 GDP K . -24.08 2.04 -40.25
N3 GDP K . -24.21 -0.39 -40.72
C4 GDP K . -24.89 -1.48 -41.12
MG MG L . -22.60 -11.12 -46.08
MG MG M . -22.45 -13.04 -48.83
#